data_2IJD
#
_entry.id   2IJD
#
_cell.length_a   208.537
_cell.length_b   230.436
_cell.length_c   151.035
_cell.angle_alpha   90.00
_cell.angle_beta   90.00
_cell.angle_gamma   90.00
#
_symmetry.space_group_name_H-M   'C 2 2 21'
#
loop_
_entity.id
_entity.type
_entity.pdbx_description
1 polymer 'Picornain 3C, RNA-directed RNA polymerase'
2 non-polymer 'ZINC ION'
3 non-polymer 'SULFATE ION'
4 water water
#
_entity_poly.entity_id   1
_entity_poly.type   'polypeptide(L)'
_entity_poly.pdbx_seq_one_letter_code
;GPGFDYAVAMAKRNIVTATTSKGEFTMLGVHDNVAILPTHASPGESIVIDGKEVAILAAKALADQAGTNLEITIITLKRN
EKFRDIRPHIPTQITETNDGVLIVNTSKYPNMYVPVGAVTEQGYLNLGGRQTARTLMYNFPTRAGQAGGVITCTGKVIGM
HVGGNGSHGFAAALKRSYFTQSQGEIQWMRPSKEVGYPIINAPSKTKLEPSAFHYVFEGVKEPAVLTKNDPRLKTDFEEA
IFSKYVGNKITEVDEYMKEAVDHYAGQLMSLDINTEQMCLEDAMYGTDGLEALDLSTSAGYPYVAMGKKKRDILNKQTRD
TKEMQKLLDTYGINLPLVTYVKDELRSKTKVEQGKSRLIEASSLNDSVAMRMAFGNLYAAFHKNPGVITGSAVGCDPDLF
WSKIPVLMEEKLFAFDYTGYDASLSPAWFEALKMVLEKIGFGDRVDYIDYLNHSHHLYKNKTYCVKGGMPSGCSGTSIFN
SMINNLIIRTLLLKTYKGIDLDHLKMIAYGDDVIASYPHEVDASLLAQSGKDYGLTMTPADKSATFETVTWENVTFLKRF
FRADEKYPFLIHPVMPMKEIHESIRWTKDPRNTQDHVRSLCLLAWHNGEEEYNKFLAKIRSVPIGRALDLPEYSTLYDRW
LDSF
;
_entity_poly.pdbx_strand_id   1,2
#
# COMPACT_ATOMS: atom_id res chain seq x y z
N GLY A 1 57.29 -13.93 41.33
CA GLY A 1 56.25 -13.22 40.51
C GLY A 1 55.94 -13.88 39.16
N PRO A 2 54.64 -13.99 38.77
CA PRO A 2 54.20 -14.61 37.54
C PRO A 2 54.38 -13.70 36.31
N GLY A 3 54.66 -12.42 36.53
CA GLY A 3 54.86 -11.54 35.39
C GLY A 3 56.21 -11.87 34.78
N PHE A 4 57.18 -12.08 35.66
CA PHE A 4 58.52 -12.42 35.25
C PHE A 4 58.47 -13.79 34.58
N ASP A 5 57.96 -14.77 35.31
CA ASP A 5 57.85 -16.13 34.81
C ASP A 5 57.13 -16.14 33.46
N TYR A 6 56.18 -15.23 33.23
CA TYR A 6 55.52 -15.16 31.95
C TYR A 6 56.50 -14.81 30.87
N ALA A 7 57.16 -13.67 31.09
CA ALA A 7 58.15 -13.16 30.15
C ALA A 7 59.10 -14.25 29.70
N VAL A 8 59.50 -15.12 30.64
CA VAL A 8 60.41 -16.21 30.31
C VAL A 8 59.70 -17.23 29.45
N ALA A 9 58.50 -17.62 29.88
CA ALA A 9 57.72 -18.64 29.16
C ALA A 9 57.42 -18.25 27.72
N MET A 10 57.11 -16.98 27.46
CA MET A 10 56.84 -16.54 26.08
C MET A 10 58.10 -16.64 25.27
N ALA A 11 59.17 -16.12 25.85
CA ALA A 11 60.47 -16.10 25.23
C ALA A 11 60.93 -17.52 24.89
N LYS A 12 60.78 -18.47 25.82
CA LYS A 12 61.22 -19.85 25.56
C LYS A 12 60.82 -20.36 24.17
N ARG A 13 59.67 -19.97 23.64
CA ARG A 13 59.34 -20.57 22.35
C ARG A 13 58.90 -19.56 21.24
N ASN A 14 58.91 -18.28 21.55
CA ASN A 14 58.51 -17.27 20.57
C ASN A 14 59.53 -16.17 20.40
N ILE A 15 60.71 -16.32 20.99
CA ILE A 15 61.76 -15.30 20.79
C ILE A 15 63.03 -16.01 20.31
N VAL A 16 63.54 -15.49 19.20
CA VAL A 16 64.74 -16.00 18.56
C VAL A 16 65.66 -14.84 18.16
N THR A 17 66.92 -15.18 17.89
CA THR A 17 67.93 -14.22 17.50
C THR A 17 68.03 -14.18 15.99
N ALA A 18 67.89 -12.98 15.44
CA ALA A 18 67.98 -12.78 13.99
C ALA A 18 69.13 -11.85 13.61
N THR A 19 69.85 -12.21 12.55
CA THR A 19 70.97 -11.40 12.11
C THR A 19 70.72 -10.87 10.72
N THR A 20 70.71 -9.55 10.57
CA THR A 20 70.53 -8.92 9.26
C THR A 20 71.85 -8.36 8.84
N SER A 21 71.88 -7.58 7.76
CA SER A 21 73.15 -7.00 7.35
C SER A 21 73.52 -5.89 8.35
N LYS A 22 72.59 -5.59 9.28
CA LYS A 22 72.82 -4.53 10.28
C LYS A 22 72.84 -5.08 11.72
N GLY A 23 73.61 -6.16 11.93
CA GLY A 23 73.77 -6.78 13.26
C GLY A 23 72.67 -7.70 13.75
N GLU A 24 72.83 -8.17 15.00
CA GLU A 24 71.89 -9.05 15.69
C GLU A 24 70.75 -8.33 16.35
N PHE A 25 69.56 -8.93 16.26
CA PHE A 25 68.33 -8.40 16.87
C PHE A 25 67.48 -9.51 17.53
N THR A 26 66.75 -9.12 18.57
CA THR A 26 65.86 -10.00 19.25
C THR A 26 64.64 -10.09 18.36
N MET A 27 64.07 -11.27 18.13
CA MET A 27 62.91 -11.29 17.21
C MET A 27 61.74 -12.12 17.70
N LEU A 28 60.56 -11.50 17.71
CA LEU A 28 59.37 -12.20 18.17
C LEU A 28 58.66 -12.94 17.07
N GLY A 29 58.57 -14.26 17.20
CA GLY A 29 57.86 -15.09 16.24
C GLY A 29 56.42 -15.00 16.70
N VAL A 30 55.56 -14.45 15.87
CA VAL A 30 54.13 -14.23 16.22
C VAL A 30 53.17 -15.36 15.89
N HIS A 31 53.33 -15.99 14.74
CA HIS A 31 52.50 -17.14 14.36
C HIS A 31 53.04 -17.73 13.07
N ASP A 32 52.70 -19.01 12.82
CA ASP A 32 53.15 -19.74 11.62
C ASP A 32 54.58 -19.42 11.22
N ASN A 33 54.68 -18.57 10.19
CA ASN A 33 55.93 -18.10 9.60
C ASN A 33 56.13 -16.61 9.67
N VAL A 34 55.26 -15.94 10.45
CA VAL A 34 55.31 -14.50 10.59
C VAL A 34 56.01 -14.07 11.86
N ALA A 35 56.98 -13.18 11.70
CA ALA A 35 57.71 -12.66 12.84
C ALA A 35 57.93 -11.18 12.57
N ILE A 36 58.14 -10.42 13.63
CA ILE A 36 58.39 -8.98 13.49
C ILE A 36 59.75 -8.60 14.02
N LEU A 37 60.25 -7.46 13.53
CA LEU A 37 61.55 -6.85 13.94
C LEU A 37 61.52 -5.34 13.57
N PRO A 38 62.40 -4.51 14.18
CA PRO A 38 62.40 -3.07 13.94
C PRO A 38 62.69 -2.73 12.49
N THR A 39 62.01 -1.72 11.98
CA THR A 39 62.19 -1.31 10.58
C THR A 39 63.65 -0.97 10.28
N HIS A 40 64.32 -0.22 11.17
CA HIS A 40 65.74 0.19 10.94
C HIS A 40 66.71 -1.02 10.83
N ALA A 41 66.20 -2.20 11.21
CA ALA A 41 66.99 -3.42 11.13
C ALA A 41 66.89 -4.00 9.71
N SER A 42 66.54 -3.12 8.77
CA SER A 42 66.38 -3.40 7.33
C SER A 42 66.59 -4.87 6.91
N PRO A 43 65.50 -5.65 6.86
CA PRO A 43 65.61 -7.05 6.46
C PRO A 43 65.90 -7.18 4.97
N GLY A 44 66.84 -8.05 4.63
CA GLY A 44 67.21 -8.28 3.23
C GLY A 44 66.45 -9.44 2.64
N GLU A 45 67.03 -10.08 1.62
CA GLU A 45 66.39 -11.22 0.96
C GLU A 45 66.46 -12.48 1.86
N SER A 46 67.49 -12.57 2.72
CA SER A 46 67.64 -13.70 3.64
C SER A 46 67.92 -13.17 5.04
N ILE A 47 68.18 -14.08 5.96
CA ILE A 47 68.45 -13.70 7.34
C ILE A 47 68.99 -14.88 8.17
N VAL A 48 69.98 -14.61 9.02
CA VAL A 48 70.60 -15.63 9.86
C VAL A 48 69.77 -15.85 11.15
N ILE A 49 69.31 -17.08 11.35
CA ILE A 49 68.50 -17.41 12.53
C ILE A 49 69.10 -18.56 13.33
N ASP A 50 69.42 -18.27 14.59
CA ASP A 50 69.99 -19.24 15.54
C ASP A 50 71.06 -20.12 14.87
N GLY A 51 71.94 -19.51 14.09
CA GLY A 51 72.97 -20.28 13.44
C GLY A 51 72.99 -20.35 11.94
N LYS A 52 71.84 -20.45 11.26
CA LYS A 52 71.96 -20.53 9.78
C LYS A 52 70.96 -19.62 8.99
N GLU A 53 71.18 -19.58 7.67
CA GLU A 53 70.40 -18.80 6.70
C GLU A 53 68.98 -19.29 6.49
N VAL A 54 68.07 -18.33 6.41
CA VAL A 54 66.66 -18.54 6.21
C VAL A 54 66.22 -17.43 5.28
N ALA A 55 65.56 -17.80 4.19
CA ALA A 55 65.11 -16.83 3.20
C ALA A 55 63.82 -16.14 3.63
N ILE A 56 63.66 -14.91 3.14
CA ILE A 56 62.47 -14.12 3.43
C ILE A 56 61.51 -14.12 2.24
N LEU A 57 60.43 -14.89 2.38
CA LEU A 57 59.40 -15.02 1.37
C LEU A 57 58.87 -13.65 0.95
N ALA A 58 58.68 -12.79 1.95
CA ALA A 58 58.23 -11.41 1.75
C ALA A 58 58.19 -10.67 3.07
N ALA A 59 58.57 -9.39 3.02
CA ALA A 59 58.59 -8.50 4.18
C ALA A 59 57.60 -7.35 4.01
N LYS A 60 57.20 -6.76 5.12
CA LYS A 60 56.25 -5.66 5.10
C LYS A 60 56.57 -4.61 6.17
N ALA A 61 56.61 -3.34 5.77
CA ALA A 61 56.87 -2.24 6.70
C ALA A 61 55.55 -1.76 7.24
N LEU A 62 55.53 -0.98 8.32
CA LEU A 62 54.21 -0.53 8.82
C LEU A 62 54.15 0.93 9.15
N ALA A 63 53.06 1.53 8.69
CA ALA A 63 52.71 2.93 8.87
C ALA A 63 51.26 3.03 9.30
N ASP A 64 50.79 4.21 9.68
CA ASP A 64 49.39 4.37 10.11
C ASP A 64 48.50 5.09 9.07
N GLN A 65 47.25 5.38 9.46
CA GLN A 65 46.26 6.06 8.62
C GLN A 65 46.73 7.42 8.08
N ALA A 66 47.70 8.02 8.77
CA ALA A 66 48.26 9.31 8.38
C ALA A 66 49.47 9.14 7.46
N GLY A 67 50.04 7.94 7.47
CA GLY A 67 51.21 7.62 6.66
C GLY A 67 52.46 7.52 7.52
N THR A 68 52.32 7.94 8.78
CA THR A 68 53.39 7.95 9.79
C THR A 68 53.95 6.58 10.08
N ASN A 69 55.27 6.46 10.20
CA ASN A 69 55.91 5.16 10.52
C ASN A 69 55.62 4.58 11.94
N LEU A 70 55.48 3.26 11.99
CA LEU A 70 55.21 2.52 13.23
C LEU A 70 56.47 1.85 13.77
N GLU A 71 57.50 1.81 12.91
CA GLU A 71 58.83 1.23 13.17
C GLU A 71 58.81 -0.31 13.29
N ILE A 72 57.83 -0.93 12.64
CA ILE A 72 57.66 -2.37 12.66
C ILE A 72 57.61 -2.98 11.29
N THR A 73 58.33 -4.08 11.07
CA THR A 73 58.26 -4.78 9.79
C THR A 73 57.92 -6.23 10.09
N ILE A 74 56.96 -6.76 9.35
CA ILE A 74 56.50 -8.10 9.53
C ILE A 74 57.04 -8.95 8.38
N ILE A 75 58.09 -9.70 8.66
CA ILE A 75 58.68 -10.55 7.65
C ILE A 75 58.03 -11.92 7.66
N THR A 76 58.28 -12.69 6.60
CA THR A 76 57.76 -14.03 6.47
C THR A 76 58.94 -14.95 6.15
N LEU A 77 59.15 -15.98 6.95
CA LEU A 77 60.26 -16.90 6.72
C LEU A 77 59.87 -18.04 5.79
N LYS A 78 60.82 -18.53 5.00
CA LYS A 78 60.55 -19.63 4.07
C LYS A 78 61.07 -20.92 4.68
N ARG A 79 60.23 -21.57 5.47
CA ARG A 79 60.58 -22.82 6.12
C ARG A 79 59.41 -23.41 6.89
N ASN A 80 59.53 -24.70 7.16
CA ASN A 80 58.56 -25.50 7.92
C ASN A 80 58.51 -25.13 9.42
N GLU A 81 59.20 -24.05 9.78
CA GLU A 81 59.29 -23.55 11.16
C GLU A 81 58.01 -22.85 11.63
N LYS A 82 57.19 -23.57 12.39
CA LYS A 82 55.93 -23.02 12.94
C LYS A 82 56.08 -22.38 14.32
N PHE A 83 55.86 -21.07 14.44
CA PHE A 83 55.92 -20.45 15.75
C PHE A 83 54.65 -20.81 16.50
N ARG A 84 54.63 -20.70 17.82
CA ARG A 84 53.39 -20.93 18.50
C ARG A 84 52.54 -19.78 18.12
N ASP A 85 51.29 -20.08 17.84
CA ASP A 85 50.40 -19.06 17.51
C ASP A 85 50.22 -18.33 18.83
N ILE A 86 50.70 -17.09 18.89
CA ILE A 86 50.54 -16.30 20.12
C ILE A 86 49.87 -14.99 19.82
N ARG A 87 49.08 -14.97 18.74
CA ARG A 87 48.34 -13.78 18.38
C ARG A 87 47.47 -13.39 19.60
N PRO A 88 46.66 -14.32 20.15
CA PRO A 88 45.84 -14.00 21.35
C PRO A 88 46.59 -13.31 22.49
N HIS A 89 47.90 -13.44 22.57
CA HIS A 89 48.60 -12.78 23.67
C HIS A 89 48.81 -11.32 23.38
N ILE A 90 48.74 -10.98 22.09
CA ILE A 90 48.89 -9.62 21.65
C ILE A 90 47.56 -8.92 21.95
N PRO A 91 47.62 -7.76 22.62
CA PRO A 91 46.39 -7.08 22.98
C PRO A 91 45.71 -6.57 21.73
N THR A 92 44.43 -6.21 21.84
CA THR A 92 43.68 -5.70 20.69
C THR A 92 44.02 -4.23 20.49
N GLN A 93 44.32 -3.51 21.58
CA GLN A 93 44.70 -2.08 21.50
C GLN A 93 45.97 -1.70 22.30
N ILE A 94 46.53 -0.53 21.96
CA ILE A 94 47.73 0.02 22.59
C ILE A 94 47.57 -0.11 24.08
N THR A 95 48.34 -1.03 24.67
CA THR A 95 48.24 -1.30 26.11
C THR A 95 49.37 -0.75 26.97
N GLU A 96 48.97 -0.16 28.11
CA GLU A 96 49.87 0.40 29.09
C GLU A 96 49.98 -0.55 30.24
N THR A 97 51.12 -0.62 30.89
CA THR A 97 51.22 -1.50 32.06
C THR A 97 52.11 -0.82 33.08
N ASN A 98 51.74 -1.02 34.34
CA ASN A 98 52.44 -0.45 35.45
C ASN A 98 53.65 -1.28 35.89
N ASP A 99 53.80 -2.46 35.31
CA ASP A 99 54.87 -3.37 35.67
C ASP A 99 55.36 -4.20 34.47
N GLY A 100 55.98 -3.54 33.50
CA GLY A 100 56.48 -4.22 32.31
C GLY A 100 57.86 -4.87 32.40
N VAL A 101 58.12 -5.74 31.43
CA VAL A 101 59.39 -6.45 31.34
C VAL A 101 59.93 -6.42 29.92
N LEU A 102 61.21 -6.08 29.81
CA LEU A 102 61.89 -6.02 28.54
C LEU A 102 62.57 -7.33 28.34
N ILE A 103 62.31 -7.95 27.20
CA ILE A 103 62.92 -9.24 26.89
C ILE A 103 63.86 -9.03 25.71
N VAL A 104 65.13 -9.32 25.93
CA VAL A 104 66.16 -9.19 24.91
C VAL A 104 66.96 -10.45 24.87
N ASN A 105 67.50 -10.80 23.70
CA ASN A 105 68.29 -12.00 23.59
C ASN A 105 69.13 -12.02 22.34
N THR A 106 70.42 -11.77 22.50
CA THR A 106 71.39 -11.76 21.43
C THR A 106 72.67 -12.33 21.99
N SER A 107 73.71 -12.51 21.19
CA SER A 107 74.94 -13.04 21.76
C SER A 107 75.57 -11.99 22.67
N LYS A 108 75.16 -10.73 22.47
CA LYS A 108 75.64 -9.60 23.25
C LYS A 108 74.88 -9.45 24.56
N TYR A 109 73.58 -9.78 24.51
CA TYR A 109 72.68 -9.72 25.66
C TYR A 109 71.90 -11.01 25.80
N PRO A 110 72.57 -12.07 26.27
CA PRO A 110 71.88 -13.34 26.39
C PRO A 110 70.85 -13.36 27.50
N ASN A 111 69.70 -13.98 27.24
CA ASN A 111 68.63 -14.12 28.22
C ASN A 111 68.46 -12.90 29.14
N MET A 112 68.20 -11.74 28.55
CA MET A 112 68.06 -10.51 29.33
C MET A 112 66.61 -10.27 29.66
N TYR A 113 66.31 -10.03 30.94
CA TYR A 113 64.95 -9.75 31.39
C TYR A 113 64.97 -8.53 32.30
N VAL A 114 64.57 -7.38 31.78
CA VAL A 114 64.62 -6.20 32.60
C VAL A 114 63.29 -5.73 33.15
N PRO A 115 63.19 -5.58 34.48
CA PRO A 115 62.01 -5.04 35.10
C PRO A 115 62.06 -3.51 34.89
N VAL A 116 61.49 -3.07 33.77
CA VAL A 116 61.48 -1.67 33.35
C VAL A 116 60.45 -0.81 34.04
N GLY A 117 59.67 -1.42 34.94
CA GLY A 117 58.63 -0.71 35.66
C GLY A 117 57.48 -0.21 34.78
N ALA A 118 56.90 0.92 35.14
CA ALA A 118 55.77 1.48 34.40
C ALA A 118 56.10 1.71 32.90
N VAL A 119 55.11 1.36 32.08
CA VAL A 119 55.14 1.47 30.63
C VAL A 119 53.95 2.30 30.17
N THR A 120 54.18 3.57 29.86
CA THR A 120 53.09 4.46 29.44
C THR A 120 53.20 4.82 27.96
N GLU A 121 52.16 5.44 27.41
CA GLU A 121 52.17 5.84 25.99
C GLU A 121 52.92 7.14 25.81
N GLN A 122 53.78 7.17 24.81
CA GLN A 122 54.58 8.35 24.48
C GLN A 122 53.85 9.20 23.48
N GLY A 123 53.06 8.55 22.63
CA GLY A 123 52.31 9.21 21.58
C GLY A 123 53.29 9.46 20.45
N TYR A 124 53.45 10.74 20.09
CA TYR A 124 54.37 11.11 19.00
C TYR A 124 55.81 11.21 19.52
N LEU A 125 56.69 10.46 18.87
CA LEU A 125 58.09 10.41 19.20
C LEU A 125 58.94 10.88 18.04
N ASN A 126 60.13 11.38 18.35
CA ASN A 126 61.07 11.85 17.36
C ASN A 126 62.36 11.06 17.45
N LEU A 127 62.26 9.78 17.13
CA LEU A 127 63.39 8.85 17.19
C LEU A 127 64.36 9.07 16.04
N GLY A 128 65.61 9.32 16.39
CA GLY A 128 66.69 9.56 15.43
C GLY A 128 66.34 9.62 13.95
N GLY A 129 66.19 10.83 13.44
CA GLY A 129 65.89 11.09 12.02
C GLY A 129 64.50 10.78 11.49
N ARG A 130 63.86 9.75 12.03
CA ARG A 130 62.53 9.39 11.56
C ARG A 130 61.50 9.40 12.69
N GLN A 131 60.58 10.35 12.58
CA GLN A 131 59.49 10.56 13.55
C GLN A 131 58.54 9.34 13.55
N THR A 132 58.20 8.85 14.75
CA THR A 132 57.37 7.65 14.89
C THR A 132 56.09 7.80 15.77
N ALA A 133 55.11 6.92 15.56
CA ALA A 133 53.85 6.94 16.33
C ALA A 133 53.54 5.57 16.95
N ARG A 134 52.61 5.58 17.92
CA ARG A 134 52.17 4.38 18.67
C ARG A 134 53.35 3.76 19.36
N THR A 135 53.97 4.55 20.22
CA THR A 135 55.14 4.09 20.96
C THR A 135 54.87 4.11 22.44
N LEU A 136 55.59 3.27 23.17
CA LEU A 136 55.44 3.21 24.61
C LEU A 136 56.74 3.64 25.29
N MET A 137 56.60 4.39 26.37
CA MET A 137 57.73 4.87 27.12
C MET A 137 57.89 4.23 28.50
N TYR A 138 59.08 3.69 28.75
CA TYR A 138 59.42 3.09 30.04
C TYR A 138 60.74 3.77 30.42
N ASN A 139 60.83 4.12 31.70
CA ASN A 139 61.97 4.84 32.23
C ASN A 139 63.11 3.95 32.69
N PHE A 140 63.90 3.47 31.74
CA PHE A 140 65.03 2.61 32.07
C PHE A 140 66.13 2.77 31.04
N PRO A 141 67.29 3.28 31.46
CA PRO A 141 68.43 3.54 30.57
C PRO A 141 68.72 2.37 29.60
N THR A 142 67.91 2.32 28.55
CA THR A 142 68.05 1.30 27.52
C THR A 142 69.27 1.59 26.72
N ARG A 143 70.10 0.56 26.56
CA ARG A 143 71.35 0.65 25.84
C ARG A 143 71.15 0.26 24.35
N ALA A 144 72.11 0.62 23.51
CA ALA A 144 72.09 0.35 22.07
C ALA A 144 72.02 -1.15 21.71
N GLY A 145 71.27 -1.49 20.66
CA GLY A 145 71.15 -2.89 20.22
C GLY A 145 70.27 -3.83 21.05
N GLN A 146 69.31 -3.25 21.77
CA GLN A 146 68.36 -4.02 22.55
C GLN A 146 67.06 -3.98 21.76
N ALA A 147 67.16 -3.40 20.56
CA ALA A 147 66.04 -3.29 19.66
C ALA A 147 65.63 -4.69 19.24
N GLY A 148 64.33 -4.84 19.01
CA GLY A 148 63.78 -6.12 18.60
C GLY A 148 63.16 -6.79 19.80
N GLY A 149 63.77 -6.52 20.96
CA GLY A 149 63.31 -7.06 22.22
C GLY A 149 61.83 -6.80 22.40
N VAL A 150 61.19 -7.60 23.25
CA VAL A 150 59.78 -7.47 23.47
C VAL A 150 59.45 -6.93 24.86
N ILE A 151 58.31 -6.26 24.99
CA ILE A 151 57.82 -5.76 26.25
C ILE A 151 56.59 -6.56 26.58
N THR A 152 56.59 -7.21 27.75
CA THR A 152 55.43 -7.99 28.18
C THR A 152 55.04 -7.59 29.58
N CYS A 153 53.91 -8.14 30.00
CA CYS A 153 53.36 -7.99 31.34
C CYS A 153 52.60 -9.31 31.53
N THR A 154 52.18 -9.63 32.75
CA THR A 154 51.51 -10.91 32.95
C THR A 154 50.44 -11.18 31.89
N GLY A 155 50.67 -12.17 31.03
CA GLY A 155 49.69 -12.52 30.01
C GLY A 155 49.52 -11.71 28.74
N LYS A 156 50.35 -10.70 28.53
CA LYS A 156 50.26 -9.84 27.36
C LYS A 156 51.61 -9.48 26.80
N VAL A 157 51.71 -9.46 25.48
CA VAL A 157 52.94 -9.10 24.79
C VAL A 157 52.53 -7.79 24.17
N ILE A 158 52.92 -6.69 24.81
CA ILE A 158 52.43 -5.35 24.35
C ILE A 158 53.32 -4.45 23.43
N GLY A 159 54.63 -4.62 23.45
CA GLY A 159 55.45 -3.76 22.61
C GLY A 159 56.74 -4.34 22.10
N MET A 160 57.28 -3.71 21.06
CA MET A 160 58.54 -4.15 20.51
C MET A 160 59.55 -3.04 20.69
N HIS A 161 60.64 -3.36 21.37
CA HIS A 161 61.66 -2.37 21.63
C HIS A 161 62.24 -1.87 20.32
N VAL A 162 62.32 -0.55 20.17
CA VAL A 162 62.85 0.04 18.93
C VAL A 162 63.93 1.08 19.17
N GLY A 163 64.16 1.47 20.43
CA GLY A 163 65.18 2.47 20.73
C GLY A 163 65.16 3.12 22.10
N GLY A 164 65.89 4.22 22.25
CA GLY A 164 65.96 4.95 23.51
C GLY A 164 66.74 6.24 23.37
N ASN A 165 66.78 7.03 24.45
CA ASN A 165 67.51 8.30 24.44
C ASN A 165 68.50 8.40 25.62
N GLY A 166 68.92 7.25 26.14
CA GLY A 166 69.86 7.20 27.26
C GLY A 166 69.17 7.07 28.61
N SER A 167 68.17 7.91 28.84
CA SER A 167 67.41 7.92 30.09
C SER A 167 66.21 6.98 30.01
N HIS A 168 65.50 7.05 28.88
CA HIS A 168 64.32 6.24 28.66
C HIS A 168 64.48 5.25 27.50
N GLY A 169 63.53 4.33 27.42
CA GLY A 169 63.50 3.31 26.38
C GLY A 169 62.15 3.37 25.70
N PHE A 170 62.12 3.12 24.40
CA PHE A 170 60.88 3.19 23.63
C PHE A 170 60.61 1.91 22.86
N ALA A 171 59.32 1.62 22.70
CA ALA A 171 58.87 0.45 22.00
C ALA A 171 57.65 0.78 21.16
N ALA A 172 57.57 0.17 19.98
CA ALA A 172 56.43 0.35 19.13
C ALA A 172 55.40 -0.57 19.74
N ALA A 173 54.23 -0.01 20.03
CA ALA A 173 53.15 -0.78 20.63
C ALA A 173 52.64 -1.83 19.66
N LEU A 174 52.28 -2.98 20.20
CA LEU A 174 51.76 -4.07 19.40
C LEU A 174 50.23 -4.19 19.52
N LYS A 175 49.59 -4.53 18.40
CA LYS A 175 48.11 -4.72 18.30
C LYS A 175 47.74 -5.96 17.49
N ARG A 176 46.69 -6.67 17.92
CA ARG A 176 46.25 -7.89 17.26
C ARG A 176 46.07 -7.68 15.76
N SER A 177 45.36 -6.59 15.40
CA SER A 177 45.09 -6.20 14.02
C SER A 177 46.23 -6.49 13.07
N TYR A 178 47.40 -5.94 13.41
CA TYR A 178 48.69 -6.05 12.69
C TYR A 178 49.01 -7.40 12.03
N PHE A 179 48.28 -8.45 12.38
CA PHE A 179 48.49 -9.75 11.78
C PHE A 179 47.14 -10.26 11.33
N THR A 180 46.94 -10.51 10.03
CA THR A 180 45.59 -10.96 9.56
C THR A 180 45.03 -11.93 10.60
N GLN A 181 43.94 -11.49 11.22
CA GLN A 181 43.23 -12.22 12.27
C GLN A 181 42.79 -13.63 11.87
N SER A 182 42.66 -14.48 12.88
CA SER A 182 42.28 -15.89 12.68
C SER A 182 40.78 -16.15 13.02
N GLN A 183 39.95 -15.10 12.97
CA GLN A 183 38.50 -15.20 13.21
C GLN A 183 37.77 -15.59 11.91
N GLY A 184 38.55 -15.60 10.84
CA GLY A 184 38.12 -15.95 9.50
C GLY A 184 39.44 -16.42 8.92
N GLU A 185 39.46 -17.41 8.03
CA GLU A 185 38.34 -18.15 7.48
C GLU A 185 37.70 -19.18 8.43
N ILE A 186 38.36 -20.34 8.46
CA ILE A 186 38.05 -21.49 9.26
C ILE A 186 38.40 -21.18 10.69
N GLN A 187 37.78 -21.90 11.62
CA GLN A 187 37.99 -21.71 13.07
C GLN A 187 39.21 -22.48 13.60
N TRP A 188 39.37 -23.69 13.09
CA TRP A 188 40.46 -24.64 13.37
C TRP A 188 40.33 -25.71 12.29
N MET A 189 41.41 -26.39 11.96
CA MET A 189 41.38 -27.44 10.97
C MET A 189 42.44 -28.41 11.33
N ARG A 190 42.31 -29.64 10.86
CA ARG A 190 43.36 -30.68 11.09
C ARG A 190 42.91 -32.05 10.60
N PRO A 191 43.90 -32.92 10.28
CA PRO A 191 43.86 -34.30 9.81
C PRO A 191 42.69 -35.10 10.39
N SER A 192 41.81 -35.55 9.50
CA SER A 192 40.62 -36.32 9.89
C SER A 192 41.02 -37.55 10.71
N LYS A 193 42.10 -38.20 10.29
CA LYS A 193 42.62 -39.39 10.98
C LYS A 193 42.91 -39.11 12.47
N GLU A 194 43.19 -37.86 12.82
CA GLU A 194 43.49 -37.45 14.22
C GLU A 194 42.26 -37.23 15.09
N VAL A 195 41.07 -37.24 14.49
CA VAL A 195 39.85 -37.02 15.26
C VAL A 195 38.74 -38.00 14.88
N GLY A 196 39.14 -39.27 14.78
CA GLY A 196 38.22 -40.38 14.45
C GLY A 196 37.60 -40.50 13.07
N TYR A 197 37.31 -39.37 12.44
CA TYR A 197 36.66 -39.35 11.11
C TYR A 197 37.52 -39.94 9.94
N PRO A 198 36.83 -40.52 8.95
CA PRO A 198 37.50 -41.13 7.81
C PRO A 198 37.66 -40.19 6.61
N ILE A 199 38.56 -40.56 5.71
CA ILE A 199 38.85 -39.82 4.50
C ILE A 199 37.66 -39.88 3.56
N ILE A 200 37.39 -38.76 2.90
CA ILE A 200 36.29 -38.64 1.94
C ILE A 200 36.80 -38.75 0.49
N ASN A 201 36.25 -39.70 -0.26
CA ASN A 201 36.62 -39.84 -1.66
C ASN A 201 35.85 -38.82 -2.49
N ALA A 202 36.42 -38.38 -3.60
CA ALA A 202 35.76 -37.42 -4.46
C ALA A 202 36.12 -37.70 -5.89
N PRO A 203 35.12 -37.76 -6.79
CA PRO A 203 35.48 -38.01 -8.18
C PRO A 203 36.45 -36.92 -8.61
N SER A 204 37.57 -37.32 -9.19
CA SER A 204 38.58 -36.36 -9.61
C SER A 204 38.21 -35.66 -10.91
N LYS A 205 37.69 -36.44 -11.85
CA LYS A 205 37.31 -35.97 -13.16
C LYS A 205 35.81 -35.67 -13.22
N THR A 206 35.46 -34.55 -13.85
CA THR A 206 34.05 -34.08 -14.00
C THR A 206 33.10 -34.94 -14.80
N LYS A 207 31.82 -34.89 -14.43
CA LYS A 207 30.80 -35.73 -15.14
C LYS A 207 30.00 -34.94 -16.21
N LEU A 208 30.48 -33.72 -16.50
CA LEU A 208 29.93 -32.88 -17.53
C LEU A 208 30.72 -33.12 -18.81
N GLU A 209 30.03 -33.52 -19.88
CA GLU A 209 30.72 -33.73 -21.15
C GLU A 209 29.92 -32.96 -22.23
N PRO A 210 30.57 -32.54 -23.34
CA PRO A 210 29.86 -31.80 -24.37
C PRO A 210 28.64 -32.57 -24.92
N SER A 211 27.51 -31.87 -25.06
CA SER A 211 26.29 -32.48 -25.55
C SER A 211 26.29 -32.48 -27.04
N ALA A 212 25.19 -32.95 -27.59
CA ALA A 212 25.04 -33.01 -29.03
C ALA A 212 24.92 -31.62 -29.66
N PHE A 213 24.70 -30.61 -28.84
CA PHE A 213 24.52 -29.26 -29.35
C PHE A 213 25.65 -28.35 -28.94
N HIS A 214 26.83 -28.90 -28.74
CA HIS A 214 27.94 -28.09 -28.29
C HIS A 214 28.35 -27.03 -29.35
N TYR A 215 28.32 -27.41 -30.63
CA TYR A 215 28.67 -26.46 -31.74
C TYR A 215 27.49 -25.75 -32.35
N VAL A 216 26.29 -26.25 -32.10
CA VAL A 216 25.09 -25.65 -32.59
C VAL A 216 24.94 -24.29 -31.94
N PHE A 217 25.08 -24.26 -30.61
CA PHE A 217 24.96 -23.02 -29.85
C PHE A 217 26.31 -22.56 -29.37
N GLU A 218 26.35 -21.29 -28.98
CA GLU A 218 27.58 -20.68 -28.46
C GLU A 218 27.48 -20.55 -26.96
N GLY A 219 28.65 -20.51 -26.33
CA GLY A 219 28.76 -20.40 -24.89
C GLY A 219 30.21 -20.39 -24.47
N VAL A 220 30.44 -19.92 -23.26
CA VAL A 220 31.79 -19.83 -22.71
C VAL A 220 31.95 -20.56 -21.36
N LYS A 221 30.87 -20.96 -20.70
CA LYS A 221 31.07 -21.64 -19.42
C LYS A 221 31.69 -23.02 -19.62
N GLU A 222 32.34 -23.52 -18.59
CA GLU A 222 32.96 -24.85 -18.60
C GLU A 222 32.79 -25.55 -17.27
N PRO A 223 33.03 -26.87 -17.25
CA PRO A 223 32.96 -27.52 -15.97
C PRO A 223 33.93 -26.86 -14.95
N ALA A 224 33.45 -26.66 -13.71
CA ALA A 224 34.21 -26.04 -12.62
C ALA A 224 35.50 -26.77 -12.35
N VAL A 225 36.49 -26.14 -11.72
CA VAL A 225 37.73 -26.88 -11.46
C VAL A 225 37.47 -27.91 -10.34
N LEU A 226 37.95 -29.14 -10.48
CA LEU A 226 37.67 -30.14 -9.40
C LEU A 226 38.93 -30.66 -8.70
N THR A 227 40.11 -30.49 -9.27
CA THR A 227 41.32 -30.93 -8.55
C THR A 227 42.45 -29.93 -8.73
N LYS A 228 43.35 -30.01 -7.75
CA LYS A 228 44.55 -29.20 -7.60
C LYS A 228 45.34 -29.03 -8.87
N ASN A 229 45.45 -30.07 -9.69
CA ASN A 229 46.29 -29.96 -10.92
C ASN A 229 45.60 -29.54 -12.24
N ASP A 230 44.38 -29.00 -12.20
CA ASP A 230 43.70 -28.57 -13.41
C ASP A 230 44.56 -27.48 -14.05
N PRO A 231 45.06 -27.72 -15.28
CA PRO A 231 45.93 -26.77 -15.98
C PRO A 231 45.24 -25.46 -16.31
N ARG A 232 43.95 -25.36 -16.10
CA ARG A 232 43.27 -24.12 -16.42
C ARG A 232 43.45 -23.10 -15.32
N LEU A 233 43.74 -23.58 -14.10
CA LEU A 233 43.93 -22.72 -12.91
C LEU A 233 45.05 -21.73 -13.05
N LYS A 234 44.83 -20.56 -12.47
CA LYS A 234 45.82 -19.47 -12.48
C LYS A 234 46.21 -19.10 -11.05
N THR A 235 45.86 -19.95 -10.08
CA THR A 235 46.15 -19.69 -8.67
C THR A 235 46.10 -21.00 -7.83
N ASP A 236 46.57 -20.96 -6.59
CA ASP A 236 46.53 -22.15 -5.74
C ASP A 236 45.07 -22.43 -5.49
N PHE A 237 44.67 -23.65 -5.84
CA PHE A 237 43.29 -24.15 -5.74
C PHE A 237 42.77 -24.36 -4.31
N GLU A 238 43.46 -25.17 -3.51
CA GLU A 238 43.05 -25.42 -2.15
C GLU A 238 42.68 -24.10 -1.53
N GLU A 239 43.65 -23.20 -1.52
CA GLU A 239 43.50 -21.87 -0.98
C GLU A 239 42.32 -21.13 -1.60
N ALA A 240 42.22 -21.22 -2.91
CA ALA A 240 41.17 -20.54 -3.62
C ALA A 240 39.77 -21.03 -3.24
N ILE A 241 39.54 -22.32 -3.07
CA ILE A 241 38.14 -22.71 -2.78
C ILE A 241 37.73 -22.38 -1.36
N PHE A 242 38.68 -22.37 -0.43
CA PHE A 242 38.38 -22.05 0.98
C PHE A 242 38.28 -20.55 1.21
N SER A 243 38.73 -19.74 0.27
CA SER A 243 38.68 -18.29 0.43
C SER A 243 37.22 -17.77 0.50
N LYS A 244 36.26 -18.70 0.48
CA LYS A 244 34.84 -18.35 0.56
C LYS A 244 34.46 -17.92 1.96
N TYR A 245 35.01 -18.60 2.97
CA TYR A 245 34.75 -18.29 4.37
C TYR A 245 35.45 -16.98 4.66
N VAL A 246 34.70 -15.95 5.06
CA VAL A 246 35.34 -14.62 5.37
C VAL A 246 35.33 -14.28 6.87
N GLY A 247 34.83 -15.21 7.68
CA GLY A 247 34.81 -15.00 9.13
C GLY A 247 33.92 -13.88 9.65
N ASN A 248 33.31 -14.18 10.80
CA ASN A 248 32.39 -13.34 11.55
C ASN A 248 32.68 -11.85 11.53
N LYS A 249 31.70 -11.07 11.13
CA LYS A 249 31.88 -9.63 11.14
C LYS A 249 31.23 -9.10 12.44
N ILE A 250 30.18 -9.77 12.89
CA ILE A 250 29.46 -9.38 14.11
C ILE A 250 28.93 -10.59 14.90
N THR A 251 28.81 -10.38 16.22
CA THR A 251 28.31 -11.39 17.15
C THR A 251 26.95 -11.04 17.72
N GLU A 252 26.80 -9.77 18.10
CA GLU A 252 25.56 -9.28 18.72
C GLU A 252 24.48 -8.74 17.78
N VAL A 253 23.24 -9.09 18.12
CA VAL A 253 22.06 -8.66 17.42
C VAL A 253 21.77 -7.28 17.92
N ASP A 254 21.93 -6.25 17.08
CA ASP A 254 21.69 -4.86 17.58
C ASP A 254 20.22 -4.44 17.50
N GLU A 255 19.92 -3.25 17.98
CA GLU A 255 18.53 -2.77 17.98
C GLU A 255 17.88 -2.83 16.60
N TYR A 256 18.57 -2.43 15.54
CA TYR A 256 17.91 -2.46 14.22
C TYR A 256 17.46 -3.89 13.89
N MET A 257 18.35 -4.85 14.07
CA MET A 257 18.04 -6.24 13.81
C MET A 257 16.92 -6.70 14.73
N LYS A 258 16.99 -6.43 16.04
CA LYS A 258 15.88 -6.87 16.94
C LYS A 258 14.56 -6.34 16.44
N GLU A 259 14.55 -5.11 15.92
CA GLU A 259 13.26 -4.57 15.45
C GLU A 259 12.93 -5.13 14.08
N ALA A 260 13.97 -5.49 13.31
CA ALA A 260 13.71 -6.10 12.05
C ALA A 260 13.06 -7.42 12.44
N VAL A 261 13.65 -8.08 13.44
CA VAL A 261 13.12 -9.35 13.96
C VAL A 261 11.66 -9.18 14.36
N ASP A 262 11.38 -8.29 15.32
CA ASP A 262 10.01 -8.05 15.77
C ASP A 262 8.99 -7.94 14.61
N HIS A 263 9.31 -7.07 13.64
CA HIS A 263 8.40 -6.82 12.52
C HIS A 263 8.17 -8.05 11.70
N TYR A 264 9.23 -8.66 11.17
CA TYR A 264 9.07 -9.84 10.30
C TYR A 264 8.42 -11.06 11.02
N ALA A 265 8.83 -11.36 12.25
CA ALA A 265 8.21 -12.45 12.96
C ALA A 265 6.76 -12.08 13.05
N GLY A 266 6.55 -10.79 13.28
CA GLY A 266 5.22 -10.23 13.37
C GLY A 266 4.41 -10.65 12.16
N GLN A 267 4.90 -10.33 10.95
CA GLN A 267 4.20 -10.67 9.69
C GLN A 267 3.83 -12.13 9.56
N LEU A 268 4.77 -13.01 9.90
CA LEU A 268 4.57 -14.44 9.77
C LEU A 268 3.40 -15.01 10.56
N MET A 269 2.86 -14.23 11.50
CA MET A 269 1.77 -14.81 12.34
C MET A 269 0.44 -14.80 11.61
N SER A 270 0.27 -13.93 10.63
CA SER A 270 -0.98 -13.97 9.88
C SER A 270 -1.08 -15.31 9.15
N LEU A 271 0.05 -15.96 8.85
CA LEU A 271 0.10 -17.28 8.18
C LEU A 271 -0.43 -18.44 8.99
N ASP A 272 -0.41 -18.26 10.31
CA ASP A 272 -0.84 -19.26 11.30
C ASP A 272 -0.18 -20.63 11.04
N ILE A 273 1.16 -20.61 11.05
CA ILE A 273 1.96 -21.81 10.82
C ILE A 273 1.74 -22.83 11.94
N ASN A 274 1.58 -24.10 11.57
CA ASN A 274 1.38 -25.19 12.54
C ASN A 274 2.66 -25.46 13.30
N THR A 275 2.76 -24.88 14.49
CA THR A 275 3.98 -25.01 15.31
C THR A 275 4.24 -26.41 15.87
N GLU A 276 3.58 -27.45 15.38
CA GLU A 276 3.90 -28.78 15.88
C GLU A 276 5.09 -29.34 15.14
N GLN A 277 5.40 -30.58 15.49
CA GLN A 277 6.49 -31.27 14.92
C GLN A 277 5.89 -32.05 13.78
N MET A 278 6.69 -32.53 12.83
CA MET A 278 6.15 -33.30 11.71
C MET A 278 6.53 -34.75 11.90
N CYS A 279 5.56 -35.66 11.79
CA CYS A 279 5.87 -37.06 12.00
C CYS A 279 6.98 -37.48 11.06
N LEU A 280 7.74 -38.47 11.51
CA LEU A 280 8.85 -39.01 10.75
C LEU A 280 8.48 -39.32 9.28
N GLU A 281 7.45 -40.15 9.09
CA GLU A 281 7.02 -40.58 7.74
C GLU A 281 6.83 -39.38 6.79
N ASP A 282 6.05 -38.39 7.22
CA ASP A 282 5.82 -37.21 6.39
C ASP A 282 7.13 -36.49 6.14
N ALA A 283 7.96 -36.37 7.16
CA ALA A 283 9.23 -35.69 6.96
C ALA A 283 10.04 -36.44 5.95
N MET A 284 9.88 -37.76 5.91
CA MET A 284 10.65 -38.61 4.97
C MET A 284 10.04 -38.76 3.60
N TYR A 285 8.81 -39.28 3.57
CA TYR A 285 8.14 -39.59 2.31
C TYR A 285 7.27 -38.46 1.74
N GLY A 286 7.32 -37.27 2.31
CA GLY A 286 6.54 -36.14 1.82
C GLY A 286 5.09 -36.10 2.24
N THR A 287 4.53 -34.90 2.23
CA THR A 287 3.13 -34.66 2.59
C THR A 287 2.65 -33.39 1.84
N ASP A 288 1.53 -32.78 2.24
CA ASP A 288 1.05 -31.58 1.53
C ASP A 288 1.94 -30.36 1.82
N GLY A 289 2.53 -29.81 0.77
CA GLY A 289 3.41 -28.66 0.89
C GLY A 289 4.86 -29.06 1.09
N LEU A 290 5.11 -30.36 1.12
CA LEU A 290 6.48 -30.82 1.32
C LEU A 290 6.81 -32.06 0.50
N GLU A 291 7.77 -31.92 -0.41
CA GLU A 291 8.18 -33.06 -1.23
C GLU A 291 9.03 -34.02 -0.42
N ALA A 292 9.04 -35.28 -0.80
CA ALA A 292 9.84 -36.27 -0.06
C ALA A 292 11.33 -35.97 -0.16
N LEU A 293 12.10 -36.66 0.67
CA LEU A 293 13.54 -36.52 0.67
C LEU A 293 14.08 -36.61 -0.75
N ASP A 294 15.00 -35.70 -1.08
CA ASP A 294 15.60 -35.67 -2.40
C ASP A 294 16.53 -36.84 -2.45
N LEU A 295 16.29 -37.76 -3.39
CA LEU A 295 17.15 -38.94 -3.48
C LEU A 295 18.43 -38.66 -4.29
N SER A 296 18.47 -37.57 -5.05
CA SER A 296 19.67 -37.25 -5.84
C SER A 296 20.81 -36.98 -4.85
N THR A 297 20.69 -35.90 -4.08
CA THR A 297 21.68 -35.46 -3.07
C THR A 297 22.34 -36.60 -2.27
N SER A 298 23.48 -36.28 -1.66
CA SER A 298 24.23 -37.26 -0.86
C SER A 298 23.52 -37.70 0.42
N ALA A 299 23.99 -38.83 0.94
CA ALA A 299 23.49 -39.42 2.17
C ALA A 299 24.24 -38.85 3.37
N GLY A 300 25.40 -38.26 3.09
CA GLY A 300 26.24 -37.65 4.11
C GLY A 300 26.95 -38.66 4.99
N TYR A 301 27.46 -38.16 6.12
CA TYR A 301 28.18 -38.97 7.08
C TYR A 301 27.27 -39.61 8.12
N PRO A 302 27.54 -40.88 8.51
CA PRO A 302 28.61 -41.74 8.03
C PRO A 302 28.18 -42.66 6.89
N TYR A 303 27.07 -42.33 6.25
CA TYR A 303 26.52 -43.18 5.18
C TYR A 303 27.37 -43.26 3.89
N VAL A 304 28.21 -42.25 3.63
CA VAL A 304 29.05 -42.27 2.43
C VAL A 304 30.24 -43.26 2.66
N ALA A 305 30.88 -43.18 3.83
CA ALA A 305 32.01 -44.06 4.15
C ALA A 305 31.57 -45.52 4.31
N MET A 306 30.29 -45.75 4.56
CA MET A 306 29.77 -47.11 4.72
C MET A 306 29.17 -47.62 3.42
N GLY A 307 29.16 -46.77 2.40
CA GLY A 307 28.62 -47.10 1.09
C GLY A 307 27.15 -47.49 1.14
N LYS A 308 26.27 -46.54 1.47
CA LYS A 308 24.84 -46.82 1.56
C LYS A 308 24.01 -45.59 1.14
N LYS A 309 23.39 -45.65 -0.04
CA LYS A 309 22.59 -44.52 -0.58
C LYS A 309 21.21 -44.39 0.09
N LYS A 310 20.55 -43.28 -0.17
CA LYS A 310 19.23 -42.98 0.40
C LYS A 310 18.15 -43.90 -0.19
N ARG A 311 18.37 -44.35 -1.43
CA ARG A 311 17.44 -45.25 -2.13
C ARG A 311 17.28 -46.57 -1.40
N ASP A 312 18.41 -47.11 -0.92
CA ASP A 312 18.47 -48.37 -0.19
C ASP A 312 17.80 -48.28 1.19
N ILE A 313 17.41 -47.07 1.58
CA ILE A 313 16.77 -46.82 2.87
C ILE A 313 15.28 -46.57 2.73
N LEU A 314 14.86 -45.86 1.70
CA LEU A 314 13.43 -45.49 1.53
C LEU A 314 12.55 -46.35 0.64
N ASN A 315 11.32 -46.56 1.11
CA ASN A 315 10.29 -47.34 0.40
C ASN A 315 9.16 -46.52 -0.18
N LYS A 316 9.55 -45.62 -1.07
CA LYS A 316 8.67 -44.73 -1.85
C LYS A 316 7.14 -44.91 -1.68
N GLN A 317 6.61 -46.13 -1.85
CA GLN A 317 5.15 -46.36 -1.69
C GLN A 317 4.81 -47.22 -0.44
N THR A 318 5.82 -47.90 0.12
CA THR A 318 5.66 -48.68 1.32
C THR A 318 5.55 -47.70 2.46
N ARG A 319 6.39 -46.66 2.34
CA ARG A 319 6.52 -45.56 3.29
C ARG A 319 6.91 -46.13 4.65
N ASP A 320 8.00 -46.87 4.64
CA ASP A 320 8.54 -47.53 5.82
C ASP A 320 9.59 -46.67 6.50
N THR A 321 9.44 -46.48 7.81
CA THR A 321 10.40 -45.68 8.58
C THR A 321 11.35 -46.54 9.44
N LYS A 322 10.88 -47.65 10.02
CA LYS A 322 11.72 -48.53 10.88
C LYS A 322 13.22 -48.48 10.53
N GLU A 323 13.53 -48.66 9.25
CA GLU A 323 14.91 -48.58 8.76
C GLU A 323 15.55 -47.25 9.22
N MET A 324 14.96 -46.11 8.83
CA MET A 324 15.44 -44.75 9.23
C MET A 324 15.47 -44.47 10.73
N GLN A 325 14.48 -44.96 11.46
CA GLN A 325 14.40 -44.77 12.89
C GLN A 325 15.62 -45.39 13.55
N LYS A 326 15.84 -46.66 13.28
CA LYS A 326 16.95 -47.37 13.88
C LYS A 326 18.26 -46.60 13.61
N LEU A 327 18.33 -45.92 12.47
CA LEU A 327 19.54 -45.15 12.15
C LEU A 327 19.66 -43.94 13.07
N LEU A 328 18.57 -43.18 13.21
CA LEU A 328 18.54 -42.00 14.09
C LEU A 328 18.83 -42.33 15.56
N ASP A 329 18.46 -43.52 16.01
CA ASP A 329 18.71 -43.87 17.38
C ASP A 329 20.17 -44.23 17.50
N THR A 330 20.74 -44.77 16.42
CA THR A 330 22.14 -45.21 16.40
C THR A 330 23.15 -44.06 16.27
N TYR A 331 23.17 -43.38 15.12
CA TYR A 331 24.18 -42.33 14.87
C TYR A 331 23.79 -40.92 15.35
N GLY A 332 22.64 -40.81 16.00
CA GLY A 332 22.17 -39.53 16.51
C GLY A 332 22.12 -38.46 15.45
N ILE A 333 22.30 -37.22 15.87
CA ILE A 333 22.30 -36.07 14.95
C ILE A 333 23.46 -35.10 15.22
N ASN A 334 23.40 -33.93 14.57
CA ASN A 334 24.42 -32.95 14.75
C ASN A 334 25.72 -33.56 14.30
N LEU A 335 25.70 -34.11 13.07
CA LEU A 335 26.85 -34.78 12.46
C LEU A 335 27.58 -33.89 11.46
N PRO A 336 28.89 -34.14 11.28
CA PRO A 336 29.70 -33.33 10.36
C PRO A 336 29.13 -33.29 8.94
N LEU A 337 29.40 -32.23 8.21
CA LEU A 337 28.89 -32.14 6.86
C LEU A 337 29.98 -32.63 5.94
N VAL A 338 29.62 -33.51 5.00
CA VAL A 338 30.58 -34.03 4.03
C VAL A 338 30.78 -32.97 3.01
N THR A 339 32.02 -32.65 2.65
CA THR A 339 32.21 -31.57 1.67
C THR A 339 32.83 -32.01 0.30
N TYR A 340 32.03 -31.77 -0.75
CA TYR A 340 32.32 -32.01 -2.13
C TYR A 340 32.52 -30.72 -2.89
N VAL A 341 33.23 -30.79 -4.02
CA VAL A 341 33.38 -29.61 -4.88
C VAL A 341 32.20 -29.69 -5.83
N LYS A 342 31.38 -28.65 -5.91
CA LYS A 342 30.20 -28.73 -6.79
C LYS A 342 30.62 -28.77 -8.24
N ASP A 343 30.27 -29.88 -8.88
CA ASP A 343 30.57 -30.14 -10.28
C ASP A 343 29.54 -29.48 -11.20
N GLU A 344 29.83 -28.26 -11.63
CA GLU A 344 28.93 -27.48 -12.45
C GLU A 344 29.65 -26.61 -13.48
N LEU A 345 28.87 -25.88 -14.27
CA LEU A 345 29.43 -25.01 -15.27
C LEU A 345 29.86 -23.71 -14.60
N ARG A 346 30.98 -23.13 -15.02
CA ARG A 346 31.49 -21.89 -14.42
C ARG A 346 32.04 -20.92 -15.46
N SER A 347 32.16 -19.63 -15.11
CA SER A 347 32.67 -18.66 -16.06
C SER A 347 34.16 -18.77 -16.22
N LYS A 348 34.64 -18.13 -17.29
CA LYS A 348 36.02 -18.06 -17.67
C LYS A 348 36.92 -17.64 -16.52
N THR A 349 36.43 -16.68 -15.73
CA THR A 349 37.14 -16.18 -14.58
C THR A 349 37.19 -17.20 -13.47
N LYS A 350 36.01 -17.60 -13.00
CA LYS A 350 35.88 -18.56 -11.88
C LYS A 350 36.55 -19.95 -12.13
N VAL A 351 37.08 -20.13 -13.33
CA VAL A 351 37.79 -21.33 -13.65
C VAL A 351 39.24 -20.95 -13.42
N GLU A 352 39.65 -19.84 -14.02
CA GLU A 352 41.02 -19.37 -13.88
C GLU A 352 41.38 -19.13 -12.42
N GLN A 353 40.46 -18.51 -11.68
CA GLN A 353 40.66 -18.19 -10.27
C GLN A 353 40.23 -19.28 -9.28
N GLY A 354 40.02 -20.49 -9.77
CA GLY A 354 39.62 -21.61 -8.90
C GLY A 354 38.43 -21.40 -7.98
N LYS A 355 37.58 -20.43 -8.25
CA LYS A 355 36.43 -20.18 -7.40
C LYS A 355 35.37 -21.29 -7.56
N SER A 356 35.74 -22.56 -7.40
CA SER A 356 34.76 -23.64 -7.54
C SER A 356 33.93 -23.68 -6.28
N ARG A 357 32.61 -23.74 -6.42
CA ARG A 357 31.72 -23.74 -5.24
C ARG A 357 31.74 -25.07 -4.49
N LEU A 358 31.62 -25.01 -3.16
CA LEU A 358 31.63 -26.23 -2.35
C LEU A 358 30.25 -26.70 -1.89
N ILE A 359 30.08 -28.01 -1.85
CA ILE A 359 28.85 -28.60 -1.36
C ILE A 359 29.07 -29.13 0.05
N GLU A 360 28.30 -28.67 1.05
CA GLU A 360 28.47 -29.25 2.38
C GLU A 360 27.18 -30.01 2.67
N ALA A 361 27.20 -31.33 2.40
CA ALA A 361 26.01 -32.16 2.58
C ALA A 361 25.75 -32.59 4.01
N SER A 362 24.54 -32.33 4.49
CA SER A 362 24.22 -32.72 5.86
C SER A 362 23.88 -34.20 5.88
N SER A 363 24.22 -34.85 6.99
CA SER A 363 23.92 -36.24 7.15
C SER A 363 22.45 -36.44 7.02
N LEU A 364 22.08 -37.55 6.39
CA LEU A 364 20.68 -37.86 6.24
C LEU A 364 19.95 -37.73 7.58
N ASN A 365 20.66 -38.00 8.68
CA ASN A 365 20.03 -37.91 10.01
C ASN A 365 19.61 -36.49 10.30
N ASP A 366 20.51 -35.53 10.10
CA ASP A 366 20.21 -34.13 10.33
C ASP A 366 19.07 -33.73 9.44
N SER A 367 19.22 -34.16 8.19
CA SER A 367 18.31 -33.90 7.11
C SER A 367 16.90 -34.29 7.56
N VAL A 368 16.67 -35.56 7.89
CA VAL A 368 15.35 -36.01 8.38
C VAL A 368 14.95 -35.31 9.68
N ALA A 369 15.86 -35.22 10.64
CA ALA A 369 15.60 -34.59 11.94
C ALA A 369 15.10 -33.15 11.79
N MET A 370 15.69 -32.39 10.86
CA MET A 370 15.27 -30.99 10.67
C MET A 370 13.94 -30.91 9.95
N ARG A 371 13.63 -31.94 9.16
CA ARG A 371 12.34 -31.94 8.47
C ARG A 371 11.28 -32.22 9.52
N MET A 372 11.55 -33.12 10.47
CA MET A 372 10.55 -33.37 11.50
C MET A 372 10.38 -32.10 12.32
N ALA A 373 11.50 -31.44 12.59
CA ALA A 373 11.48 -30.19 13.34
C ALA A 373 10.76 -29.06 12.59
N PHE A 374 11.23 -28.73 11.38
CA PHE A 374 10.62 -27.60 10.64
C PHE A 374 9.68 -27.93 9.46
N GLY A 375 9.41 -29.21 9.23
CA GLY A 375 8.52 -29.64 8.15
C GLY A 375 7.33 -28.73 7.97
N ASN A 376 6.58 -28.50 9.04
CA ASN A 376 5.39 -27.63 8.95
C ASN A 376 5.79 -26.22 8.55
N LEU A 377 6.90 -25.70 9.07
CA LEU A 377 7.33 -24.36 8.67
C LEU A 377 7.57 -24.33 7.17
N TYR A 378 8.27 -25.34 6.69
CA TYR A 378 8.59 -25.41 5.27
C TYR A 378 7.31 -25.47 4.42
N ALA A 379 6.42 -26.38 4.77
CA ALA A 379 5.18 -26.53 4.02
C ALA A 379 4.46 -25.19 3.96
N ALA A 380 4.38 -24.48 5.07
CA ALA A 380 3.73 -23.18 5.10
C ALA A 380 4.33 -22.24 4.07
N PHE A 381 5.65 -22.15 4.06
CA PHE A 381 6.33 -21.29 3.11
C PHE A 381 6.14 -21.72 1.66
N HIS A 382 6.02 -23.03 1.42
CA HIS A 382 5.88 -23.48 0.04
C HIS A 382 4.47 -23.21 -0.44
N LYS A 383 3.51 -23.36 0.45
CA LYS A 383 2.15 -23.12 0.04
C LYS A 383 1.84 -21.62 0.05
N ASN A 384 2.82 -20.78 0.38
CA ASN A 384 2.58 -19.32 0.44
C ASN A 384 3.67 -18.42 -0.13
N PRO A 385 4.00 -18.62 -1.39
CA PRO A 385 5.08 -17.79 -1.88
C PRO A 385 4.52 -16.43 -2.02
N GLY A 386 5.13 -15.46 -1.38
CA GLY A 386 4.65 -14.09 -1.48
C GLY A 386 5.31 -13.05 -0.61
N VAL A 387 4.53 -12.04 -0.27
CA VAL A 387 4.98 -10.92 0.53
C VAL A 387 4.57 -11.04 2.01
N ILE A 388 4.20 -12.24 2.42
CA ILE A 388 3.83 -12.48 3.82
C ILE A 388 4.98 -13.28 4.36
N THR A 389 5.32 -14.33 3.62
CA THR A 389 6.44 -15.16 3.97
C THR A 389 7.69 -14.43 3.58
N GLY A 390 7.59 -13.61 2.53
CA GLY A 390 8.72 -12.85 2.02
C GLY A 390 9.63 -13.80 1.27
N SER A 391 9.08 -14.99 1.00
CA SER A 391 9.74 -16.09 0.31
C SER A 391 9.15 -16.52 -1.03
N ALA A 392 10.03 -16.79 -1.99
CA ALA A 392 9.58 -17.27 -3.29
C ALA A 392 9.95 -18.73 -3.42
N VAL A 393 10.43 -19.33 -2.33
CA VAL A 393 10.82 -20.74 -2.37
C VAL A 393 9.58 -21.57 -2.55
N GLY A 394 9.62 -22.41 -3.57
CA GLY A 394 8.50 -23.28 -3.87
C GLY A 394 7.61 -22.75 -4.96
N CYS A 395 7.81 -21.51 -5.38
CA CYS A 395 6.95 -20.92 -6.42
C CYS A 395 7.11 -21.61 -7.78
N ASP A 396 6.17 -21.32 -8.68
CA ASP A 396 6.14 -21.82 -10.04
C ASP A 396 6.12 -20.61 -10.94
N PRO A 397 7.30 -20.07 -11.28
CA PRO A 397 7.40 -18.83 -12.06
C PRO A 397 6.33 -18.71 -13.16
N ASP A 398 6.11 -19.73 -13.99
CA ASP A 398 5.09 -19.62 -15.05
C ASP A 398 3.79 -19.00 -14.52
N LEU A 399 3.46 -19.28 -13.26
CA LEU A 399 2.25 -18.74 -12.69
C LEU A 399 2.49 -17.62 -11.71
N PHE A 400 3.51 -17.75 -10.89
CA PHE A 400 3.79 -16.79 -9.84
C PHE A 400 4.19 -15.42 -10.35
N TRP A 401 4.79 -15.36 -11.53
CA TRP A 401 5.20 -14.06 -12.13
C TRP A 401 4.05 -13.07 -12.33
N SER A 402 2.86 -13.58 -12.59
CA SER A 402 1.75 -12.68 -12.77
C SER A 402 1.29 -12.12 -11.43
N LYS A 403 1.54 -12.82 -10.32
CA LYS A 403 1.13 -12.28 -9.03
C LYS A 403 2.15 -11.30 -8.48
N ILE A 404 3.43 -11.59 -8.65
CA ILE A 404 4.45 -10.73 -8.03
C ILE A 404 4.17 -9.22 -8.17
N PRO A 405 3.94 -8.71 -9.38
CA PRO A 405 3.74 -7.24 -9.46
C PRO A 405 2.47 -6.77 -8.71
N VAL A 406 1.45 -7.61 -8.63
CA VAL A 406 0.29 -7.22 -7.85
C VAL A 406 0.72 -7.08 -6.39
N LEU A 407 1.49 -8.06 -5.92
CA LEU A 407 1.97 -8.13 -4.54
C LEU A 407 2.96 -7.04 -4.15
N MET A 408 3.77 -6.62 -5.14
CA MET A 408 4.78 -5.61 -4.91
C MET A 408 4.24 -4.23 -4.68
N GLU A 409 5.04 -3.42 -3.99
CA GLU A 409 4.68 -2.04 -3.76
C GLU A 409 5.02 -1.24 -5.06
N GLU A 410 4.78 0.05 -4.97
CA GLU A 410 4.91 0.96 -6.08
C GLU A 410 6.33 1.27 -6.60
N LYS A 411 7.36 1.32 -5.73
CA LYS A 411 8.74 1.63 -6.18
C LYS A 411 9.73 0.54 -5.83
N LEU A 412 10.12 -0.23 -6.85
CA LEU A 412 11.08 -1.35 -6.73
C LEU A 412 12.52 -0.98 -6.44
N PHE A 413 13.20 -1.84 -5.68
CA PHE A 413 14.63 -1.64 -5.40
C PHE A 413 15.17 -3.01 -5.18
N ALA A 414 16.42 -3.20 -5.58
CA ALA A 414 17.04 -4.49 -5.47
C ALA A 414 18.52 -4.35 -5.63
N PHE A 415 19.24 -5.43 -5.29
CA PHE A 415 20.68 -5.44 -5.41
C PHE A 415 21.22 -6.86 -5.35
N ASP A 416 22.50 -7.00 -5.70
CA ASP A 416 23.19 -8.28 -5.68
C ASP A 416 24.09 -8.42 -4.47
N TYR A 417 24.19 -9.66 -3.99
CA TYR A 417 25.06 -9.98 -2.89
C TYR A 417 26.26 -10.69 -3.48
N THR A 418 27.31 -10.76 -2.67
CA THR A 418 28.55 -11.38 -3.08
C THR A 418 28.93 -12.36 -1.99
N GLY A 419 28.74 -13.63 -2.31
CA GLY A 419 29.03 -14.72 -1.36
C GLY A 419 28.18 -14.48 -0.14
N TYR A 420 26.87 -14.49 -0.35
CA TYR A 420 25.89 -14.26 0.69
C TYR A 420 25.92 -15.33 1.76
N ASP A 421 25.63 -16.57 1.36
CA ASP A 421 25.59 -17.70 2.31
C ASP A 421 26.77 -17.73 3.30
N ALA A 422 27.95 -17.38 2.82
CA ALA A 422 29.13 -17.42 3.70
C ALA A 422 29.36 -16.13 4.44
N SER A 423 28.76 -15.03 3.98
CA SER A 423 28.94 -13.74 4.68
C SER A 423 28.01 -13.57 5.88
N LEU A 424 27.10 -14.53 6.09
CA LEU A 424 26.15 -14.45 7.20
C LEU A 424 26.80 -14.63 8.58
N SER A 425 26.97 -13.50 9.26
CA SER A 425 27.54 -13.47 10.58
C SER A 425 26.69 -14.20 11.58
N PRO A 426 27.31 -14.89 12.54
CA PRO A 426 26.60 -15.59 13.57
C PRO A 426 25.48 -14.74 14.17
N ALA A 427 25.62 -13.40 14.16
CA ALA A 427 24.58 -12.54 14.71
C ALA A 427 23.28 -12.71 13.93
N TRP A 428 23.38 -13.02 12.64
CA TRP A 428 22.13 -13.21 11.84
C TRP A 428 21.44 -14.49 12.23
N PHE A 429 22.18 -15.52 12.64
CA PHE A 429 21.48 -16.76 13.04
C PHE A 429 20.74 -16.52 14.35
N GLU A 430 21.35 -15.77 15.27
CA GLU A 430 20.67 -15.47 16.52
C GLU A 430 19.40 -14.72 16.22
N ALA A 431 19.47 -13.84 15.23
CA ALA A 431 18.31 -13.08 14.84
C ALA A 431 17.26 -14.05 14.34
N LEU A 432 17.69 -15.03 13.54
CA LEU A 432 16.82 -16.04 12.93
C LEU A 432 16.18 -16.87 14.01
N LYS A 433 16.99 -17.23 15.00
CA LYS A 433 16.48 -18.00 16.13
C LYS A 433 15.33 -17.20 16.73
N MET A 434 15.58 -15.93 17.09
CA MET A 434 14.56 -15.03 17.66
C MET A 434 13.23 -15.02 16.90
N VAL A 435 13.32 -15.07 15.56
CA VAL A 435 12.12 -15.06 14.74
C VAL A 435 11.35 -16.35 15.02
N LEU A 436 12.04 -17.49 14.95
CA LEU A 436 11.42 -18.78 15.26
C LEU A 436 10.81 -18.68 16.64
N GLU A 437 11.69 -18.31 17.57
CA GLU A 437 11.37 -18.13 18.95
C GLU A 437 9.99 -17.44 19.01
N LYS A 438 9.81 -16.32 18.31
CA LYS A 438 8.50 -15.59 18.32
C LYS A 438 7.33 -16.24 17.64
N ILE A 439 7.59 -17.03 16.59
CA ILE A 439 6.48 -17.70 15.86
C ILE A 439 6.19 -19.12 16.38
N GLY A 440 6.67 -19.42 17.59
CA GLY A 440 6.43 -20.70 18.24
C GLY A 440 7.30 -21.88 17.85
N PHE A 441 8.58 -21.64 17.69
CA PHE A 441 9.57 -22.67 17.34
C PHE A 441 10.82 -22.54 18.22
N GLY A 442 10.75 -21.68 19.23
CA GLY A 442 11.90 -21.45 20.13
C GLY A 442 12.32 -22.75 20.78
N ASP A 443 11.41 -23.70 20.66
CA ASP A 443 11.46 -25.06 21.14
C ASP A 443 12.59 -25.86 20.48
N ARG A 444 12.88 -25.51 19.23
CA ARG A 444 13.92 -26.21 18.46
C ARG A 444 14.83 -25.23 17.64
N VAL A 445 15.34 -24.21 18.34
CA VAL A 445 16.27 -23.22 17.78
C VAL A 445 17.66 -23.79 17.79
N ASP A 446 17.86 -24.84 18.57
CA ASP A 446 19.16 -25.51 18.65
C ASP A 446 19.62 -25.89 17.24
N TYR A 447 18.66 -26.22 16.38
CA TYR A 447 18.99 -26.61 14.99
C TYR A 447 19.62 -25.48 14.19
N ILE A 448 19.31 -24.23 14.50
CA ILE A 448 19.93 -23.15 13.77
C ILE A 448 21.40 -23.16 14.20
N ASP A 449 21.68 -23.33 15.50
CA ASP A 449 23.05 -23.37 16.02
C ASP A 449 23.88 -24.37 15.22
N TYR A 450 23.24 -25.48 14.85
CA TYR A 450 23.86 -26.52 14.05
C TYR A 450 24.33 -25.98 12.69
N LEU A 451 23.53 -25.10 12.09
CA LEU A 451 23.85 -24.50 10.80
C LEU A 451 24.99 -23.50 10.95
N ASN A 452 24.93 -22.67 11.99
CA ASN A 452 25.94 -21.67 12.25
C ASN A 452 27.30 -22.31 12.56
N HIS A 453 27.34 -23.15 13.57
CA HIS A 453 28.55 -23.83 13.98
C HIS A 453 28.51 -25.25 13.43
N SER A 454 29.37 -25.54 12.45
CA SER A 454 29.36 -26.85 11.82
C SER A 454 30.73 -27.38 11.42
N HIS A 455 31.03 -28.65 11.72
CA HIS A 455 32.30 -29.16 11.28
C HIS A 455 32.12 -29.89 9.94
N HIS A 456 33.12 -29.76 9.09
CA HIS A 456 33.05 -30.37 7.81
C HIS A 456 34.19 -31.32 7.62
N LEU A 457 33.90 -32.37 6.86
CA LEU A 457 34.87 -33.33 6.48
C LEU A 457 35.13 -32.97 5.03
N TYR A 458 36.30 -32.37 4.76
CA TYR A 458 36.58 -31.96 3.38
C TYR A 458 37.07 -33.17 2.55
N LYS A 459 38.30 -33.62 2.75
CA LYS A 459 38.74 -34.74 1.98
C LYS A 459 39.60 -35.52 2.90
N ASN A 460 40.70 -34.88 3.22
CA ASN A 460 41.75 -35.34 4.06
C ASN A 460 41.70 -34.66 5.41
N LYS A 461 40.89 -33.61 5.51
CA LYS A 461 40.73 -32.83 6.74
C LYS A 461 39.33 -32.67 7.27
N THR A 462 39.22 -32.28 8.55
CA THR A 462 37.95 -31.95 9.17
C THR A 462 38.23 -30.54 9.74
N TYR A 463 37.24 -29.67 9.72
CA TYR A 463 37.46 -28.31 10.21
C TYR A 463 36.16 -27.72 10.73
N CYS A 464 36.17 -26.79 11.69
CA CYS A 464 34.84 -26.30 12.09
C CYS A 464 34.69 -24.88 11.63
N VAL A 465 33.50 -24.59 11.13
CA VAL A 465 33.16 -23.29 10.64
C VAL A 465 32.18 -22.67 11.62
N LYS A 466 32.55 -21.49 12.09
CA LYS A 466 31.79 -20.76 13.03
C LYS A 466 31.25 -19.59 12.21
N GLY A 467 30.05 -19.74 11.67
CA GLY A 467 29.46 -18.67 10.86
C GLY A 467 29.15 -19.12 9.44
N GLY A 468 28.29 -18.37 8.76
CA GLY A 468 27.91 -18.69 7.38
C GLY A 468 27.00 -19.89 7.28
N MET A 469 26.02 -19.80 6.37
CA MET A 469 25.02 -20.82 6.09
C MET A 469 25.52 -21.94 5.19
N PRO A 470 25.55 -23.20 5.68
CA PRO A 470 26.04 -24.30 4.83
C PRO A 470 25.19 -24.45 3.56
N SER A 471 25.73 -25.07 2.50
CA SER A 471 25.02 -25.23 1.22
C SER A 471 24.12 -26.47 1.07
N GLY A 472 24.44 -27.58 1.73
CA GLY A 472 23.61 -28.79 1.58
C GLY A 472 22.91 -29.34 2.81
N CYS A 473 22.15 -28.45 3.48
CA CYS A 473 21.39 -28.79 4.70
C CYS A 473 19.91 -28.55 4.51
N SER A 474 19.09 -29.19 5.35
CA SER A 474 17.64 -29.00 5.24
C SER A 474 17.27 -27.57 5.56
N GLY A 475 16.34 -27.03 4.80
CA GLY A 475 15.89 -25.66 5.04
C GLY A 475 16.78 -24.52 4.59
N THR A 476 17.97 -24.84 4.12
CA THR A 476 18.92 -23.82 3.67
C THR A 476 18.22 -22.64 2.94
N SER A 477 17.49 -22.92 1.87
CA SER A 477 16.82 -21.86 1.09
C SER A 477 15.88 -21.00 1.93
N ILE A 478 14.93 -21.65 2.58
CA ILE A 478 13.98 -20.93 3.43
C ILE A 478 14.75 -20.12 4.49
N PHE A 479 15.58 -20.75 5.32
CA PHE A 479 16.32 -19.96 6.35
C PHE A 479 17.18 -18.79 5.72
N ASN A 480 17.80 -19.00 4.56
CA ASN A 480 18.50 -17.91 3.91
C ASN A 480 17.54 -16.80 3.53
N SER A 481 16.36 -17.17 3.04
CA SER A 481 15.35 -16.20 2.64
C SER A 481 14.82 -15.46 3.87
N MET A 482 14.56 -16.20 4.94
CA MET A 482 14.09 -15.56 6.14
C MET A 482 15.18 -14.62 6.62
N ILE A 483 16.43 -15.06 6.60
CA ILE A 483 17.51 -14.19 7.07
C ILE A 483 17.57 -12.91 6.20
N ASN A 484 17.37 -13.09 4.89
CA ASN A 484 17.39 -11.99 3.92
C ASN A 484 16.33 -10.95 4.35
N ASN A 485 15.10 -11.43 4.58
CA ASN A 485 14.04 -10.59 5.11
C ASN A 485 14.52 -9.74 6.30
N LEU A 486 15.20 -10.39 7.25
CA LEU A 486 15.71 -9.68 8.41
C LEU A 486 16.70 -8.62 8.00
N ILE A 487 17.55 -8.93 7.01
CA ILE A 487 18.59 -7.97 6.56
C ILE A 487 18.00 -6.71 5.90
N ILE A 488 17.17 -6.89 4.87
CA ILE A 488 16.56 -5.73 4.18
C ILE A 488 15.95 -4.78 5.20
N ARG A 489 15.15 -5.34 6.10
CA ARG A 489 14.51 -4.57 7.16
C ARG A 489 15.59 -3.83 7.95
N THR A 490 16.55 -4.56 8.48
CA THR A 490 17.62 -3.93 9.25
C THR A 490 18.26 -2.75 8.50
N LEU A 491 18.66 -2.98 7.25
CA LEU A 491 19.30 -1.92 6.48
C LEU A 491 18.35 -0.74 6.23
N LEU A 492 17.08 -1.02 5.98
CA LEU A 492 16.13 0.06 5.78
C LEU A 492 16.03 0.84 7.06
N LEU A 493 15.76 0.14 8.16
CA LEU A 493 15.65 0.81 9.44
C LEU A 493 16.86 1.71 9.75
N LYS A 494 18.07 1.23 9.48
CA LYS A 494 19.24 2.03 9.83
C LYS A 494 19.50 3.22 8.87
N THR A 495 19.25 3.05 7.57
CA THR A 495 19.53 4.10 6.58
C THR A 495 18.51 5.20 6.55
N TYR A 496 17.28 4.79 6.26
CA TYR A 496 16.11 5.66 6.19
C TYR A 496 15.48 5.49 7.54
N LYS A 497 15.95 6.33 8.43
CA LYS A 497 15.56 6.34 9.82
C LYS A 497 14.06 6.63 9.97
N GLY A 498 13.38 5.83 10.78
CA GLY A 498 11.94 6.01 10.92
C GLY A 498 11.17 5.66 9.64
N ILE A 499 11.47 4.50 9.08
CA ILE A 499 10.85 3.97 7.91
C ILE A 499 9.56 3.42 8.39
N ASP A 500 8.80 2.75 7.52
CA ASP A 500 7.56 2.12 7.94
C ASP A 500 7.56 0.76 7.27
N LEU A 501 8.08 -0.24 7.98
CA LEU A 501 8.18 -1.61 7.40
C LEU A 501 6.84 -2.19 6.92
N ASP A 502 5.71 -1.82 7.47
CA ASP A 502 4.47 -2.40 6.93
C ASP A 502 4.24 -2.02 5.47
N HIS A 503 5.09 -1.18 4.88
CA HIS A 503 4.87 -0.87 3.46
C HIS A 503 6.09 -1.36 2.67
N LEU A 504 6.80 -2.28 3.29
CA LEU A 504 7.89 -2.95 2.67
C LEU A 504 7.25 -4.20 2.02
N LYS A 505 7.43 -4.35 0.72
CA LYS A 505 6.90 -5.50 0.09
C LYS A 505 8.09 -6.11 -0.56
N MET A 506 8.46 -7.32 -0.15
CA MET A 506 9.63 -7.94 -0.79
C MET A 506 9.45 -9.43 -0.84
N ILE A 507 10.26 -10.06 -1.69
CA ILE A 507 10.24 -11.48 -1.90
C ILE A 507 11.67 -11.92 -2.13
N ALA A 508 12.08 -12.91 -1.35
CA ALA A 508 13.42 -13.46 -1.40
C ALA A 508 13.37 -14.92 -1.77
N TYR A 509 14.49 -15.34 -2.31
CA TYR A 509 14.71 -16.69 -2.68
C TYR A 509 16.17 -16.78 -2.44
N GLY A 510 16.55 -17.19 -1.25
CA GLY A 510 17.96 -17.26 -0.98
C GLY A 510 18.51 -15.86 -0.94
N ASP A 511 19.58 -15.60 -1.67
CA ASP A 511 20.18 -14.28 -1.64
C ASP A 511 19.52 -13.34 -2.63
N ASP A 512 18.68 -13.92 -3.46
CA ASP A 512 18.04 -13.20 -4.49
C ASP A 512 16.84 -12.51 -3.88
N VAL A 513 16.73 -11.19 -4.10
CA VAL A 513 15.56 -10.48 -3.56
C VAL A 513 15.05 -9.39 -4.50
N ILE A 514 13.73 -9.31 -4.61
CA ILE A 514 13.04 -8.30 -5.38
C ILE A 514 12.25 -7.58 -4.30
N ALA A 515 12.51 -6.30 -4.07
CA ALA A 515 11.82 -5.55 -3.02
C ALA A 515 11.16 -4.27 -3.53
N SER A 516 10.37 -3.65 -2.66
CA SER A 516 9.68 -2.42 -3.01
C SER A 516 9.21 -1.67 -1.78
N TYR A 517 8.88 -0.41 -1.99
CA TYR A 517 8.43 0.49 -0.94
C TYR A 517 7.77 1.68 -1.66
N PRO A 518 6.83 2.40 -1.00
CA PRO A 518 6.12 3.49 -1.69
C PRO A 518 7.05 4.61 -2.08
N HIS A 519 8.19 4.72 -1.40
CA HIS A 519 9.17 5.73 -1.76
C HIS A 519 10.35 5.03 -2.36
N GLU A 520 10.96 5.67 -3.33
CA GLU A 520 12.10 5.10 -3.96
C GLU A 520 13.24 5.18 -2.95
N VAL A 521 13.82 4.02 -2.59
CA VAL A 521 14.96 3.99 -1.65
C VAL A 521 16.25 4.01 -2.46
N ASP A 522 17.36 4.27 -1.79
CA ASP A 522 18.66 4.34 -2.46
C ASP A 522 19.53 3.12 -2.14
N ALA A 523 19.51 2.15 -3.07
CA ALA A 523 20.25 0.89 -3.02
C ALA A 523 21.68 1.11 -2.59
N SER A 524 22.26 2.19 -3.12
CA SER A 524 23.60 2.64 -2.84
C SER A 524 23.78 2.84 -1.37
N LEU A 525 23.04 3.77 -0.79
CA LEU A 525 23.07 4.06 0.65
C LEU A 525 22.91 2.79 1.50
N LEU A 526 22.04 1.88 1.06
CA LEU A 526 21.82 0.63 1.78
C LEU A 526 23.01 -0.29 1.72
N ALA A 527 23.63 -0.36 0.54
CA ALA A 527 24.79 -1.23 0.32
C ALA A 527 25.90 -0.83 1.25
N GLN A 528 25.95 0.46 1.57
CA GLN A 528 26.96 0.96 2.47
C GLN A 528 26.56 0.46 3.84
N SER A 529 25.36 0.81 4.30
CA SER A 529 24.94 0.34 5.63
C SER A 529 25.19 -1.16 5.73
N GLY A 530 25.07 -1.85 4.60
CA GLY A 530 25.32 -3.28 4.57
C GLY A 530 26.70 -3.67 5.09
N LYS A 531 27.74 -2.96 4.65
CA LYS A 531 29.12 -3.27 5.05
C LYS A 531 29.22 -3.57 6.54
N ASP A 532 28.63 -2.71 7.36
CA ASP A 532 28.67 -2.85 8.83
C ASP A 532 28.18 -4.21 9.37
N TYR A 533 27.20 -4.83 8.70
CA TYR A 533 26.65 -6.14 9.08
C TYR A 533 27.35 -7.33 8.35
N GLY A 534 28.53 -7.04 7.81
CA GLY A 534 29.34 -8.02 7.10
C GLY A 534 28.83 -8.46 5.76
N LEU A 535 28.01 -7.63 5.11
CA LEU A 535 27.43 -7.99 3.83
C LEU A 535 27.98 -7.20 2.63
N THR A 536 28.24 -7.88 1.52
CA THR A 536 28.77 -7.16 0.33
C THR A 536 27.70 -7.03 -0.78
N MET A 537 27.14 -5.83 -0.88
CA MET A 537 26.08 -5.52 -1.85
C MET A 537 26.54 -4.67 -3.04
N THR A 538 26.10 -5.11 -4.21
CA THR A 538 26.43 -4.44 -5.46
C THR A 538 25.17 -4.29 -6.29
N PRO A 539 25.17 -3.36 -7.27
CA PRO A 539 24.00 -3.12 -8.12
C PRO A 539 23.48 -4.39 -8.78
N ALA A 540 22.15 -4.53 -8.87
CA ALA A 540 21.45 -5.69 -9.49
C ALA A 540 21.95 -6.01 -10.92
N ASP A 541 21.83 -7.27 -11.35
CA ASP A 541 22.35 -7.73 -12.69
C ASP A 541 23.79 -7.32 -12.98
N LYS A 542 24.70 -7.56 -12.04
CA LYS A 542 26.08 -7.21 -12.25
C LYS A 542 26.23 -5.89 -13.01
N SER A 543 25.44 -4.87 -12.65
CA SER A 543 25.50 -3.56 -13.33
C SER A 543 26.64 -2.72 -12.80
N ALA A 544 27.08 -1.75 -13.61
CA ALA A 544 28.21 -0.88 -13.24
C ALA A 544 27.91 0.02 -12.04
N THR A 545 26.79 0.73 -12.09
CA THR A 545 26.40 1.64 -11.04
C THR A 545 25.08 1.27 -10.52
N PHE A 546 24.71 1.78 -9.34
CA PHE A 546 23.39 1.56 -8.80
C PHE A 546 22.45 2.48 -9.56
N GLU A 547 21.46 1.90 -10.23
CA GLU A 547 20.52 2.70 -10.99
C GLU A 547 19.15 2.43 -10.47
N THR A 548 18.15 3.10 -11.05
CA THR A 548 16.75 2.92 -10.69
C THR A 548 16.22 1.58 -11.23
N VAL A 549 15.68 0.73 -10.37
CA VAL A 549 15.14 -0.55 -10.81
C VAL A 549 13.74 -0.37 -11.38
N THR A 550 13.51 -0.76 -12.62
CA THR A 550 12.16 -0.62 -13.20
C THR A 550 11.53 -1.97 -13.51
N TRP A 551 10.24 -2.03 -13.86
CA TRP A 551 9.70 -3.38 -14.19
C TRP A 551 10.32 -3.85 -15.50
N GLU A 552 10.79 -2.89 -16.29
CA GLU A 552 11.42 -3.20 -17.56
C GLU A 552 12.81 -3.84 -17.29
N ASN A 553 13.48 -3.54 -16.18
CA ASN A 553 14.82 -4.17 -15.95
C ASN A 553 15.03 -5.08 -14.69
N VAL A 554 14.06 -5.17 -13.80
CA VAL A 554 14.21 -6.00 -12.61
C VAL A 554 14.19 -7.46 -13.04
N THR A 555 14.90 -8.30 -12.29
CA THR A 555 14.94 -9.76 -12.54
C THR A 555 14.75 -10.51 -11.23
N PHE A 556 13.87 -11.50 -11.18
CA PHE A 556 13.76 -12.11 -9.83
C PHE A 556 14.34 -13.54 -9.79
N LEU A 557 14.00 -14.52 -10.60
CA LEU A 557 14.85 -15.73 -10.32
C LEU A 557 15.89 -15.42 -11.39
N LYS A 558 16.41 -16.26 -12.26
CA LYS A 558 17.41 -15.56 -13.16
C LYS A 558 16.65 -14.75 -14.27
N ARG A 559 15.32 -14.83 -14.14
CA ARG A 559 14.29 -14.28 -15.05
C ARG A 559 13.79 -12.85 -14.92
N PHE A 560 13.43 -12.32 -16.10
CA PHE A 560 12.85 -10.99 -16.31
C PHE A 560 11.34 -11.06 -16.26
N PHE A 561 10.68 -9.89 -16.28
CA PHE A 561 9.21 -9.76 -16.25
C PHE A 561 8.67 -9.08 -17.48
N ARG A 562 7.88 -9.78 -18.29
CA ARG A 562 7.31 -9.17 -19.49
C ARG A 562 5.87 -9.55 -19.65
N ALA A 563 5.04 -8.54 -19.83
CA ALA A 563 3.60 -8.73 -19.98
C ALA A 563 3.30 -9.42 -21.28
N ASP A 564 2.21 -10.18 -21.32
CA ASP A 564 1.79 -10.87 -22.50
C ASP A 564 1.06 -9.89 -23.40
N GLU A 565 1.11 -10.08 -24.71
CA GLU A 565 0.41 -9.15 -25.59
C GLU A 565 -1.09 -9.36 -25.53
N LYS A 566 -1.58 -10.59 -25.36
CA LYS A 566 -3.06 -10.73 -25.34
C LYS A 566 -3.65 -10.43 -23.97
N TYR A 567 -2.88 -10.55 -22.90
CA TYR A 567 -3.45 -10.24 -21.58
C TYR A 567 -2.46 -9.50 -20.70
N PRO A 568 -2.34 -8.19 -20.89
CA PRO A 568 -1.52 -7.23 -20.14
C PRO A 568 -1.26 -7.56 -18.63
N PHE A 569 -2.11 -8.36 -17.99
CA PHE A 569 -1.80 -8.71 -16.54
C PHE A 569 -1.21 -10.16 -16.39
N LEU A 570 -1.09 -10.91 -17.50
CA LEU A 570 -0.38 -12.19 -17.46
C LEU A 570 1.07 -11.81 -17.67
N ILE A 571 1.94 -12.24 -16.77
CA ILE A 571 3.34 -11.90 -16.91
C ILE A 571 4.20 -13.14 -17.20
N HIS A 572 4.95 -13.07 -18.29
CA HIS A 572 5.86 -14.11 -18.69
C HIS A 572 7.15 -14.02 -17.86
N PRO A 573 7.66 -15.15 -17.33
CA PRO A 573 8.94 -15.05 -16.68
C PRO A 573 9.93 -15.35 -17.80
N VAL A 574 10.58 -14.28 -18.25
CA VAL A 574 11.49 -14.38 -19.39
C VAL A 574 12.95 -14.66 -18.99
N MET A 575 13.37 -15.91 -19.19
CA MET A 575 14.71 -16.38 -18.94
C MET A 575 15.51 -16.03 -20.14
N PRO A 576 16.65 -15.37 -19.95
CA PRO A 576 17.46 -14.93 -21.08
C PRO A 576 17.99 -16.11 -21.88
N MET A 577 17.85 -16.04 -23.21
CA MET A 577 18.32 -17.16 -24.03
C MET A 577 19.78 -17.56 -23.74
N LYS A 578 20.65 -16.59 -23.50
CA LYS A 578 22.07 -16.86 -23.21
C LYS A 578 22.21 -17.99 -22.16
N GLU A 579 21.50 -17.90 -21.05
CA GLU A 579 21.54 -18.92 -20.00
C GLU A 579 21.13 -20.28 -20.52
N ILE A 580 20.13 -20.30 -21.39
CA ILE A 580 19.65 -21.56 -21.97
C ILE A 580 20.71 -22.11 -22.95
N HIS A 581 21.29 -21.23 -23.76
CA HIS A 581 22.32 -21.66 -24.70
C HIS A 581 23.47 -22.30 -23.94
N GLU A 582 23.89 -21.67 -22.84
CA GLU A 582 25.00 -22.20 -22.04
C GLU A 582 24.75 -23.61 -21.58
N SER A 583 23.60 -23.75 -20.94
CA SER A 583 23.16 -25.00 -20.34
C SER A 583 22.96 -26.15 -21.31
N ILE A 584 22.43 -25.86 -22.50
CA ILE A 584 22.14 -26.96 -23.43
C ILE A 584 23.39 -27.64 -23.98
N ARG A 585 24.52 -26.95 -23.99
CA ARG A 585 25.78 -27.45 -24.58
C ARG A 585 26.54 -28.60 -23.83
N TRP A 586 26.16 -28.89 -22.60
CA TRP A 586 26.79 -29.90 -21.78
C TRP A 586 25.76 -30.81 -21.17
N THR A 587 26.17 -32.01 -20.78
CA THR A 587 25.24 -32.94 -20.19
C THR A 587 25.95 -33.93 -19.31
N LYS A 588 25.28 -34.44 -18.28
CA LYS A 588 25.94 -35.43 -17.41
C LYS A 588 25.47 -36.86 -17.71
N ASP A 589 24.45 -37.01 -18.54
CA ASP A 589 23.94 -38.31 -18.93
C ASP A 589 23.22 -38.14 -20.23
N PRO A 590 23.90 -38.40 -21.36
CA PRO A 590 23.32 -38.24 -22.72
C PRO A 590 22.06 -39.11 -22.99
N ARG A 591 21.53 -39.77 -21.97
CA ARG A 591 20.31 -40.57 -22.10
C ARG A 591 19.13 -39.75 -21.63
N ASN A 592 19.30 -38.43 -21.59
CA ASN A 592 18.25 -37.55 -21.12
C ASN A 592 18.09 -36.35 -21.98
N THR A 593 18.77 -36.33 -23.13
CA THR A 593 18.66 -35.18 -23.99
C THR A 593 17.17 -34.82 -24.10
N GLN A 594 16.31 -35.83 -24.22
CA GLN A 594 14.85 -35.60 -24.31
C GLN A 594 14.32 -34.77 -23.13
N ASP A 595 14.62 -35.19 -21.90
CA ASP A 595 14.16 -34.48 -20.70
C ASP A 595 14.83 -33.15 -20.49
N HIS A 596 16.11 -33.09 -20.84
CA HIS A 596 16.93 -31.88 -20.65
C HIS A 596 16.48 -30.83 -21.68
N VAL A 597 16.51 -31.16 -22.97
CA VAL A 597 16.10 -30.18 -23.99
C VAL A 597 14.64 -29.77 -23.77
N ARG A 598 13.81 -30.73 -23.38
CA ARG A 598 12.42 -30.45 -23.09
C ARG A 598 12.32 -29.30 -22.06
N SER A 599 12.91 -29.55 -20.90
CA SER A 599 12.92 -28.61 -19.79
C SER A 599 13.35 -27.26 -20.22
N LEU A 600 14.32 -27.21 -21.14
CA LEU A 600 14.81 -25.91 -21.61
C LEU A 600 13.75 -25.17 -22.44
N CYS A 601 13.01 -25.89 -23.28
CA CYS A 601 11.96 -25.26 -24.08
C CYS A 601 10.94 -24.59 -23.17
N LEU A 602 10.54 -25.26 -22.09
CA LEU A 602 9.59 -24.68 -21.14
C LEU A 602 10.10 -23.37 -20.54
N LEU A 603 11.38 -23.06 -20.74
CA LEU A 603 11.90 -21.82 -20.26
C LEU A 603 12.07 -20.88 -21.43
N ALA A 604 12.65 -21.41 -22.48
CA ALA A 604 12.95 -20.64 -23.68
C ALA A 604 11.75 -19.95 -24.35
N TRP A 605 10.61 -20.63 -24.49
CA TRP A 605 9.44 -20.07 -25.24
C TRP A 605 8.89 -18.73 -24.69
N HIS A 606 9.06 -18.44 -23.39
CA HIS A 606 8.58 -17.15 -22.92
C HIS A 606 9.38 -16.01 -23.58
N ASN A 607 10.43 -16.33 -24.33
CA ASN A 607 11.23 -15.32 -25.03
C ASN A 607 10.55 -14.76 -26.26
N GLY A 608 9.38 -15.29 -26.60
CA GLY A 608 8.66 -14.81 -27.78
C GLY A 608 8.55 -15.88 -28.85
N GLU A 609 7.54 -15.80 -29.70
CA GLU A 609 7.38 -16.83 -30.72
C GLU A 609 8.54 -16.79 -31.72
N GLU A 610 8.94 -15.61 -32.16
CA GLU A 610 10.02 -15.52 -33.16
C GLU A 610 11.31 -16.21 -32.66
N GLU A 611 11.62 -15.95 -31.39
CA GLU A 611 12.77 -16.50 -30.71
C GLU A 611 12.75 -18.01 -30.60
N TYR A 612 11.73 -18.50 -29.91
CA TYR A 612 11.54 -19.92 -29.63
C TYR A 612 11.55 -20.78 -30.89
N ASN A 613 11.11 -20.23 -32.01
CA ASN A 613 11.14 -21.02 -33.24
C ASN A 613 12.58 -21.19 -33.74
N LYS A 614 13.43 -20.16 -33.62
CA LYS A 614 14.83 -20.28 -34.03
C LYS A 614 15.49 -21.33 -33.22
N PHE A 615 15.15 -21.32 -31.93
CA PHE A 615 15.69 -22.22 -30.92
C PHE A 615 15.38 -23.66 -31.31
N LEU A 616 14.15 -23.97 -31.72
CA LEU A 616 13.84 -25.33 -32.14
C LEU A 616 14.63 -25.60 -33.43
N ALA A 617 14.50 -24.68 -34.39
CA ALA A 617 15.19 -24.73 -35.67
C ALA A 617 16.64 -25.13 -35.51
N LYS A 618 17.31 -24.55 -34.50
CA LYS A 618 18.72 -24.88 -34.22
C LYS A 618 18.83 -26.27 -33.56
N ILE A 619 18.00 -26.56 -32.57
CA ILE A 619 18.04 -27.88 -31.95
C ILE A 619 17.91 -28.93 -33.05
N ARG A 620 17.01 -28.65 -33.99
CA ARG A 620 16.69 -29.52 -35.15
C ARG A 620 17.60 -29.35 -36.36
N SER A 621 18.84 -28.89 -36.16
CA SER A 621 19.76 -28.74 -37.29
C SER A 621 20.74 -29.88 -37.25
N VAL A 622 20.63 -30.68 -36.20
CA VAL A 622 21.47 -31.86 -35.98
C VAL A 622 20.59 -33.07 -35.62
N PRO A 623 20.96 -34.25 -36.13
CA PRO A 623 20.29 -35.54 -35.92
C PRO A 623 19.76 -35.79 -34.50
N ILE A 624 20.59 -35.65 -33.47
CA ILE A 624 20.08 -35.90 -32.10
C ILE A 624 18.92 -34.92 -31.77
N GLY A 625 18.90 -33.80 -32.49
CA GLY A 625 17.87 -32.78 -32.28
C GLY A 625 16.57 -33.04 -33.02
N ARG A 626 16.67 -33.37 -34.31
CA ARG A 626 15.43 -33.65 -35.09
C ARG A 626 14.66 -34.82 -34.49
N ALA A 627 15.37 -35.85 -34.04
CA ALA A 627 14.74 -37.03 -33.46
C ALA A 627 14.16 -36.80 -32.05
N LEU A 628 13.93 -35.54 -31.68
CA LEU A 628 13.37 -35.21 -30.37
C LEU A 628 11.91 -34.76 -30.43
N ASP A 629 11.17 -35.17 -29.40
CA ASP A 629 9.77 -34.84 -29.25
C ASP A 629 9.60 -33.48 -28.53
N LEU A 630 9.65 -32.37 -29.28
CA LEU A 630 9.56 -31.04 -28.64
C LEU A 630 8.29 -30.27 -28.96
N PRO A 631 7.66 -29.67 -27.94
CA PRO A 631 6.44 -28.86 -28.00
C PRO A 631 6.53 -27.63 -28.88
N GLU A 632 5.50 -27.37 -29.70
CA GLU A 632 5.52 -26.18 -30.54
C GLU A 632 5.10 -24.96 -29.69
N TYR A 633 5.36 -23.75 -30.19
CA TYR A 633 5.04 -22.54 -29.43
C TYR A 633 3.58 -22.53 -28.99
N SER A 634 2.63 -22.61 -29.93
CA SER A 634 1.21 -22.60 -29.56
C SER A 634 0.94 -23.66 -28.49
N THR A 635 1.21 -24.94 -28.76
CA THR A 635 0.99 -26.01 -27.78
C THR A 635 1.28 -25.51 -26.38
N LEU A 636 2.44 -24.86 -26.22
CA LEU A 636 2.87 -24.30 -24.93
C LEU A 636 2.10 -23.06 -24.54
N TYR A 637 2.06 -22.07 -25.41
CA TYR A 637 1.36 -20.81 -25.11
C TYR A 637 -0.12 -21.05 -24.75
N ASP A 638 -0.78 -21.93 -25.53
CA ASP A 638 -2.18 -22.29 -25.30
C ASP A 638 -2.32 -22.90 -23.93
N ARG A 639 -1.49 -23.89 -23.64
CA ARG A 639 -1.53 -24.58 -22.35
C ARG A 639 -1.32 -23.61 -21.20
N TRP A 640 -0.43 -22.63 -21.42
CA TRP A 640 -0.07 -21.62 -20.43
C TRP A 640 -1.24 -20.74 -20.06
N LEU A 641 -2.22 -20.61 -20.96
CA LEU A 641 -3.35 -19.72 -20.64
C LEU A 641 -4.35 -20.47 -19.78
N ASP A 642 -4.39 -21.78 -19.95
CA ASP A 642 -5.29 -22.61 -19.14
C ASP A 642 -4.65 -22.92 -17.80
N SER A 643 -3.33 -22.67 -17.67
CA SER A 643 -2.54 -22.91 -16.45
C SER A 643 -3.07 -22.33 -15.19
N PHE A 644 -3.39 -21.05 -15.30
CA PHE A 644 -3.87 -20.20 -14.20
C PHE A 644 -5.19 -20.61 -13.57
N GLY B 1 -38.94 56.71 18.96
CA GLY B 1 -37.78 55.75 18.97
C GLY B 1 -37.91 54.69 17.89
N PRO B 2 -36.79 54.11 17.37
CA PRO B 2 -36.99 53.11 16.32
C PRO B 2 -37.67 51.85 16.90
N GLY B 3 -37.36 51.51 18.14
CA GLY B 3 -37.98 50.36 18.78
C GLY B 3 -39.49 50.42 18.81
N PHE B 4 -40.03 51.59 19.15
CA PHE B 4 -41.47 51.76 19.23
C PHE B 4 -42.06 51.76 17.81
N ASP B 5 -41.51 52.60 16.95
CA ASP B 5 -41.97 52.69 15.58
C ASP B 5 -41.83 51.34 14.91
N TYR B 6 -40.93 50.48 15.42
CA TYR B 6 -40.73 49.14 14.87
C TYR B 6 -41.94 48.31 15.17
N ALA B 7 -42.30 48.27 16.46
CA ALA B 7 -43.47 47.49 16.93
C ALA B 7 -44.67 47.83 16.09
N VAL B 8 -44.91 49.13 15.97
CA VAL B 8 -46.02 49.64 15.17
C VAL B 8 -45.97 48.99 13.78
N ALA B 9 -44.84 49.11 13.08
CA ALA B 9 -44.70 48.58 11.71
C ALA B 9 -44.98 47.09 11.66
N MET B 10 -44.39 46.30 12.56
CA MET B 10 -44.61 44.86 12.53
C MET B 10 -46.07 44.54 12.72
N ALA B 11 -46.69 45.16 13.72
CA ALA B 11 -48.08 44.90 14.01
C ALA B 11 -48.97 45.18 12.78
N LYS B 12 -48.82 46.37 12.19
CA LYS B 12 -49.63 46.74 11.03
C LYS B 12 -49.80 45.67 9.96
N ARG B 13 -48.72 45.03 9.58
CA ARG B 13 -48.77 44.10 8.49
C ARG B 13 -48.92 42.62 8.93
N ASN B 14 -48.50 42.30 10.16
CA ASN B 14 -48.55 40.92 10.67
C ASN B 14 -49.26 40.65 12.01
N ILE B 15 -50.16 41.54 12.45
CA ILE B 15 -50.89 41.28 13.72
C ILE B 15 -52.38 41.55 13.56
N VAL B 16 -53.14 40.47 13.77
CA VAL B 16 -54.61 40.41 13.69
C VAL B 16 -55.24 39.90 14.97
N THR B 17 -56.54 40.18 15.10
CA THR B 17 -57.34 39.77 16.25
C THR B 17 -58.03 38.44 15.96
N ALA B 18 -57.76 37.42 16.78
CA ALA B 18 -58.38 36.11 16.59
C ALA B 18 -59.36 35.80 17.71
N THR B 19 -60.35 34.97 17.42
CA THR B 19 -61.31 34.63 18.46
C THR B 19 -61.63 33.14 18.41
N THR B 20 -61.31 32.46 19.50
CA THR B 20 -61.57 31.05 19.68
C THR B 20 -62.79 30.96 20.57
N SER B 21 -63.32 29.77 20.80
CA SER B 21 -64.47 29.71 21.70
C SER B 21 -64.00 29.93 23.16
N LYS B 22 -62.80 30.50 23.31
CA LYS B 22 -62.23 30.79 24.65
C LYS B 22 -61.76 32.26 24.78
N GLY B 23 -62.50 33.18 24.16
CA GLY B 23 -62.20 34.63 24.20
C GLY B 23 -61.35 35.18 23.08
N GLU B 24 -61.19 36.51 23.04
CA GLU B 24 -60.35 37.15 22.02
C GLU B 24 -58.89 37.01 22.30
N PHE B 25 -58.09 36.89 21.25
CA PHE B 25 -56.62 36.80 21.38
C PHE B 25 -55.87 37.62 20.29
N THR B 26 -54.77 38.23 20.71
CA THR B 26 -53.93 38.99 19.82
C THR B 26 -53.09 37.98 19.12
N MET B 27 -53.29 37.76 17.82
CA MET B 27 -52.50 36.73 17.14
C MET B 27 -51.51 37.27 16.15
N LEU B 28 -50.31 36.68 16.15
CA LEU B 28 -49.25 37.07 15.22
C LEU B 28 -49.19 36.17 14.00
N GLY B 29 -49.23 36.78 12.81
CA GLY B 29 -49.14 36.01 11.56
C GLY B 29 -47.64 35.91 11.30
N VAL B 30 -47.12 34.71 11.06
CA VAL B 30 -45.64 34.60 10.85
C VAL B 30 -45.27 34.70 9.34
N HIS B 31 -45.81 33.79 8.54
CA HIS B 31 -45.58 33.75 7.10
C HIS B 31 -46.71 32.99 6.39
N ASP B 32 -46.79 33.15 5.08
CA ASP B 32 -47.80 32.48 4.25
C ASP B 32 -49.16 32.39 4.94
N ASN B 33 -49.36 31.24 5.59
CA ASN B 33 -50.59 30.90 6.30
C ASN B 33 -50.44 30.67 7.78
N VAL B 34 -49.21 30.52 8.26
CA VAL B 34 -49.03 30.22 9.69
C VAL B 34 -49.14 31.48 10.59
N ALA B 35 -49.71 31.25 11.76
CA ALA B 35 -49.89 32.26 12.79
C ALA B 35 -49.81 31.53 14.12
N ILE B 36 -49.63 32.28 15.22
CA ILE B 36 -49.49 31.68 16.54
C ILE B 36 -50.45 32.24 17.60
N LEU B 37 -50.95 31.36 18.47
CA LEU B 37 -51.84 31.67 19.59
C LEU B 37 -51.28 30.97 20.80
N PRO B 38 -51.56 31.47 22.02
CA PRO B 38 -51.07 30.72 23.16
C PRO B 38 -51.83 29.41 23.25
N THR B 39 -51.18 28.29 23.59
CA THR B 39 -51.93 26.99 23.64
C THR B 39 -53.22 27.01 24.48
N HIS B 40 -53.22 27.71 25.63
CA HIS B 40 -54.43 27.74 26.50
C HIS B 40 -55.60 28.48 25.79
N ALA B 41 -55.29 29.21 24.70
CA ALA B 41 -56.30 29.92 23.92
C ALA B 41 -57.17 28.91 23.17
N SER B 42 -56.71 27.66 23.22
CA SER B 42 -57.34 26.45 22.62
C SER B 42 -58.15 26.68 21.32
N PRO B 43 -57.42 26.81 20.18
CA PRO B 43 -57.90 27.05 18.81
C PRO B 43 -59.20 26.32 18.41
N GLY B 44 -59.08 25.10 17.91
CA GLY B 44 -60.23 24.32 17.46
C GLY B 44 -60.10 24.13 15.96
N GLU B 45 -61.20 24.23 15.23
CA GLU B 45 -61.13 24.03 13.75
C GLU B 45 -61.63 25.26 12.90
N SER B 46 -61.95 26.40 13.54
CA SER B 46 -62.39 27.61 12.81
C SER B 46 -62.35 28.82 13.74
N ILE B 47 -61.71 29.88 13.26
CA ILE B 47 -61.54 31.11 14.01
C ILE B 47 -62.05 32.34 13.27
N VAL B 48 -62.77 33.21 13.97
CA VAL B 48 -63.28 34.43 13.32
C VAL B 48 -62.16 35.52 13.35
N ILE B 49 -61.81 35.97 12.14
CA ILE B 49 -60.76 36.96 11.93
C ILE B 49 -61.29 38.29 11.42
N ASP B 50 -61.16 39.32 12.25
CA ASP B 50 -61.56 40.69 11.92
C ASP B 50 -62.74 40.75 10.98
N GLY B 51 -63.87 40.19 11.40
CA GLY B 51 -65.06 40.17 10.58
C GLY B 51 -65.54 38.76 10.39
N LYS B 52 -65.07 38.10 9.34
CA LYS B 52 -65.50 36.71 9.03
C LYS B 52 -64.59 35.58 9.58
N GLU B 53 -65.10 34.35 9.47
CA GLU B 53 -64.42 33.12 9.93
C GLU B 53 -63.65 32.42 8.82
N VAL B 54 -62.49 31.91 9.23
CA VAL B 54 -61.56 31.19 8.37
C VAL B 54 -61.31 29.80 8.95
N ALA B 55 -61.30 28.78 8.09
CA ALA B 55 -61.08 27.40 8.52
C ALA B 55 -59.62 27.13 8.94
N ILE B 56 -59.41 26.02 9.66
CA ILE B 56 -58.07 25.62 10.13
C ILE B 56 -57.63 24.28 9.53
N LEU B 57 -56.57 24.34 8.71
CA LEU B 57 -56.02 23.16 8.05
C LEU B 57 -55.37 22.19 9.04
N ALA B 58 -54.72 22.75 10.06
CA ALA B 58 -54.03 21.97 11.11
C ALA B 58 -53.44 22.86 12.21
N ALA B 59 -53.51 22.35 13.44
CA ALA B 59 -53.01 23.03 14.62
C ALA B 59 -51.96 22.16 15.33
N LYS B 60 -50.77 22.72 15.50
CA LYS B 60 -49.67 22.02 16.15
C LYS B 60 -49.30 22.68 17.47
N ALA B 61 -49.28 21.90 18.54
CA ALA B 61 -48.92 22.39 19.87
C ALA B 61 -47.45 22.12 20.14
N LEU B 62 -46.66 23.19 20.27
CA LEU B 62 -45.21 23.01 20.50
C LEU B 62 -44.87 22.46 21.90
N ALA B 63 -43.92 21.55 21.91
CA ALA B 63 -43.40 20.93 23.10
C ALA B 63 -41.90 20.99 22.98
N ASP B 64 -41.18 21.12 24.10
CA ASP B 64 -39.72 21.18 24.03
C ASP B 64 -39.12 19.79 23.73
N GLN B 65 -37.80 19.72 23.68
CA GLN B 65 -37.11 18.49 23.35
C GLN B 65 -37.34 17.45 24.46
N ALA B 66 -37.39 17.90 25.72
CA ALA B 66 -37.59 16.98 26.89
C ALA B 66 -39.02 16.43 27.05
N GLY B 67 -40.00 17.33 26.99
CA GLY B 67 -41.41 16.97 27.13
C GLY B 67 -42.28 18.11 27.63
N THR B 68 -41.66 19.09 28.30
CA THR B 68 -42.36 20.25 28.85
C THR B 68 -43.02 21.11 27.79
N ASN B 69 -44.15 21.72 28.15
CA ASN B 69 -44.89 22.60 27.26
C ASN B 69 -44.17 23.92 26.95
N LEU B 70 -44.43 24.45 25.75
CA LEU B 70 -43.85 25.73 25.33
C LEU B 70 -44.93 26.81 25.28
N GLU B 71 -46.18 26.37 25.43
CA GLU B 71 -47.38 27.23 25.45
C GLU B 71 -47.70 27.87 24.08
N ILE B 72 -47.11 27.33 23.01
CA ILE B 72 -47.35 27.87 21.69
C ILE B 72 -48.04 26.86 20.80
N THR B 73 -48.93 27.36 19.94
CA THR B 73 -49.62 26.54 18.94
C THR B 73 -49.54 27.30 17.63
N ILE B 74 -49.03 26.63 16.60
CA ILE B 74 -48.90 27.21 15.30
C ILE B 74 -50.04 26.70 14.47
N ILE B 75 -50.96 27.59 14.10
CA ILE B 75 -52.10 27.15 13.28
C ILE B 75 -51.94 27.59 11.82
N THR B 76 -52.67 26.93 10.92
CA THR B 76 -52.62 27.22 9.49
C THR B 76 -54.02 27.57 8.97
N LEU B 77 -54.14 28.76 8.38
CA LEU B 77 -55.42 29.27 7.86
C LEU B 77 -55.72 28.89 6.41
N LYS B 78 -56.97 28.53 6.14
CA LYS B 78 -57.40 28.15 4.79
C LYS B 78 -58.03 29.39 4.11
N ARG B 79 -57.17 30.32 3.72
CA ARG B 79 -57.59 31.54 3.05
C ARG B 79 -56.55 32.01 2.03
N ASN B 80 -57.03 32.69 1.00
CA ASN B 80 -56.22 33.26 -0.11
C ASN B 80 -55.19 34.35 0.34
N GLU B 81 -55.27 34.73 1.61
CA GLU B 81 -54.44 35.73 2.28
C GLU B 81 -52.97 35.32 2.38
N LYS B 82 -52.09 36.29 2.64
CA LYS B 82 -50.62 36.08 2.78
C LYS B 82 -49.93 37.03 3.76
N PHE B 83 -49.35 36.48 4.83
CA PHE B 83 -48.62 37.27 5.82
C PHE B 83 -47.20 37.66 5.35
N ARG B 84 -46.68 38.84 5.75
CA ARG B 84 -45.31 39.14 5.38
C ARG B 84 -44.47 38.12 5.99
N ASP B 85 -43.59 37.52 5.22
CA ASP B 85 -42.71 36.56 5.79
C ASP B 85 -41.82 37.34 6.77
N ILE B 86 -42.09 37.19 8.06
CA ILE B 86 -41.27 37.91 9.04
C ILE B 86 -40.36 36.91 9.78
N ARG B 87 -40.29 35.68 9.25
CA ARG B 87 -39.43 34.62 9.83
C ARG B 87 -38.05 35.19 10.15
N PRO B 88 -37.41 35.91 9.18
CA PRO B 88 -36.09 36.53 9.46
C PRO B 88 -36.08 37.48 10.66
N HIS B 89 -37.24 37.94 11.13
CA HIS B 89 -37.25 38.84 12.29
C HIS B 89 -37.22 38.08 13.59
N ILE B 90 -37.54 36.80 13.50
CA ILE B 90 -37.56 35.93 14.65
C ILE B 90 -36.14 35.47 14.82
N PRO B 91 -35.60 35.52 16.05
CA PRO B 91 -34.22 35.13 16.29
C PRO B 91 -34.00 33.65 16.13
N THR B 92 -32.74 33.21 16.07
CA THR B 92 -32.50 31.79 15.95
C THR B 92 -32.56 31.23 17.35
N GLN B 93 -32.05 31.99 18.32
CA GLN B 93 -32.04 31.55 19.73
C GLN B 93 -32.86 32.46 20.67
N ILE B 94 -33.05 31.99 21.90
CA ILE B 94 -33.79 32.69 22.94
C ILE B 94 -33.19 34.08 23.13
N THR B 95 -33.98 35.13 22.96
CA THR B 95 -33.43 36.50 23.11
C THR B 95 -33.96 37.30 24.30
N GLU B 96 -33.01 37.97 24.94
CA GLU B 96 -33.25 38.85 26.05
C GLU B 96 -33.02 40.26 25.59
N THR B 97 -34.02 41.12 25.66
CA THR B 97 -33.81 42.52 25.28
C THR B 97 -33.81 43.35 26.55
N ASN B 98 -33.24 44.55 26.46
CA ASN B 98 -33.18 45.45 27.61
C ASN B 98 -34.30 46.49 27.62
N ASP B 99 -34.88 46.69 26.43
CA ASP B 99 -35.95 47.63 26.22
C ASP B 99 -36.98 46.95 25.31
N GLY B 100 -37.93 46.24 25.90
CA GLY B 100 -38.94 45.57 25.07
C GLY B 100 -40.30 46.26 25.04
N VAL B 101 -41.09 45.86 24.04
CA VAL B 101 -42.44 46.35 23.82
C VAL B 101 -43.42 45.22 23.68
N LEU B 102 -44.55 45.35 24.40
CA LEU B 102 -45.64 44.37 24.33
C LEU B 102 -46.68 44.89 23.36
N ILE B 103 -46.96 44.09 22.34
CA ILE B 103 -47.92 44.49 21.34
C ILE B 103 -49.18 43.72 21.64
N VAL B 104 -50.32 44.40 21.57
CA VAL B 104 -51.61 43.82 21.82
C VAL B 104 -52.63 44.54 20.97
N ASN B 105 -53.68 43.84 20.59
CA ASN B 105 -54.73 44.44 19.78
C ASN B 105 -55.93 43.51 19.71
N THR B 106 -56.89 43.79 20.57
CA THR B 106 -58.13 43.10 20.66
C THR B 106 -59.17 44.20 20.48
N SER B 107 -60.42 43.95 20.88
CA SER B 107 -61.44 44.97 20.79
C SER B 107 -61.47 45.60 22.19
N LYS B 108 -60.92 44.85 23.15
CA LYS B 108 -60.81 45.26 24.54
C LYS B 108 -59.60 46.18 24.74
N TYR B 109 -58.49 45.83 24.10
CA TYR B 109 -57.26 46.61 24.15
C TYR B 109 -56.90 46.95 22.72
N PRO B 110 -57.57 47.96 22.16
CA PRO B 110 -57.26 48.31 20.79
C PRO B 110 -55.91 49.00 20.72
N ASN B 111 -55.07 48.52 19.81
CA ASN B 111 -53.76 49.06 19.57
C ASN B 111 -53.02 49.40 20.85
N MET B 112 -52.48 48.37 21.50
CA MET B 112 -51.76 48.55 22.75
C MET B 112 -50.30 48.34 22.59
N TYR B 113 -49.49 49.36 22.92
CA TYR B 113 -48.03 49.23 22.83
C TYR B 113 -47.44 49.58 24.18
N VAL B 114 -46.99 48.59 24.94
CA VAL B 114 -46.45 48.88 26.28
C VAL B 114 -44.94 48.69 26.45
N PRO B 115 -44.23 49.76 26.86
CA PRO B 115 -42.82 49.64 27.08
C PRO B 115 -42.64 48.89 28.38
N VAL B 116 -42.53 47.57 28.27
CA VAL B 116 -42.39 46.71 29.44
C VAL B 116 -40.99 46.72 30.06
N GLY B 117 -40.03 47.37 29.40
CA GLY B 117 -38.67 47.42 29.93
C GLY B 117 -37.85 46.15 29.69
N ALA B 118 -36.93 45.87 30.61
CA ALA B 118 -36.05 44.70 30.52
C ALA B 118 -36.80 43.37 30.41
N VAL B 119 -36.44 42.58 29.39
CA VAL B 119 -37.05 41.29 29.13
C VAL B 119 -36.01 40.19 29.41
N THR B 120 -35.89 39.78 30.67
CA THR B 120 -34.91 38.75 31.04
C THR B 120 -35.47 37.36 30.73
N GLU B 121 -34.60 36.37 30.79
CA GLU B 121 -35.00 35.00 30.51
C GLU B 121 -35.40 34.30 31.80
N GLN B 122 -36.61 33.76 31.81
CA GLN B 122 -37.14 33.04 32.97
C GLN B 122 -36.89 31.54 32.81
N GLY B 123 -35.98 31.03 33.62
CA GLY B 123 -35.63 29.62 33.56
C GLY B 123 -36.83 28.69 33.62
N TYR B 124 -37.32 28.47 34.85
CA TYR B 124 -38.44 27.57 35.11
C TYR B 124 -39.69 28.33 35.54
N LEU B 125 -40.82 28.01 34.91
CA LEU B 125 -42.09 28.70 35.24
C LEU B 125 -43.34 27.81 35.30
N ASN B 126 -44.01 27.84 36.44
CA ASN B 126 -45.21 27.07 36.62
C ASN B 126 -46.38 27.96 36.30
N LEU B 127 -46.92 27.81 35.09
CA LEU B 127 -48.06 28.62 34.61
C LEU B 127 -49.40 28.07 35.11
N GLY B 128 -50.23 28.95 35.67
CA GLY B 128 -51.55 28.58 36.20
C GLY B 128 -52.09 27.25 35.70
N GLY B 129 -51.73 26.16 36.37
CA GLY B 129 -52.17 24.83 35.98
C GLY B 129 -51.14 23.99 35.23
N ARG B 130 -50.73 24.44 34.04
CA ARG B 130 -49.77 23.69 33.23
C ARG B 130 -48.40 24.32 33.21
N GLN B 131 -47.36 23.54 33.55
CA GLN B 131 -45.97 24.06 33.57
C GLN B 131 -45.38 24.31 32.16
N THR B 132 -44.65 25.40 32.02
CA THR B 132 -44.03 25.73 30.71
C THR B 132 -42.53 26.02 30.87
N ALA B 133 -41.79 25.85 29.78
CA ALA B 133 -40.33 26.05 29.80
C ALA B 133 -39.86 27.47 29.41
N ARG B 134 -39.16 27.52 28.27
CA ARG B 134 -38.54 28.73 27.68
C ARG B 134 -39.40 29.96 27.72
N THR B 135 -39.36 30.66 28.84
CA THR B 135 -40.14 31.90 28.97
C THR B 135 -39.27 33.07 29.29
N LEU B 136 -39.89 34.24 29.19
CA LEU B 136 -39.24 35.47 29.46
C LEU B 136 -40.15 36.31 30.33
N MET B 137 -39.61 36.93 31.36
CA MET B 137 -40.42 37.80 32.19
C MET B 137 -40.04 39.26 31.98
N TYR B 138 -40.91 40.11 32.49
CA TYR B 138 -40.75 41.55 32.45
C TYR B 138 -41.55 42.09 33.63
N ASN B 139 -40.96 43.05 34.33
CA ASN B 139 -41.56 43.63 35.53
C ASN B 139 -42.70 44.59 35.22
N PHE B 140 -43.71 44.11 34.49
CA PHE B 140 -44.86 44.97 34.17
C PHE B 140 -46.16 44.24 34.46
N PRO B 141 -46.98 44.79 35.40
CA PRO B 141 -48.26 44.20 35.81
C PRO B 141 -49.20 43.99 34.63
N THR B 142 -48.94 42.94 33.86
CA THR B 142 -49.78 42.60 32.74
C THR B 142 -51.14 42.25 33.29
N ARG B 143 -52.11 42.10 32.41
CA ARG B 143 -53.43 41.79 32.89
C ARG B 143 -54.00 40.66 32.01
N ALA B 144 -55.18 40.17 32.37
CA ALA B 144 -55.85 39.09 31.64
C ALA B 144 -56.30 39.50 30.22
N GLY B 145 -56.22 38.56 29.28
CA GLY B 145 -56.62 38.83 27.90
C GLY B 145 -55.59 39.60 27.09
N GLN B 146 -54.33 39.46 27.46
CA GLN B 146 -53.24 40.10 26.75
C GLN B 146 -52.38 39.01 26.16
N ALA B 147 -52.79 37.76 26.41
CA ALA B 147 -52.09 36.60 25.89
C ALA B 147 -52.20 36.62 24.39
N GLY B 148 -51.10 36.30 23.73
CA GLY B 148 -51.08 36.29 22.29
C GLY B 148 -50.25 37.48 21.84
N GLY B 149 -50.24 38.50 22.68
CA GLY B 149 -49.47 39.71 22.42
C GLY B 149 -48.02 39.38 22.12
N VAL B 150 -47.43 40.19 21.25
CA VAL B 150 -46.05 40.00 20.85
C VAL B 150 -45.08 40.87 21.67
N ILE B 151 -43.88 40.33 21.89
CA ILE B 151 -42.82 41.01 22.60
C ILE B 151 -41.73 41.24 21.59
N THR B 152 -41.51 42.51 21.24
CA THR B 152 -40.50 42.89 20.27
C THR B 152 -39.53 43.94 20.77
N CYS B 153 -38.47 44.12 19.99
CA CYS B 153 -37.44 45.12 20.23
C CYS B 153 -36.89 45.42 18.84
N THR B 154 -36.33 46.60 18.65
CA THR B 154 -35.80 46.98 17.33
C THR B 154 -35.22 45.83 16.46
N GLY B 155 -36.00 45.45 15.44
CA GLY B 155 -35.60 44.41 14.49
C GLY B 155 -35.86 42.96 14.83
N LYS B 156 -36.30 42.71 16.06
CA LYS B 156 -36.57 41.37 16.53
C LYS B 156 -37.96 41.18 17.08
N VAL B 157 -38.49 39.98 16.87
CA VAL B 157 -39.78 39.60 17.40
C VAL B 157 -39.31 38.48 18.28
N ILE B 158 -39.20 38.75 19.58
CA ILE B 158 -38.62 37.73 20.50
C ILE B 158 -39.59 36.80 21.27
N GLY B 159 -40.83 37.22 21.52
CA GLY B 159 -41.71 36.34 22.27
C GLY B 159 -43.19 36.55 22.08
N MET B 160 -43.96 35.64 22.68
CA MET B 160 -45.40 35.70 22.62
C MET B 160 -45.92 35.71 24.03
N HIS B 161 -46.64 36.77 24.41
CA HIS B 161 -47.18 36.86 25.75
C HIS B 161 -48.18 35.73 25.96
N VAL B 162 -48.02 35.01 27.08
CA VAL B 162 -48.88 33.87 27.41
C VAL B 162 -49.44 33.87 28.82
N GLY B 163 -49.16 34.92 29.59
CA GLY B 163 -49.65 35.02 30.97
C GLY B 163 -48.92 35.99 31.90
N GLY B 164 -49.22 35.88 33.20
CA GLY B 164 -48.61 36.74 34.20
C GLY B 164 -49.10 36.41 35.58
N ASN B 165 -48.38 36.86 36.60
CA ASN B 165 -48.74 36.60 38.00
C ASN B 165 -49.17 37.85 38.80
N GLY B 166 -49.57 38.91 38.10
CA GLY B 166 -50.01 40.13 38.78
C GLY B 166 -49.00 41.26 38.83
N SER B 167 -47.77 40.95 39.28
CA SER B 167 -46.71 41.97 39.36
C SER B 167 -45.79 41.88 38.15
N HIS B 168 -45.67 40.68 37.59
CA HIS B 168 -44.82 40.40 36.41
C HIS B 168 -45.62 39.76 35.29
N GLY B 169 -45.08 39.79 34.09
CA GLY B 169 -45.73 39.21 32.91
C GLY B 169 -44.80 38.21 32.25
N PHE B 170 -45.37 37.21 31.59
CA PHE B 170 -44.53 36.16 30.95
C PHE B 170 -44.82 35.95 29.47
N ALA B 171 -43.80 35.45 28.77
CA ALA B 171 -43.90 35.20 27.34
C ALA B 171 -43.12 33.97 26.88
N ALA B 172 -43.69 33.24 25.93
CA ALA B 172 -43.02 32.09 25.39
C ALA B 172 -42.04 32.63 24.38
N ALA B 173 -40.75 32.32 24.54
CA ALA B 173 -39.73 32.83 23.61
C ALA B 173 -39.86 32.24 22.21
N LEU B 174 -39.67 33.07 21.19
CA LEU B 174 -39.76 32.62 19.79
C LEU B 174 -38.37 32.41 19.21
N LYS B 175 -38.27 31.41 18.34
CA LYS B 175 -37.04 31.01 17.64
C LYS B 175 -37.36 30.63 16.20
N ARG B 176 -36.55 31.11 15.25
CA ARG B 176 -36.80 30.86 13.82
C ARG B 176 -36.98 29.35 13.53
N SER B 177 -36.38 28.48 14.35
CA SER B 177 -36.46 27.01 14.24
C SER B 177 -37.88 26.49 14.08
N TYR B 178 -38.74 27.00 14.95
CA TYR B 178 -40.17 26.73 15.04
C TYR B 178 -40.95 26.93 13.75
N PHE B 179 -40.33 27.43 12.69
CA PHE B 179 -41.08 27.70 11.45
C PHE B 179 -40.42 27.26 10.14
N THR B 180 -39.10 27.35 10.02
CA THR B 180 -38.46 26.91 8.77
C THR B 180 -37.79 25.54 8.97
N GLN B 181 -38.37 24.55 8.30
CA GLN B 181 -37.89 23.18 8.30
C GLN B 181 -38.45 22.58 7.01
N SER B 182 -38.28 23.34 5.94
CA SER B 182 -38.76 22.99 4.61
C SER B 182 -37.81 22.04 3.85
N GLN B 183 -38.32 20.85 3.52
CA GLN B 183 -37.55 19.86 2.75
C GLN B 183 -37.42 20.33 1.31
N GLY B 184 -38.29 21.26 0.93
CA GLY B 184 -38.26 21.86 -0.40
C GLY B 184 -37.76 23.28 -0.17
N GLU B 185 -36.55 23.41 0.41
CA GLU B 185 -35.97 24.75 0.70
C GLU B 185 -35.11 25.37 -0.44
N ILE B 186 -35.74 26.37 -1.03
CA ILE B 186 -35.27 27.18 -2.10
C ILE B 186 -35.05 28.58 -1.56
N GLN B 187 -34.19 29.38 -2.20
CA GLN B 187 -33.99 30.73 -1.71
C GLN B 187 -35.19 31.61 -2.03
N TRP B 188 -35.74 31.46 -3.22
CA TRP B 188 -36.89 32.24 -3.65
C TRP B 188 -37.44 31.67 -4.92
N MET B 189 -38.74 31.83 -5.16
CA MET B 189 -39.27 31.38 -6.42
C MET B 189 -40.43 32.26 -6.70
N ARG B 190 -40.67 32.51 -7.98
CA ARG B 190 -41.81 33.35 -8.33
C ARG B 190 -42.11 33.29 -9.84
N PRO B 191 -43.36 33.61 -10.21
CA PRO B 191 -43.91 33.64 -11.56
C PRO B 191 -42.85 33.95 -12.59
N SER B 192 -42.67 33.06 -13.56
CA SER B 192 -41.62 33.26 -14.59
C SER B 192 -41.88 34.53 -15.43
N LYS B 193 -43.14 34.88 -15.68
CA LYS B 193 -43.45 36.09 -16.47
C LYS B 193 -42.93 37.36 -15.77
N GLU B 194 -42.92 37.34 -14.44
CA GLU B 194 -42.45 38.46 -13.59
C GLU B 194 -40.95 38.71 -13.65
N VAL B 195 -40.18 37.72 -14.06
CA VAL B 195 -38.74 37.96 -14.11
C VAL B 195 -38.28 37.84 -15.57
N GLY B 196 -39.16 38.14 -16.52
CA GLY B 196 -38.84 38.08 -17.95
C GLY B 196 -38.74 36.73 -18.66
N TYR B 197 -38.44 35.65 -17.92
CA TYR B 197 -38.31 34.29 -18.51
C TYR B 197 -39.63 33.67 -19.03
N PRO B 198 -39.55 32.72 -19.99
CA PRO B 198 -40.74 32.06 -20.56
C PRO B 198 -41.17 30.77 -19.83
N ILE B 199 -42.42 30.37 -20.08
CA ILE B 199 -43.02 29.16 -19.52
C ILE B 199 -42.36 27.91 -20.11
N ILE B 200 -42.39 26.79 -19.38
CA ILE B 200 -41.77 25.53 -19.85
C ILE B 200 -42.76 24.37 -19.97
N ASN B 201 -42.89 23.78 -21.16
CA ASN B 201 -43.79 22.63 -21.33
C ASN B 201 -43.19 21.36 -20.74
N ALA B 202 -44.05 20.51 -20.20
CA ALA B 202 -43.58 19.28 -19.61
C ALA B 202 -44.39 18.10 -20.11
N PRO B 203 -43.87 17.33 -21.10
CA PRO B 203 -44.67 16.21 -21.56
C PRO B 203 -45.34 15.60 -20.34
N SER B 204 -46.66 15.73 -20.27
CA SER B 204 -47.47 15.26 -19.15
C SER B 204 -47.60 13.73 -19.02
N LYS B 205 -47.68 13.06 -20.17
CA LYS B 205 -47.84 11.60 -20.25
C LYS B 205 -46.49 10.96 -20.55
N THR B 206 -46.18 9.88 -19.83
CA THR B 206 -44.91 9.13 -19.97
C THR B 206 -44.74 8.45 -21.32
N LYS B 207 -43.48 8.15 -21.69
CA LYS B 207 -43.22 7.45 -22.96
C LYS B 207 -42.91 5.97 -22.72
N LEU B 208 -42.68 5.60 -21.46
CA LEU B 208 -42.44 4.22 -21.06
C LEU B 208 -43.70 3.35 -21.14
N GLU B 209 -43.69 2.34 -22.00
CA GLU B 209 -44.87 1.50 -22.09
C GLU B 209 -44.43 0.05 -21.86
N PRO B 210 -45.37 -0.87 -21.55
CA PRO B 210 -44.97 -2.26 -21.36
C PRO B 210 -44.40 -2.85 -22.65
N SER B 211 -43.29 -3.56 -22.50
CA SER B 211 -42.61 -4.17 -23.61
C SER B 211 -43.14 -5.52 -23.89
N ALA B 212 -42.70 -6.12 -24.98
CA ALA B 212 -43.14 -7.46 -25.31
C ALA B 212 -42.86 -8.47 -24.19
N PHE B 213 -41.96 -8.11 -23.28
CA PHE B 213 -41.58 -9.01 -22.19
C PHE B 213 -42.06 -8.54 -20.81
N HIS B 214 -43.00 -7.59 -20.79
CA HIS B 214 -43.55 -7.03 -19.55
C HIS B 214 -43.98 -8.14 -18.62
N TYR B 215 -44.65 -9.15 -19.14
CA TYR B 215 -45.07 -10.26 -18.25
C TYR B 215 -44.29 -11.55 -18.47
N VAL B 216 -43.12 -11.46 -19.07
CA VAL B 216 -42.30 -12.65 -19.27
C VAL B 216 -41.37 -12.74 -18.07
N PHE B 217 -40.90 -11.60 -17.59
CA PHE B 217 -40.03 -11.52 -16.43
C PHE B 217 -40.76 -10.83 -15.28
N GLU B 218 -40.25 -10.97 -14.07
CA GLU B 218 -40.89 -10.31 -12.93
C GLU B 218 -40.31 -8.92 -12.76
N GLY B 219 -41.11 -8.01 -12.20
CA GLY B 219 -40.66 -6.64 -11.98
C GLY B 219 -41.64 -5.83 -11.18
N VAL B 220 -41.15 -4.90 -10.38
CA VAL B 220 -42.05 -4.09 -9.58
C VAL B 220 -41.91 -2.60 -9.88
N LYS B 221 -40.91 -2.18 -10.67
CA LYS B 221 -40.81 -0.73 -10.99
C LYS B 221 -41.84 -0.26 -12.03
N GLU B 222 -42.18 1.02 -11.96
CA GLU B 222 -43.12 1.67 -12.85
C GLU B 222 -42.62 3.05 -13.25
N PRO B 223 -43.21 3.64 -14.29
CA PRO B 223 -42.76 4.98 -14.65
C PRO B 223 -43.02 5.94 -13.50
N ALA B 224 -42.09 6.90 -13.32
CA ALA B 224 -42.16 7.89 -12.28
C ALA B 224 -43.38 8.79 -12.51
N VAL B 225 -43.89 9.40 -11.44
CA VAL B 225 -45.07 10.24 -11.59
C VAL B 225 -44.71 11.49 -12.38
N LEU B 226 -45.58 11.89 -13.29
CA LEU B 226 -45.27 13.10 -14.07
C LEU B 226 -46.27 14.24 -13.83
N THR B 227 -47.47 13.97 -13.32
CA THR B 227 -48.37 15.11 -13.06
C THR B 227 -49.20 14.91 -11.79
N LYS B 228 -49.77 16.01 -11.33
CA LYS B 228 -50.62 16.11 -10.17
C LYS B 228 -51.73 15.06 -10.14
N ASN B 229 -52.28 14.78 -11.33
CA ASN B 229 -53.40 13.83 -11.49
C ASN B 229 -53.09 12.36 -11.22
N ASP B 230 -51.98 11.85 -11.76
CA ASP B 230 -51.54 10.44 -11.61
C ASP B 230 -52.12 9.79 -10.35
N PRO B 231 -53.20 9.02 -10.53
CA PRO B 231 -53.95 8.31 -9.49
C PRO B 231 -53.08 7.44 -8.57
N ARG B 232 -51.83 7.21 -8.93
CA ARG B 232 -50.96 6.38 -8.12
C ARG B 232 -50.42 7.13 -6.91
N LEU B 233 -50.47 8.46 -6.96
CA LEU B 233 -49.96 9.34 -5.87
C LEU B 233 -50.70 9.22 -4.55
N LYS B 234 -49.94 9.34 -3.45
CA LYS B 234 -50.50 9.27 -2.10
C LYS B 234 -50.15 10.54 -1.31
N THR B 235 -49.55 11.51 -2.00
CA THR B 235 -49.15 12.79 -1.43
C THR B 235 -49.10 13.85 -2.52
N ASP B 236 -49.03 15.12 -2.13
CA ASP B 236 -48.98 16.23 -3.09
C ASP B 236 -47.70 16.10 -3.92
N PHE B 237 -47.88 16.13 -5.24
CA PHE B 237 -46.78 15.98 -6.24
C PHE B 237 -45.78 17.15 -6.29
N GLU B 238 -46.27 18.38 -6.45
CA GLU B 238 -45.41 19.56 -6.48
C GLU B 238 -44.52 19.62 -5.26
N GLU B 239 -45.17 19.48 -4.11
CA GLU B 239 -44.51 19.53 -2.83
C GLU B 239 -43.46 18.42 -2.70
N ALA B 240 -43.76 17.26 -3.28
CA ALA B 240 -42.83 16.14 -3.19
C ALA B 240 -41.57 16.32 -4.06
N ILE B 241 -41.70 16.64 -5.34
CA ILE B 241 -40.48 16.73 -6.19
C ILE B 241 -39.47 17.75 -5.66
N PHE B 242 -39.99 18.86 -5.13
CA PHE B 242 -39.11 19.93 -4.59
C PHE B 242 -38.48 19.52 -3.25
N SER B 243 -39.06 18.55 -2.55
CA SER B 243 -38.47 18.15 -1.28
C SER B 243 -37.08 17.56 -1.51
N LYS B 244 -36.61 17.58 -2.76
CA LYS B 244 -35.29 17.04 -3.03
C LYS B 244 -34.26 18.03 -2.54
N TYR B 245 -34.57 19.34 -2.62
CA TYR B 245 -33.68 20.45 -2.20
C TYR B 245 -33.66 20.49 -0.69
N VAL B 246 -32.61 19.97 -0.07
CA VAL B 246 -32.57 19.90 1.40
C VAL B 246 -32.09 21.21 2.03
N GLY B 247 -31.24 21.94 1.31
CA GLY B 247 -30.74 23.21 1.83
C GLY B 247 -29.49 23.08 2.69
N ASN B 248 -28.55 23.99 2.42
CA ASN B 248 -27.26 24.13 3.06
C ASN B 248 -27.12 23.65 4.48
N LYS B 249 -26.29 22.65 4.73
CA LYS B 249 -26.11 22.23 6.11
C LYS B 249 -24.91 23.00 6.68
N ILE B 250 -23.87 23.20 5.86
CA ILE B 250 -22.66 23.92 6.30
C ILE B 250 -22.18 25.01 5.29
N THR B 251 -21.49 26.02 5.80
CA THR B 251 -20.97 27.10 4.98
C THR B 251 -19.45 27.05 4.86
N GLU B 252 -18.80 26.86 6.02
CA GLU B 252 -17.32 26.81 6.18
C GLU B 252 -16.60 25.48 5.93
N VAL B 253 -15.44 25.59 5.27
CA VAL B 253 -14.58 24.50 4.97
C VAL B 253 -13.69 24.39 6.17
N ASP B 254 -13.92 23.41 7.02
CA ASP B 254 -13.10 23.27 8.23
C ASP B 254 -11.75 22.65 7.96
N GLU B 255 -10.92 22.64 8.99
CA GLU B 255 -9.57 22.08 8.94
C GLU B 255 -9.57 20.72 8.22
N TYR B 256 -10.40 19.76 8.66
CA TYR B 256 -10.42 18.43 8.02
C TYR B 256 -10.63 18.48 6.50
N MET B 257 -11.66 19.19 6.04
CA MET B 257 -11.92 19.33 4.63
C MET B 257 -10.72 19.98 3.96
N LYS B 258 -10.13 21.00 4.58
CA LYS B 258 -8.95 21.65 4.00
C LYS B 258 -7.83 20.64 3.81
N GLU B 259 -7.64 19.73 4.78
CA GLU B 259 -6.52 18.80 4.62
C GLU B 259 -6.90 17.79 3.57
N ALA B 260 -8.19 17.50 3.45
CA ALA B 260 -8.64 16.58 2.41
C ALA B 260 -8.33 17.27 1.06
N VAL B 261 -8.63 18.56 0.97
CA VAL B 261 -8.36 19.32 -0.23
C VAL B 261 -6.90 19.20 -0.55
N ASP B 262 -6.04 19.50 0.43
CA ASP B 262 -4.59 19.43 0.22
C ASP B 262 -4.14 18.06 -0.28
N HIS B 263 -4.53 16.99 0.44
CA HIS B 263 -4.09 15.64 0.03
C HIS B 263 -4.54 15.30 -1.39
N TYR B 264 -5.85 15.24 -1.62
CA TYR B 264 -6.38 14.85 -2.95
C TYR B 264 -5.83 15.72 -4.10
N ALA B 265 -5.73 17.04 -3.92
CA ALA B 265 -5.17 17.87 -4.99
C ALA B 265 -3.74 17.36 -5.24
N GLY B 266 -3.07 17.02 -4.14
CA GLY B 266 -1.72 16.48 -4.20
C GLY B 266 -1.65 15.29 -5.14
N GLN B 267 -2.49 14.27 -4.93
CA GLN B 267 -2.49 13.06 -5.82
C GLN B 267 -2.60 13.37 -7.30
N LEU B 268 -3.52 14.28 -7.62
CA LEU B 268 -3.82 14.68 -8.99
C LEU B 268 -2.64 15.30 -9.73
N MET B 269 -1.68 15.80 -8.99
CA MET B 269 -0.62 16.51 -9.74
C MET B 269 0.27 15.54 -10.51
N SER B 270 0.36 14.28 -10.12
CA SER B 270 1.20 13.34 -10.89
C SER B 270 0.61 13.22 -12.29
N LEU B 271 -0.71 13.25 -12.41
CA LEU B 271 -1.42 13.16 -13.70
C LEU B 271 -1.00 14.21 -14.71
N ASP B 272 -0.29 15.22 -14.21
CA ASP B 272 0.20 16.35 -15.01
C ASP B 272 -0.89 16.76 -16.02
N ILE B 273 -2.02 17.19 -15.46
CA ILE B 273 -3.17 17.59 -16.27
C ILE B 273 -2.86 18.86 -17.03
N ASN B 274 -3.30 18.91 -18.28
CA ASN B 274 -3.12 20.07 -19.15
C ASN B 274 -4.03 21.20 -18.69
N THR B 275 -3.46 22.30 -18.18
CA THR B 275 -4.32 23.37 -17.67
C THR B 275 -4.78 24.36 -18.75
N GLU B 276 -4.26 24.30 -19.97
CA GLU B 276 -4.75 25.24 -20.96
C GLU B 276 -6.22 25.01 -21.18
N GLN B 277 -6.88 26.06 -21.64
CA GLN B 277 -8.26 26.01 -21.97
C GLN B 277 -8.43 25.10 -23.18
N MET B 278 -9.61 24.53 -23.40
CA MET B 278 -9.80 23.70 -24.58
C MET B 278 -10.42 24.60 -25.64
N CYS B 279 -9.93 24.48 -26.87
CA CYS B 279 -10.45 25.29 -27.96
C CYS B 279 -11.91 24.93 -28.21
N LEU B 280 -12.65 25.93 -28.69
CA LEU B 280 -14.08 25.77 -28.99
C LEU B 280 -14.41 24.56 -29.87
N GLU B 281 -13.63 24.32 -30.93
CA GLU B 281 -13.91 23.21 -31.83
C GLU B 281 -13.89 21.86 -31.12
N ASP B 282 -12.85 21.62 -30.32
CA ASP B 282 -12.75 20.36 -29.58
C ASP B 282 -13.82 20.26 -28.52
N ALA B 283 -14.10 21.40 -27.89
CA ALA B 283 -15.10 21.50 -26.83
C ALA B 283 -16.44 21.03 -27.33
N MET B 284 -16.74 21.36 -28.58
CA MET B 284 -18.01 20.98 -29.18
C MET B 284 -18.03 19.61 -29.81
N TYR B 285 -17.12 19.38 -30.76
CA TYR B 285 -17.12 18.11 -31.53
C TYR B 285 -16.23 16.98 -30.96
N GLY B 286 -15.50 17.25 -29.89
CA GLY B 286 -14.69 16.23 -29.26
C GLY B 286 -13.28 16.06 -29.76
N THR B 287 -12.47 15.47 -28.89
CA THR B 287 -11.07 15.19 -29.17
C THR B 287 -10.74 13.91 -28.41
N ASP B 288 -9.44 13.60 -28.32
CA ASP B 288 -8.97 12.41 -27.64
C ASP B 288 -9.28 12.47 -26.17
N GLY B 289 -10.18 11.58 -25.74
CA GLY B 289 -10.59 11.51 -24.35
C GLY B 289 -11.78 12.37 -24.00
N LEU B 290 -12.45 12.91 -25.02
CA LEU B 290 -13.65 13.73 -24.82
C LEU B 290 -14.62 13.58 -25.96
N GLU B 291 -15.78 13.04 -25.65
CA GLU B 291 -16.84 12.83 -26.64
C GLU B 291 -17.40 14.14 -27.14
N ALA B 292 -18.09 14.09 -28.27
CA ALA B 292 -18.69 15.30 -28.78
C ALA B 292 -19.94 15.56 -27.96
N LEU B 293 -20.46 16.78 -28.03
CA LEU B 293 -21.68 17.15 -27.32
C LEU B 293 -22.79 16.10 -27.53
N ASP B 294 -23.48 15.76 -26.45
CA ASP B 294 -24.56 14.80 -26.51
C ASP B 294 -25.70 15.51 -27.21
N LEU B 295 -26.28 14.88 -28.22
CA LEU B 295 -27.38 15.54 -28.95
C LEU B 295 -28.76 15.17 -28.42
N SER B 296 -28.84 14.11 -27.62
CA SER B 296 -30.10 13.66 -27.06
C SER B 296 -30.53 14.54 -25.89
N THR B 297 -29.58 15.21 -25.23
CA THR B 297 -29.91 16.09 -24.10
C THR B 297 -30.59 17.38 -24.58
N SER B 298 -31.17 18.11 -23.64
CA SER B 298 -31.87 19.37 -23.95
C SER B 298 -30.94 20.53 -24.30
N ALA B 299 -31.41 21.35 -25.24
CA ALA B 299 -30.67 22.51 -25.70
C ALA B 299 -30.64 23.60 -24.62
N GLY B 300 -31.65 23.59 -23.73
CA GLY B 300 -31.72 24.57 -22.65
C GLY B 300 -32.18 25.93 -23.08
N TYR B 301 -32.12 26.87 -22.14
CA TYR B 301 -32.55 28.26 -22.37
C TYR B 301 -31.46 29.10 -23.06
N PRO B 302 -31.83 29.93 -24.03
CA PRO B 302 -33.19 30.16 -24.53
C PRO B 302 -33.58 29.29 -25.73
N TYR B 303 -32.70 28.41 -26.15
CA TYR B 303 -32.93 27.56 -27.35
C TYR B 303 -34.26 26.77 -27.33
N VAL B 304 -34.61 26.13 -26.22
CA VAL B 304 -35.86 25.35 -26.17
C VAL B 304 -37.08 26.24 -26.40
N ALA B 305 -36.93 27.53 -26.10
CA ALA B 305 -38.00 28.52 -26.30
C ALA B 305 -37.92 29.19 -27.67
N MET B 306 -36.97 28.75 -28.50
CA MET B 306 -36.79 29.29 -29.84
C MET B 306 -37.01 28.22 -30.89
N GLY B 307 -37.32 27.01 -30.43
CA GLY B 307 -37.56 25.88 -31.31
C GLY B 307 -36.29 25.43 -32.04
N LYS B 308 -35.13 25.82 -31.51
CA LYS B 308 -33.84 25.49 -32.12
C LYS B 308 -33.17 24.34 -31.36
N LYS B 309 -32.99 23.21 -32.05
CA LYS B 309 -32.38 21.99 -31.44
C LYS B 309 -30.86 21.94 -31.67
N LYS B 310 -30.20 20.97 -31.04
CA LYS B 310 -28.70 20.89 -31.15
C LYS B 310 -28.22 20.67 -32.60
N ARG B 311 -28.70 19.57 -33.22
CA ARG B 311 -28.33 19.21 -34.62
C ARG B 311 -28.45 20.36 -35.66
N ASP B 312 -29.21 21.41 -35.36
CA ASP B 312 -29.33 22.54 -36.29
C ASP B 312 -28.11 23.44 -36.20
N ILE B 313 -27.39 23.29 -35.09
CA ILE B 313 -26.19 24.06 -34.76
C ILE B 313 -24.89 23.35 -35.08
N LEU B 314 -24.88 22.03 -34.96
CA LEU B 314 -23.68 21.21 -35.19
C LEU B 314 -23.57 20.52 -36.55
N ASN B 315 -22.33 20.40 -37.00
CA ASN B 315 -21.90 19.72 -38.21
C ASN B 315 -20.77 18.83 -37.83
N LYS B 316 -21.06 17.65 -37.25
CA LYS B 316 -19.88 16.79 -36.84
C LYS B 316 -19.29 16.04 -38.06
N GLN B 317 -19.02 16.78 -39.14
CA GLN B 317 -18.42 16.26 -40.36
C GLN B 317 -17.73 17.46 -40.97
N THR B 318 -18.18 18.64 -40.53
CA THR B 318 -17.68 19.94 -40.94
C THR B 318 -16.86 20.59 -39.85
N ARG B 319 -17.26 20.28 -38.61
CA ARG B 319 -16.69 20.78 -37.36
C ARG B 319 -16.71 22.32 -37.42
N ASP B 320 -17.91 22.84 -37.70
CA ASP B 320 -18.16 24.26 -37.81
C ASP B 320 -18.50 24.84 -36.46
N THR B 321 -17.73 25.84 -36.04
CA THR B 321 -17.99 26.47 -34.76
C THR B 321 -18.88 27.72 -34.91
N LYS B 322 -18.36 28.75 -35.59
CA LYS B 322 -19.03 30.09 -35.81
C LYS B 322 -20.55 30.15 -35.46
N GLU B 323 -21.36 29.24 -36.01
CA GLU B 323 -22.77 29.18 -35.68
C GLU B 323 -22.92 29.42 -34.20
N MET B 324 -22.28 28.51 -33.46
CA MET B 324 -22.23 28.47 -32.00
C MET B 324 -21.48 29.64 -31.36
N GLN B 325 -20.35 30.00 -31.95
CA GLN B 325 -19.48 31.08 -31.45
C GLN B 325 -20.20 32.43 -31.34
N LYS B 326 -21.07 32.76 -32.28
CA LYS B 326 -21.75 34.04 -32.19
C LYS B 326 -22.87 33.88 -31.16
N LEU B 327 -23.30 32.63 -30.94
CA LEU B 327 -24.33 32.37 -29.95
C LEU B 327 -23.84 32.71 -28.54
N LEU B 328 -22.57 32.42 -28.24
CA LEU B 328 -22.00 32.74 -26.94
C LEU B 328 -21.89 34.25 -26.74
N ASP B 329 -21.41 34.95 -27.75
CA ASP B 329 -21.27 36.38 -27.66
C ASP B 329 -22.64 36.97 -27.41
N THR B 330 -23.68 36.39 -28.04
CA THR B 330 -25.09 36.87 -27.92
C THR B 330 -25.71 36.64 -26.52
N TYR B 331 -26.11 35.40 -26.22
CA TYR B 331 -26.77 35.10 -24.95
C TYR B 331 -25.81 34.81 -23.81
N GLY B 332 -24.55 35.21 -23.98
CA GLY B 332 -23.55 34.99 -22.94
C GLY B 332 -23.61 33.60 -22.33
N ILE B 333 -23.41 33.56 -21.01
CA ILE B 333 -23.40 32.31 -20.27
C ILE B 333 -24.09 32.48 -18.93
N ASN B 334 -23.86 31.50 -18.04
CA ASN B 334 -24.42 31.50 -16.70
C ASN B 334 -25.93 31.76 -16.78
N LEU B 335 -26.63 30.82 -17.41
CA LEU B 335 -28.05 30.92 -17.62
C LEU B 335 -28.86 29.95 -16.79
N PRO B 336 -30.19 30.21 -16.66
CA PRO B 336 -31.13 29.38 -15.93
C PRO B 336 -31.15 27.94 -16.40
N LEU B 337 -31.41 27.02 -15.49
CA LEU B 337 -31.44 25.64 -15.89
C LEU B 337 -32.87 25.25 -16.21
N VAL B 338 -33.11 24.75 -17.42
CA VAL B 338 -34.45 24.30 -17.80
C VAL B 338 -34.75 23.00 -17.06
N THR B 339 -35.73 23.03 -16.17
CA THR B 339 -36.07 21.83 -15.36
C THR B 339 -37.35 21.02 -15.74
N TYR B 340 -37.11 19.77 -16.13
CA TYR B 340 -38.09 18.78 -16.49
C TYR B 340 -38.27 17.80 -15.38
N VAL B 341 -39.26 16.91 -15.50
CA VAL B 341 -39.37 15.83 -14.54
C VAL B 341 -38.76 14.67 -15.27
N LYS B 342 -37.73 14.03 -14.71
CA LYS B 342 -37.13 12.90 -15.43
C LYS B 342 -38.08 11.70 -15.48
N ASP B 343 -38.42 11.34 -16.73
CA ASP B 343 -39.30 10.25 -17.06
C ASP B 343 -38.54 8.93 -16.99
N GLU B 344 -38.78 8.13 -15.96
CA GLU B 344 -38.03 6.88 -15.78
C GLU B 344 -38.69 5.83 -14.90
N LEU B 345 -38.00 4.71 -14.67
CA LEU B 345 -38.58 3.66 -13.83
C LEU B 345 -38.26 3.87 -12.35
N ARG B 346 -39.28 3.82 -11.49
CA ARG B 346 -39.08 4.02 -10.04
C ARG B 346 -39.77 2.97 -9.20
N SER B 347 -39.39 2.83 -7.93
CA SER B 347 -40.00 1.84 -7.02
C SER B 347 -41.41 2.26 -6.68
N LYS B 348 -42.24 1.29 -6.28
CA LYS B 348 -43.64 1.60 -5.96
C LYS B 348 -43.73 2.65 -4.84
N THR B 349 -42.69 2.75 -4.01
CA THR B 349 -42.69 3.73 -2.94
C THR B 349 -42.53 5.09 -3.58
N LYS B 350 -41.38 5.31 -4.21
CA LYS B 350 -41.08 6.61 -4.84
C LYS B 350 -42.16 7.04 -5.89
N VAL B 351 -43.06 6.13 -6.23
CA VAL B 351 -44.12 6.47 -7.14
C VAL B 351 -45.20 7.02 -6.23
N GLU B 352 -45.69 6.21 -5.31
CA GLU B 352 -46.75 6.64 -4.38
C GLU B 352 -46.42 7.92 -3.63
N GLN B 353 -45.15 8.18 -3.37
CA GLN B 353 -44.78 9.42 -2.64
C GLN B 353 -44.18 10.50 -3.55
N GLY B 354 -44.56 10.47 -4.82
CA GLY B 354 -44.13 11.42 -5.83
C GLY B 354 -42.66 11.81 -5.94
N LYS B 355 -41.77 11.00 -5.37
CA LYS B 355 -40.35 11.28 -5.40
C LYS B 355 -39.76 11.14 -6.81
N SER B 356 -40.26 11.94 -7.76
CA SER B 356 -39.74 11.90 -9.11
C SER B 356 -38.48 12.74 -9.16
N ARG B 357 -37.48 12.30 -9.90
CA ARG B 357 -36.25 13.11 -9.98
C ARG B 357 -36.47 14.18 -11.01
N LEU B 358 -35.79 15.31 -10.81
CA LEU B 358 -35.88 16.43 -11.72
C LEU B 358 -34.66 16.50 -12.60
N ILE B 359 -34.82 17.06 -13.78
CA ILE B 359 -33.66 17.24 -14.65
C ILE B 359 -33.37 18.74 -14.76
N GLU B 360 -32.16 19.16 -14.39
CA GLU B 360 -31.84 20.57 -14.52
C GLU B 360 -30.88 20.72 -15.70
N ALA B 361 -31.43 20.81 -16.91
CA ALA B 361 -30.63 20.91 -18.15
C ALA B 361 -29.95 22.25 -18.29
N SER B 362 -28.64 22.25 -18.57
CA SER B 362 -27.95 23.54 -18.71
C SER B 362 -28.01 23.97 -20.15
N SER B 363 -27.98 25.29 -20.31
CA SER B 363 -27.98 25.88 -21.61
C SER B 363 -26.76 25.43 -22.38
N LEU B 364 -26.94 25.18 -23.66
CA LEU B 364 -25.86 24.75 -24.52
C LEU B 364 -24.68 25.72 -24.39
N ASN B 365 -24.95 27.00 -24.10
CA ASN B 365 -23.88 27.98 -23.92
C ASN B 365 -23.01 27.57 -22.75
N ASP B 366 -23.64 27.24 -21.63
CA ASP B 366 -22.92 26.81 -20.44
C ASP B 366 -22.10 25.55 -20.74
N SER B 367 -22.70 24.59 -21.46
CA SER B 367 -22.02 23.33 -21.83
C SER B 367 -20.74 23.65 -22.55
N VAL B 368 -20.86 24.20 -23.74
CA VAL B 368 -19.71 24.58 -24.53
C VAL B 368 -18.68 25.36 -23.68
N ALA B 369 -19.16 26.33 -22.89
CA ALA B 369 -18.28 27.13 -22.03
C ALA B 369 -17.51 26.25 -21.04
N MET B 370 -18.21 25.37 -20.33
CA MET B 370 -17.52 24.53 -19.36
C MET B 370 -16.66 23.47 -20.04
N ARG B 371 -17.06 23.01 -21.22
CA ARG B 371 -16.26 22.02 -21.91
C ARG B 371 -14.97 22.71 -22.31
N MET B 372 -15.03 24.01 -22.59
CA MET B 372 -13.82 24.73 -22.94
C MET B 372 -13.03 24.94 -21.67
N ALA B 373 -13.69 25.39 -20.61
CA ALA B 373 -13.01 25.64 -19.35
C ALA B 373 -12.37 24.37 -18.74
N PHE B 374 -13.15 23.31 -18.65
CA PHE B 374 -12.65 22.07 -18.03
C PHE B 374 -12.38 20.93 -19.03
N GLY B 375 -12.44 21.25 -20.31
CA GLY B 375 -12.23 20.29 -21.37
C GLY B 375 -11.08 19.34 -21.11
N ASN B 376 -9.92 19.88 -20.75
CA ASN B 376 -8.79 18.99 -20.51
C ASN B 376 -8.94 18.26 -19.18
N LEU B 377 -9.51 18.91 -18.17
CA LEU B 377 -9.71 18.22 -16.90
C LEU B 377 -10.48 16.93 -17.18
N TYR B 378 -11.57 17.08 -17.92
CA TYR B 378 -12.40 15.93 -18.26
C TYR B 378 -11.57 14.84 -18.96
N ALA B 379 -10.97 15.19 -20.09
CA ALA B 379 -10.17 14.22 -20.87
C ALA B 379 -9.21 13.45 -19.96
N ALA B 380 -8.44 14.17 -19.15
CA ALA B 380 -7.51 13.54 -18.23
C ALA B 380 -8.22 12.49 -17.38
N PHE B 381 -9.37 12.85 -16.82
CA PHE B 381 -10.08 11.89 -15.98
C PHE B 381 -10.63 10.69 -16.75
N HIS B 382 -11.11 10.86 -17.98
CA HIS B 382 -11.64 9.67 -18.66
C HIS B 382 -10.51 8.74 -19.05
N LYS B 383 -9.35 9.31 -19.37
CA LYS B 383 -8.23 8.48 -19.76
C LYS B 383 -7.47 7.95 -18.56
N ASN B 384 -8.04 8.03 -17.36
CA ASN B 384 -7.35 7.55 -16.17
C ASN B 384 -8.26 7.03 -15.08
N PRO B 385 -9.13 6.08 -15.42
CA PRO B 385 -10.02 5.58 -14.41
C PRO B 385 -9.21 4.82 -13.40
N GLY B 386 -9.14 5.33 -12.17
CA GLY B 386 -8.37 4.65 -11.16
C GLY B 386 -8.29 5.31 -9.81
N VAL B 387 -7.20 5.02 -9.12
CA VAL B 387 -6.95 5.50 -7.77
C VAL B 387 -6.03 6.71 -7.73
N ILE B 388 -5.83 7.36 -8.88
CA ILE B 388 -5.02 8.58 -8.92
C ILE B 388 -6.02 9.73 -9.03
N THR B 389 -7.01 9.54 -9.89
CA THR B 389 -8.04 10.49 -10.08
C THR B 389 -9.14 10.22 -9.09
N GLY B 390 -9.26 8.96 -8.68
CA GLY B 390 -10.28 8.52 -7.74
C GLY B 390 -11.62 8.51 -8.44
N SER B 391 -11.56 8.39 -9.76
CA SER B 391 -12.72 8.39 -10.63
C SER B 391 -12.85 7.20 -11.53
N ALA B 392 -14.08 6.73 -11.67
CA ALA B 392 -14.38 5.62 -12.57
C ALA B 392 -15.17 6.16 -13.76
N VAL B 393 -15.38 7.48 -13.78
CA VAL B 393 -16.15 8.13 -14.85
C VAL B 393 -15.54 7.86 -16.20
N GLY B 394 -16.38 7.32 -17.07
CA GLY B 394 -15.99 6.99 -18.43
C GLY B 394 -15.09 5.81 -18.56
N CYS B 395 -15.37 4.75 -17.81
CA CYS B 395 -14.56 3.59 -17.92
C CYS B 395 -15.35 2.62 -18.76
N ASP B 396 -14.97 1.34 -18.72
CA ASP B 396 -15.60 0.26 -19.45
C ASP B 396 -15.58 -0.94 -18.55
N PRO B 397 -16.66 -1.11 -17.76
CA PRO B 397 -16.65 -2.19 -16.74
C PRO B 397 -16.10 -3.53 -17.27
N ASP B 398 -16.44 -3.98 -18.47
CA ASP B 398 -15.89 -5.24 -18.99
C ASP B 398 -14.35 -5.32 -18.87
N LEU B 399 -13.68 -4.17 -18.99
CA LEU B 399 -12.24 -4.20 -18.92
C LEU B 399 -11.66 -3.66 -17.63
N PHE B 400 -12.28 -2.64 -17.10
CA PHE B 400 -11.78 -1.99 -15.91
C PHE B 400 -11.92 -2.86 -14.67
N TRP B 401 -12.98 -3.67 -14.60
CA TRP B 401 -13.17 -4.56 -13.43
C TRP B 401 -12.01 -5.48 -13.16
N SER B 402 -11.27 -5.85 -14.18
CA SER B 402 -10.16 -6.75 -13.95
C SER B 402 -8.94 -5.99 -13.39
N LYS B 403 -9.01 -4.66 -13.26
CA LYS B 403 -7.91 -3.87 -12.74
C LYS B 403 -8.25 -3.20 -11.47
N ILE B 404 -9.52 -3.18 -11.11
CA ILE B 404 -9.87 -2.46 -9.87
C ILE B 404 -9.22 -3.13 -8.65
N PRO B 405 -9.41 -4.46 -8.47
CA PRO B 405 -8.82 -5.11 -7.27
C PRO B 405 -7.28 -4.87 -7.15
N VAL B 406 -6.58 -4.94 -8.27
CA VAL B 406 -5.13 -4.72 -8.23
C VAL B 406 -4.81 -3.32 -7.70
N LEU B 407 -5.59 -2.32 -8.05
CA LEU B 407 -5.41 -0.93 -7.60
C LEU B 407 -5.82 -0.66 -6.16
N MET B 408 -6.91 -1.31 -5.75
CA MET B 408 -7.44 -1.20 -4.42
C MET B 408 -6.50 -1.75 -3.40
N GLU B 409 -6.59 -1.17 -2.19
CA GLU B 409 -5.80 -1.59 -1.03
C GLU B 409 -6.45 -2.88 -0.46
N GLU B 410 -5.89 -3.32 0.66
CA GLU B 410 -6.23 -4.58 1.28
C GLU B 410 -7.57 -4.69 2.00
N LYS B 411 -8.05 -3.63 2.63
CA LYS B 411 -9.30 -3.71 3.38
C LYS B 411 -10.36 -2.77 2.84
N LEU B 412 -11.29 -3.33 2.07
CA LEU B 412 -12.38 -2.56 1.49
C LEU B 412 -13.37 -2.01 2.49
N PHE B 413 -13.96 -0.87 2.12
CA PHE B 413 -15.05 -0.24 2.90
C PHE B 413 -15.83 0.61 1.91
N ALA B 414 -17.15 0.56 2.05
CA ALA B 414 -18.03 1.30 1.19
C ALA B 414 -19.29 1.57 1.96
N PHE B 415 -20.16 2.40 1.37
CA PHE B 415 -21.44 2.75 2.00
C PHE B 415 -22.28 3.43 0.98
N ASP B 416 -23.56 3.56 1.28
CA ASP B 416 -24.52 4.24 0.41
C ASP B 416 -24.87 5.67 0.86
N TYR B 417 -25.17 6.53 -0.10
CA TYR B 417 -25.61 7.87 0.20
C TYR B 417 -27.09 7.98 -0.09
N THR B 418 -27.74 8.93 0.56
CA THR B 418 -29.16 9.17 0.37
C THR B 418 -29.33 10.60 -0.09
N GLY B 419 -29.60 10.76 -1.38
CA GLY B 419 -29.77 12.07 -1.98
C GLY B 419 -28.42 12.76 -1.89
N TYR B 420 -27.42 12.17 -2.52
CA TYR B 420 -26.07 12.71 -2.49
C TYR B 420 -25.98 14.08 -3.13
N ASP B 421 -26.36 14.14 -4.40
CA ASP B 421 -26.28 15.37 -5.18
C ASP B 421 -26.90 16.59 -4.46
N ALA B 422 -28.13 16.52 -4.01
CA ALA B 422 -28.67 17.70 -3.36
C ALA B 422 -28.20 17.87 -1.90
N SER B 423 -27.35 16.97 -1.40
CA SER B 423 -26.89 17.09 0.00
C SER B 423 -25.53 17.80 0.05
N LEU B 424 -25.00 18.09 -1.13
CA LEU B 424 -23.71 18.76 -1.23
C LEU B 424 -23.88 20.23 -0.89
N SER B 425 -23.37 20.57 0.29
CA SER B 425 -23.41 21.89 0.83
C SER B 425 -22.43 22.81 0.10
N PRO B 426 -22.73 24.11 0.07
CA PRO B 426 -21.87 25.08 -0.59
C PRO B 426 -20.42 24.96 -0.14
N ALA B 427 -20.19 24.42 1.07
CA ALA B 427 -18.83 24.24 1.58
C ALA B 427 -18.05 23.22 0.77
N TRP B 428 -18.77 22.20 0.27
CA TRP B 428 -18.10 21.17 -0.53
C TRP B 428 -17.74 21.71 -1.89
N PHE B 429 -18.46 22.73 -2.36
CA PHE B 429 -18.08 23.32 -3.65
C PHE B 429 -16.82 24.15 -3.43
N GLU B 430 -16.72 24.83 -2.29
CA GLU B 430 -15.53 25.64 -2.01
C GLU B 430 -14.33 24.71 -1.90
N ALA B 431 -14.59 23.53 -1.37
CA ALA B 431 -13.56 22.52 -1.26
C ALA B 431 -13.11 22.17 -2.67
N LEU B 432 -14.07 21.83 -3.53
CA LEU B 432 -13.81 21.49 -4.91
C LEU B 432 -13.05 22.60 -5.59
N LYS B 433 -13.48 23.85 -5.34
CA LYS B 433 -12.82 25.02 -5.93
C LYS B 433 -11.35 24.94 -5.56
N MET B 434 -11.04 24.92 -4.26
CA MET B 434 -9.64 24.83 -3.77
C MET B 434 -8.80 23.71 -4.43
N VAL B 435 -9.47 22.60 -4.74
CA VAL B 435 -8.78 21.47 -5.38
C VAL B 435 -8.35 21.94 -6.78
N LEU B 436 -9.27 22.58 -7.52
CA LEU B 436 -8.95 23.09 -8.83
C LEU B 436 -7.87 24.11 -8.66
N GLU B 437 -8.19 25.06 -7.80
CA GLU B 437 -7.33 26.19 -7.46
C GLU B 437 -5.87 25.67 -7.40
N LYS B 438 -5.65 24.52 -6.75
CA LYS B 438 -4.29 23.92 -6.63
C LYS B 438 -3.76 23.24 -7.88
N ILE B 439 -4.62 22.55 -8.61
CA ILE B 439 -4.14 21.81 -9.81
C ILE B 439 -4.07 22.70 -11.07
N GLY B 440 -4.06 24.02 -10.88
CA GLY B 440 -3.93 24.98 -11.99
C GLY B 440 -5.16 25.44 -12.77
N PHE B 441 -6.32 25.32 -12.17
CA PHE B 441 -7.55 25.74 -12.82
C PHE B 441 -8.18 26.84 -11.99
N GLY B 442 -7.48 27.30 -10.96
CA GLY B 442 -7.99 28.35 -10.07
C GLY B 442 -8.49 29.56 -10.83
N ASP B 443 -8.04 29.59 -12.07
CA ASP B 443 -8.29 30.58 -13.09
C ASP B 443 -9.77 30.68 -13.47
N ARG B 444 -10.49 29.59 -13.29
CA ARG B 444 -11.91 29.58 -13.65
C ARG B 444 -12.77 28.72 -12.69
N VAL B 445 -12.56 28.96 -11.39
CA VAL B 445 -13.31 28.26 -10.35
C VAL B 445 -14.70 28.82 -10.27
N ASP B 446 -14.95 29.92 -10.98
CA ASP B 446 -16.29 30.54 -10.93
C ASP B 446 -17.39 29.70 -11.59
N TYR B 447 -17.04 28.78 -12.48
CA TYR B 447 -18.08 27.93 -13.05
C TYR B 447 -18.57 27.01 -11.95
N ILE B 448 -17.74 26.74 -10.96
CA ILE B 448 -18.19 25.86 -9.89
C ILE B 448 -19.27 26.63 -9.13
N ASP B 449 -19.09 27.95 -8.97
CA ASP B 449 -20.10 28.76 -8.27
C ASP B 449 -21.42 28.59 -9.02
N TYR B 450 -21.36 28.65 -10.35
CA TYR B 450 -22.53 28.45 -11.22
C TYR B 450 -23.29 27.12 -10.91
N LEU B 451 -22.56 26.09 -10.53
CA LEU B 451 -23.17 24.81 -10.20
C LEU B 451 -23.89 24.92 -8.85
N ASN B 452 -23.19 25.50 -7.88
CA ASN B 452 -23.64 25.72 -6.52
C ASN B 452 -24.89 26.59 -6.44
N HIS B 453 -24.74 27.86 -6.82
CA HIS B 453 -25.84 28.82 -6.83
C HIS B 453 -26.31 28.86 -8.26
N SER B 454 -27.44 28.21 -8.50
CA SER B 454 -28.02 28.11 -9.81
C SER B 454 -29.47 28.34 -9.78
N HIS B 455 -30.05 29.10 -10.70
CA HIS B 455 -31.54 29.10 -10.60
C HIS B 455 -32.20 28.60 -11.91
N HIS B 456 -33.34 27.93 -11.70
CA HIS B 456 -34.10 27.19 -12.70
C HIS B 456 -35.45 27.72 -13.15
N LEU B 457 -35.89 27.17 -14.26
CA LEU B 457 -37.17 27.41 -14.84
C LEU B 457 -37.87 26.06 -14.74
N TYR B 458 -38.98 25.96 -13.98
CA TYR B 458 -39.67 24.64 -13.82
C TYR B 458 -40.92 24.48 -14.70
N LYS B 459 -41.89 25.37 -14.51
CA LYS B 459 -43.09 25.37 -15.31
C LYS B 459 -43.31 26.82 -15.60
N ASN B 460 -44.28 27.41 -14.92
CA ASN B 460 -44.59 28.82 -15.06
C ASN B 460 -43.87 29.58 -13.96
N LYS B 461 -43.11 28.83 -13.18
CA LYS B 461 -42.34 29.34 -12.06
C LYS B 461 -40.85 29.18 -12.31
N THR B 462 -40.08 30.18 -11.86
CA THR B 462 -38.60 30.27 -11.94
C THR B 462 -38.01 30.47 -10.53
N TYR B 463 -37.02 29.67 -10.13
CA TYR B 463 -36.49 29.77 -8.75
C TYR B 463 -34.96 29.65 -8.54
N CYS B 464 -34.47 30.16 -7.40
CA CYS B 464 -33.04 30.20 -6.99
C CYS B 464 -32.61 29.14 -5.99
N VAL B 465 -31.68 28.29 -6.39
CA VAL B 465 -31.19 27.26 -5.47
C VAL B 465 -29.74 27.56 -5.12
N LYS B 466 -29.50 27.67 -3.81
CA LYS B 466 -28.20 27.96 -3.28
C LYS B 466 -27.74 26.65 -2.70
N GLY B 467 -26.74 26.03 -3.30
CA GLY B 467 -26.30 24.75 -2.76
C GLY B 467 -26.84 23.59 -3.59
N GLY B 468 -26.16 22.44 -3.49
CA GLY B 468 -26.53 21.23 -4.22
C GLY B 468 -26.14 21.23 -5.69
N MET B 469 -25.50 20.13 -6.12
CA MET B 469 -25.07 19.87 -7.48
C MET B 469 -26.22 19.54 -8.37
N PRO B 470 -26.44 20.33 -9.45
CA PRO B 470 -27.56 20.06 -10.35
C PRO B 470 -27.30 18.83 -11.23
N SER B 471 -28.37 18.25 -11.75
CA SER B 471 -28.31 17.02 -12.58
C SER B 471 -27.85 17.16 -14.05
N GLY B 472 -28.29 18.18 -14.78
CA GLY B 472 -27.91 18.27 -16.20
C GLY B 472 -26.93 19.31 -16.69
N CYS B 473 -25.73 19.34 -16.08
CA CYS B 473 -24.68 20.31 -16.45
C CYS B 473 -23.34 19.68 -16.82
N SER B 474 -22.57 20.34 -17.67
CA SER B 474 -21.26 19.81 -18.06
C SER B 474 -20.41 19.51 -16.83
N GLY B 475 -19.91 18.29 -16.73
CA GLY B 475 -19.04 17.95 -15.60
C GLY B 475 -19.66 17.35 -14.36
N THR B 476 -20.99 17.28 -14.32
CA THR B 476 -21.71 16.74 -13.19
C THR B 476 -21.04 15.49 -12.59
N SER B 477 -20.90 14.42 -13.37
CA SER B 477 -20.29 13.17 -12.88
C SER B 477 -18.91 13.43 -12.26
N ILE B 478 -17.97 13.85 -13.09
CA ILE B 478 -16.62 14.14 -12.62
C ILE B 478 -16.66 15.00 -11.33
N PHE B 479 -17.21 16.21 -11.41
CA PHE B 479 -17.22 17.07 -10.20
C PHE B 479 -17.85 16.34 -8.96
N ASN B 480 -18.89 15.53 -9.12
CA ASN B 480 -19.39 14.79 -7.95
C ASN B 480 -18.34 13.86 -7.45
N SER B 481 -17.65 13.21 -8.38
CA SER B 481 -16.62 12.27 -8.02
C SER B 481 -15.50 12.95 -7.28
N MET B 482 -15.02 14.07 -7.81
CA MET B 482 -13.94 14.75 -7.12
C MET B 482 -14.41 15.12 -5.74
N ILE B 483 -15.66 15.59 -5.63
CA ILE B 483 -16.19 15.99 -4.31
C ILE B 483 -16.28 14.77 -3.41
N ASN B 484 -16.76 13.64 -3.94
CA ASN B 484 -16.85 12.42 -3.17
C ASN B 484 -15.45 12.10 -2.59
N ASN B 485 -14.39 12.28 -3.41
CA ASN B 485 -13.02 12.11 -2.95
C ASN B 485 -12.70 13.01 -1.76
N LEU B 486 -13.21 14.24 -1.80
CA LEU B 486 -12.98 15.16 -0.69
C LEU B 486 -13.70 14.71 0.57
N ILE B 487 -14.88 14.11 0.41
CA ILE B 487 -15.66 13.65 1.57
C ILE B 487 -15.00 12.49 2.30
N ILE B 488 -14.75 11.37 1.61
CA ILE B 488 -14.13 10.18 2.23
C ILE B 488 -12.88 10.58 3.07
N ARG B 489 -12.01 11.43 2.50
CA ARG B 489 -10.83 11.87 3.23
C ARG B 489 -11.22 12.62 4.48
N THR B 490 -12.03 13.65 4.30
CA THR B 490 -12.51 14.46 5.42
C THR B 490 -13.06 13.58 6.53
N LEU B 491 -13.98 12.68 6.18
CA LEU B 491 -14.58 11.80 7.19
C LEU B 491 -13.49 10.95 7.86
N LEU B 492 -12.66 10.28 7.05
CA LEU B 492 -11.58 9.49 7.62
C LEU B 492 -10.70 10.27 8.60
N LEU B 493 -10.23 11.43 8.15
CA LEU B 493 -9.38 12.28 8.94
C LEU B 493 -10.00 12.69 10.27
N LYS B 494 -11.31 12.92 10.25
CA LYS B 494 -12.05 13.36 11.42
C LYS B 494 -12.25 12.25 12.43
N THR B 495 -12.59 11.07 11.92
CA THR B 495 -12.87 9.88 12.72
C THR B 495 -11.64 9.18 13.25
N TYR B 496 -10.74 8.84 12.34
CA TYR B 496 -9.48 8.18 12.67
C TYR B 496 -8.39 9.22 12.60
N LYS B 497 -8.32 10.08 13.63
CA LYS B 497 -7.36 11.20 13.61
C LYS B 497 -5.95 10.60 13.53
N GLY B 498 -5.13 11.11 12.62
CA GLY B 498 -3.78 10.62 12.40
C GLY B 498 -3.68 9.48 11.37
N ILE B 499 -4.68 9.37 10.51
CA ILE B 499 -4.77 8.39 9.46
C ILE B 499 -3.72 8.78 8.47
N ASP B 500 -3.32 7.83 7.62
CA ASP B 500 -2.33 8.08 6.59
C ASP B 500 -3.09 7.99 5.30
N LEU B 501 -3.51 9.15 4.80
CA LEU B 501 -4.30 9.20 3.54
C LEU B 501 -3.57 8.66 2.31
N ASP B 502 -2.25 8.61 2.30
CA ASP B 502 -1.57 8.05 1.13
C ASP B 502 -1.83 6.56 0.97
N HIS B 503 -2.54 5.95 1.91
CA HIS B 503 -2.82 4.51 1.74
C HIS B 503 -4.35 4.29 1.66
N LEU B 504 -4.98 5.35 1.15
CA LEU B 504 -6.37 5.38 0.88
C LEU B 504 -6.44 4.98 -0.58
N LYS B 505 -7.23 3.99 -0.93
CA LYS B 505 -7.33 3.69 -2.33
C LYS B 505 -8.80 3.67 -2.56
N MET B 506 -9.27 4.60 -3.38
CA MET B 506 -10.71 4.64 -3.66
C MET B 506 -10.90 4.99 -5.11
N ILE B 507 -12.13 4.74 -5.56
CA ILE B 507 -12.55 4.98 -6.90
C ILE B 507 -14.00 5.35 -6.79
N ALA B 508 -14.34 6.53 -7.30
CA ALA B 508 -15.73 7.02 -7.26
C ALA B 508 -16.27 7.30 -8.65
N TYR B 509 -17.59 7.13 -8.77
CA TYR B 509 -18.31 7.42 -9.97
C TYR B 509 -19.47 8.20 -9.46
N GLY B 510 -19.30 9.50 -9.30
CA GLY B 510 -20.40 10.31 -8.77
C GLY B 510 -20.57 10.07 -7.29
N ASP B 511 -21.68 9.48 -6.86
CA ASP B 511 -21.86 9.24 -5.43
C ASP B 511 -21.48 7.83 -5.09
N ASP B 512 -21.27 7.03 -6.13
CA ASP B 512 -20.93 5.64 -5.96
C ASP B 512 -19.44 5.56 -5.71
N VAL B 513 -19.05 4.90 -4.61
CA VAL B 513 -17.64 4.80 -4.28
C VAL B 513 -17.21 3.47 -3.72
N ILE B 514 -16.04 3.02 -4.16
CA ILE B 514 -15.46 1.80 -3.64
C ILE B 514 -14.15 2.29 -3.00
N ALA B 515 -13.99 2.06 -1.70
CA ALA B 515 -12.78 2.53 -1.02
C ALA B 515 -12.02 1.40 -0.30
N SER B 516 -10.81 1.69 0.16
CA SER B 516 -10.01 0.68 0.84
C SER B 516 -8.90 1.32 1.61
N TYR B 517 -8.34 0.56 2.54
CA TYR B 517 -7.27 1.04 3.39
C TYR B 517 -6.55 -0.15 3.98
N PRO B 518 -5.31 0.04 4.46
CA PRO B 518 -4.53 -1.06 5.06
C PRO B 518 -5.20 -1.66 6.31
N HIS B 519 -5.90 -0.82 7.10
CA HIS B 519 -6.64 -1.26 8.27
C HIS B 519 -8.08 -1.22 7.91
N GLU B 520 -8.94 -1.92 8.63
CA GLU B 520 -10.33 -1.78 8.22
C GLU B 520 -10.96 -0.75 9.12
N VAL B 521 -11.75 0.08 8.45
CA VAL B 521 -12.44 1.18 9.12
C VAL B 521 -13.90 0.84 9.38
N ASP B 522 -14.44 1.47 10.42
CA ASP B 522 -15.82 1.27 10.83
C ASP B 522 -16.73 2.16 10.00
N ALA B 523 -17.34 1.57 8.98
CA ALA B 523 -18.23 2.29 8.09
C ALA B 523 -19.22 3.08 8.92
N SER B 524 -19.71 2.46 9.99
CA SER B 524 -20.66 3.02 10.94
C SER B 524 -20.17 4.36 11.49
N LEU B 525 -19.05 4.33 12.20
CA LEU B 525 -18.44 5.54 12.74
C LEU B 525 -18.27 6.65 11.68
N LEU B 526 -17.91 6.26 10.45
CA LEU B 526 -17.75 7.23 9.36
C LEU B 526 -19.08 7.82 8.92
N ALA B 527 -20.10 6.97 8.88
CA ALA B 527 -21.45 7.35 8.47
C ALA B 527 -21.99 8.40 9.41
N GLN B 528 -21.60 8.30 10.66
CA GLN B 528 -22.06 9.22 11.66
C GLN B 528 -21.24 10.49 11.63
N SER B 529 -19.98 10.46 11.24
CA SER B 529 -19.23 11.72 11.18
C SER B 529 -19.81 12.55 10.02
N GLY B 530 -20.29 11.83 9.01
CA GLY B 530 -20.90 12.42 7.83
C GLY B 530 -22.12 13.28 8.14
N LYS B 531 -22.94 12.84 9.09
CA LYS B 531 -24.13 13.59 9.46
C LYS B 531 -23.82 15.06 9.66
N ASP B 532 -22.67 15.33 10.23
CA ASP B 532 -22.25 16.70 10.53
C ASP B 532 -21.82 17.50 9.27
N TYR B 533 -21.43 16.82 8.20
CA TYR B 533 -21.07 17.51 6.95
C TYR B 533 -22.33 17.53 6.04
N GLY B 534 -23.45 17.26 6.68
CA GLY B 534 -24.74 17.24 6.02
C GLY B 534 -24.92 16.10 5.05
N LEU B 535 -24.28 14.97 5.34
CA LEU B 535 -24.36 13.78 4.47
C LEU B 535 -25.09 12.61 5.11
N THR B 536 -25.99 11.98 4.35
CA THR B 536 -26.73 10.86 4.88
C THR B 536 -26.14 9.59 4.32
N MET B 537 -25.46 8.84 5.18
CA MET B 537 -24.80 7.60 4.78
C MET B 537 -25.40 6.33 5.41
N THR B 538 -25.61 5.31 4.61
CA THR B 538 -26.17 4.07 5.13
C THR B 538 -25.36 2.85 4.72
N PRO B 539 -25.60 1.68 5.35
CA PRO B 539 -24.88 0.47 4.97
C PRO B 539 -24.88 0.25 3.47
N ALA B 540 -23.73 -0.19 2.96
CA ALA B 540 -23.55 -0.45 1.55
C ALA B 540 -24.58 -1.44 1.04
N ASP B 541 -24.90 -1.32 -0.24
CA ASP B 541 -25.83 -2.18 -0.96
C ASP B 541 -27.08 -2.52 -0.10
N LYS B 542 -27.82 -1.47 0.24
CA LYS B 542 -29.07 -1.49 1.03
C LYS B 542 -29.09 -2.52 2.17
N SER B 543 -27.99 -2.71 2.87
CA SER B 543 -27.99 -3.64 3.98
C SER B 543 -28.68 -2.99 5.17
N ALA B 544 -29.08 -3.78 6.15
CA ALA B 544 -29.74 -3.21 7.31
C ALA B 544 -28.73 -2.72 8.33
N THR B 545 -27.56 -3.39 8.38
CA THR B 545 -26.52 -3.05 9.32
C THR B 545 -25.24 -2.97 8.62
N PHE B 546 -24.30 -2.20 9.19
CA PHE B 546 -22.97 -2.04 8.66
C PHE B 546 -22.15 -3.28 8.95
N GLU B 547 -21.93 -4.09 7.91
CA GLU B 547 -21.16 -5.31 8.04
C GLU B 547 -19.86 -5.10 7.32
N THR B 548 -18.96 -6.06 7.43
CA THR B 548 -17.70 -5.92 6.75
C THR B 548 -17.99 -6.09 5.26
N VAL B 549 -17.27 -5.33 4.45
CA VAL B 549 -17.41 -5.36 3.03
C VAL B 549 -16.39 -6.29 2.43
N THR B 550 -16.79 -7.27 1.65
CA THR B 550 -15.79 -8.16 1.05
C THR B 550 -15.87 -8.12 -0.47
N TRP B 551 -14.86 -8.63 -1.17
CA TRP B 551 -14.94 -8.64 -2.64
C TRP B 551 -16.13 -9.49 -3.07
N GLU B 552 -16.48 -10.44 -2.20
CA GLU B 552 -17.61 -11.31 -2.48
C GLU B 552 -18.89 -10.45 -2.40
N ASN B 553 -18.99 -9.51 -1.47
CA ASN B 553 -20.24 -8.70 -1.41
C ASN B 553 -20.18 -7.23 -1.89
N VAL B 554 -19.02 -6.70 -2.23
CA VAL B 554 -18.95 -5.30 -2.67
C VAL B 554 -19.49 -5.20 -4.08
N THR B 555 -20.01 -4.01 -4.41
CA THR B 555 -20.56 -3.70 -5.73
C THR B 555 -20.11 -2.33 -6.17
N PHE B 556 -19.56 -2.19 -7.38
CA PHE B 556 -19.13 -0.79 -7.67
C PHE B 556 -20.04 -0.06 -8.70
N LEU B 557 -20.32 -0.52 -9.92
CA LEU B 557 -21.33 0.39 -10.58
C LEU B 557 -22.58 -0.37 -10.17
N LYS B 558 -23.65 -0.60 -10.90
CA LYS B 558 -24.65 -1.37 -10.07
C LYS B 558 -24.18 -2.85 -9.91
N ARG B 559 -22.96 -3.09 -10.42
CA ARG B 559 -22.27 -4.40 -10.52
C ARG B 559 -21.39 -4.95 -9.41
N PHE B 560 -21.36 -6.29 -9.33
CA PHE B 560 -20.56 -7.10 -8.43
C PHE B 560 -19.28 -7.50 -9.09
N PHE B 561 -18.36 -8.11 -8.34
CA PHE B 561 -17.07 -8.57 -8.89
C PHE B 561 -16.96 -10.07 -8.77
N ARG B 562 -16.72 -10.75 -9.87
CA ARG B 562 -16.57 -12.22 -9.85
C ARG B 562 -15.52 -12.69 -10.87
N ALA B 563 -14.51 -13.40 -10.39
CA ALA B 563 -13.40 -13.88 -11.24
C ALA B 563 -13.85 -14.97 -12.18
N ASP B 564 -13.35 -14.93 -13.41
CA ASP B 564 -13.70 -15.92 -14.40
C ASP B 564 -13.20 -17.26 -13.91
N GLU B 565 -13.88 -18.36 -14.21
CA GLU B 565 -13.35 -19.65 -13.77
C GLU B 565 -12.06 -20.01 -14.49
N LYS B 566 -12.10 -20.00 -15.82
CA LYS B 566 -10.92 -20.39 -16.64
C LYS B 566 -9.75 -19.43 -16.55
N TYR B 567 -10.04 -18.16 -16.42
CA TYR B 567 -8.96 -17.20 -16.32
C TYR B 567 -9.23 -16.35 -15.08
N PRO B 568 -8.94 -16.92 -13.91
CA PRO B 568 -9.24 -16.22 -12.66
C PRO B 568 -8.61 -14.85 -12.62
N PHE B 569 -7.83 -14.55 -13.66
CA PHE B 569 -7.14 -13.24 -13.70
C PHE B 569 -8.08 -12.13 -14.32
N LEU B 570 -9.03 -12.54 -15.14
CA LEU B 570 -9.99 -11.64 -15.70
C LEU B 570 -11.17 -11.58 -14.75
N ILE B 571 -11.68 -10.38 -14.46
CA ILE B 571 -12.84 -10.22 -13.55
C ILE B 571 -14.11 -9.73 -14.24
N HIS B 572 -15.18 -10.50 -14.11
CA HIS B 572 -16.46 -10.17 -14.67
C HIS B 572 -17.20 -9.06 -13.89
N PRO B 573 -17.81 -8.08 -14.59
CA PRO B 573 -18.61 -7.11 -13.90
C PRO B 573 -20.04 -7.73 -13.88
N VAL B 574 -20.53 -8.04 -12.69
CA VAL B 574 -21.83 -8.71 -12.69
C VAL B 574 -23.05 -7.89 -12.22
N MET B 575 -23.84 -7.49 -13.22
CA MET B 575 -25.05 -6.77 -13.06
C MET B 575 -26.04 -7.80 -12.58
N PRO B 576 -26.64 -7.56 -11.40
CA PRO B 576 -27.61 -8.51 -10.89
C PRO B 576 -28.69 -8.67 -11.92
N MET B 577 -29.14 -9.90 -12.15
CA MET B 577 -30.18 -10.11 -13.15
C MET B 577 -31.46 -9.33 -12.85
N LYS B 578 -31.81 -9.19 -11.58
CA LYS B 578 -33.01 -8.45 -11.21
C LYS B 578 -33.09 -7.14 -11.95
N GLU B 579 -31.98 -6.41 -11.91
CA GLU B 579 -31.85 -5.13 -12.59
C GLU B 579 -32.21 -5.20 -14.05
N ILE B 580 -31.82 -6.31 -14.67
CA ILE B 580 -32.06 -6.51 -16.10
C ILE B 580 -33.54 -6.85 -16.27
N HIS B 581 -34.03 -7.81 -15.51
CA HIS B 581 -35.44 -8.17 -15.58
C HIS B 581 -36.33 -6.94 -15.41
N GLU B 582 -35.93 -6.00 -14.56
CA GLU B 582 -36.75 -4.79 -14.37
C GLU B 582 -36.82 -3.95 -15.61
N SER B 583 -35.68 -3.80 -16.25
CA SER B 583 -35.54 -2.95 -17.44
C SER B 583 -36.16 -3.53 -18.72
N ILE B 584 -36.02 -4.83 -18.93
CA ILE B 584 -36.52 -5.44 -20.17
C ILE B 584 -38.05 -5.49 -20.23
N ARG B 585 -38.73 -5.14 -19.15
CA ARG B 585 -40.22 -5.21 -19.12
C ARG B 585 -40.91 -3.96 -19.62
N TRP B 586 -40.13 -2.97 -20.03
CA TRP B 586 -40.64 -1.70 -20.50
C TRP B 586 -39.87 -1.20 -21.69
N THR B 587 -40.47 -0.25 -22.44
CA THR B 587 -39.81 0.31 -23.62
C THR B 587 -40.34 1.72 -23.99
N LYS B 588 -39.48 2.57 -24.55
CA LYS B 588 -39.87 3.92 -25.01
C LYS B 588 -40.20 3.86 -26.51
N ASP B 589 -39.57 2.93 -27.22
CA ASP B 589 -39.78 2.73 -28.65
C ASP B 589 -39.65 1.24 -28.98
N PRO B 590 -40.78 0.55 -29.20
CA PRO B 590 -40.83 -0.90 -29.50
C PRO B 590 -40.12 -1.33 -30.78
N ARG B 591 -39.68 -0.38 -31.60
CA ARG B 591 -38.99 -0.72 -32.84
C ARG B 591 -37.56 -1.11 -32.53
N ASN B 592 -37.09 -0.66 -31.36
CA ASN B 592 -35.76 -0.93 -30.88
C ASN B 592 -35.67 -2.11 -29.97
N THR B 593 -36.64 -3.01 -29.95
CA THR B 593 -36.54 -4.16 -29.02
C THR B 593 -35.22 -4.91 -29.29
N GLN B 594 -34.94 -5.23 -30.55
CA GLN B 594 -33.70 -5.87 -30.92
C GLN B 594 -32.51 -5.19 -30.22
N ASP B 595 -32.31 -3.89 -30.45
CA ASP B 595 -31.17 -3.16 -29.85
C ASP B 595 -31.22 -3.15 -28.35
N HIS B 596 -32.40 -2.97 -27.78
CA HIS B 596 -32.56 -2.87 -26.31
C HIS B 596 -32.34 -4.25 -25.67
N VAL B 597 -32.89 -5.32 -26.21
CA VAL B 597 -32.65 -6.66 -25.64
C VAL B 597 -31.17 -7.08 -25.81
N ARG B 598 -30.59 -6.72 -26.95
CA ARG B 598 -29.22 -6.95 -27.27
C ARG B 598 -28.32 -6.25 -26.24
N SER B 599 -28.58 -4.96 -25.96
CA SER B 599 -27.80 -4.21 -24.99
C SER B 599 -27.79 -4.91 -23.68
N LEU B 600 -28.95 -5.46 -23.32
CA LEU B 600 -29.09 -6.16 -22.04
C LEU B 600 -28.28 -7.46 -22.03
N CYS B 601 -28.24 -8.21 -23.12
CA CYS B 601 -27.43 -9.42 -23.08
C CYS B 601 -25.99 -9.09 -22.69
N LEU B 602 -25.46 -8.00 -23.25
CA LEU B 602 -24.08 -7.57 -22.96
C LEU B 602 -23.88 -7.40 -21.48
N LEU B 603 -24.96 -7.29 -20.73
CA LEU B 603 -24.78 -7.14 -19.30
C LEU B 603 -25.04 -8.46 -18.63
N ALA B 604 -26.14 -9.09 -19.01
CA ALA B 604 -26.57 -10.34 -18.38
C ALA B 604 -25.58 -11.49 -18.46
N TRP B 605 -24.88 -11.65 -19.59
CA TRP B 605 -24.00 -12.84 -19.75
C TRP B 605 -22.93 -12.99 -18.65
N HIS B 606 -22.54 -11.89 -18.02
CA HIS B 606 -21.53 -12.01 -16.97
C HIS B 606 -22.07 -12.81 -15.78
N ASN B 607 -23.35 -13.18 -15.77
CA ASN B 607 -23.81 -14.00 -14.64
C ASN B 607 -23.53 -15.49 -14.90
N GLY B 608 -22.79 -15.81 -15.96
CA GLY B 608 -22.48 -17.20 -16.22
C GLY B 608 -23.36 -17.86 -17.24
N GLU B 609 -22.79 -18.84 -17.94
CA GLU B 609 -23.49 -19.54 -19.03
C GLU B 609 -24.81 -20.16 -18.60
N GLU B 610 -24.87 -20.75 -17.41
CA GLU B 610 -26.16 -21.39 -17.03
C GLU B 610 -27.27 -20.37 -16.85
N GLU B 611 -26.90 -19.22 -16.27
CA GLU B 611 -27.80 -18.08 -16.05
C GLU B 611 -28.23 -17.35 -17.32
N TYR B 612 -27.24 -17.09 -18.17
CA TYR B 612 -27.47 -16.38 -19.40
C TYR B 612 -28.36 -17.24 -20.29
N ASN B 613 -28.12 -18.55 -20.28
CA ASN B 613 -28.95 -19.42 -21.14
C ASN B 613 -30.44 -19.46 -20.71
N LYS B 614 -30.71 -19.27 -19.42
CA LYS B 614 -32.08 -19.25 -18.92
C LYS B 614 -32.73 -17.98 -19.37
N PHE B 615 -31.91 -16.92 -19.38
CA PHE B 615 -32.37 -15.60 -19.79
C PHE B 615 -32.76 -15.64 -21.25
N LEU B 616 -31.87 -16.12 -22.11
CA LEU B 616 -32.21 -16.22 -23.53
C LEU B 616 -33.47 -17.05 -23.68
N ALA B 617 -33.49 -18.18 -22.98
CA ALA B 617 -34.62 -19.09 -22.96
C ALA B 617 -35.94 -18.38 -22.61
N LYS B 618 -35.92 -17.50 -21.59
CA LYS B 618 -37.18 -16.79 -21.26
C LYS B 618 -37.52 -15.79 -22.36
N ILE B 619 -36.53 -15.04 -22.86
CA ILE B 619 -36.78 -14.07 -23.93
C ILE B 619 -37.42 -14.76 -25.12
N ARG B 620 -36.96 -15.97 -25.39
CA ARG B 620 -37.44 -16.75 -26.53
C ARG B 620 -38.73 -17.52 -26.23
N SER B 621 -39.27 -17.39 -25.03
CA SER B 621 -40.52 -18.12 -24.73
C SER B 621 -41.71 -17.50 -25.51
N VAL B 622 -41.58 -16.24 -25.92
CA VAL B 622 -42.62 -15.52 -26.69
C VAL B 622 -42.08 -15.16 -28.06
N PRO B 623 -42.95 -15.13 -29.07
CA PRO B 623 -42.68 -14.88 -30.51
C PRO B 623 -41.77 -13.69 -30.80
N ILE B 624 -42.01 -12.54 -30.19
CA ILE B 624 -41.17 -11.39 -30.47
C ILE B 624 -39.74 -11.63 -29.96
N GLY B 625 -39.61 -12.57 -29.02
CA GLY B 625 -38.33 -12.94 -28.43
C GLY B 625 -37.48 -13.86 -29.29
N ARG B 626 -38.11 -14.72 -30.10
CA ARG B 626 -37.29 -15.58 -30.96
C ARG B 626 -36.82 -14.81 -32.20
N ALA B 627 -37.72 -14.05 -32.83
CA ALA B 627 -37.32 -13.28 -33.99
C ALA B 627 -36.40 -12.14 -33.51
N LEU B 628 -35.40 -12.53 -32.75
CA LEU B 628 -34.42 -11.62 -32.24
C LEU B 628 -33.10 -12.31 -32.36
N ASP B 629 -32.19 -11.60 -33.01
CA ASP B 629 -30.85 -12.03 -33.25
C ASP B 629 -29.99 -11.64 -32.04
N LEU B 630 -29.93 -12.56 -31.08
CA LEU B 630 -29.16 -12.36 -29.84
C LEU B 630 -27.93 -13.26 -29.79
N PRO B 631 -26.84 -12.78 -29.23
CA PRO B 631 -25.57 -13.48 -29.17
C PRO B 631 -25.52 -14.67 -28.19
N GLU B 632 -24.88 -15.78 -28.60
CA GLU B 632 -24.76 -16.95 -27.69
C GLU B 632 -23.64 -16.71 -26.65
N TYR B 633 -23.67 -17.47 -25.56
CA TYR B 633 -22.68 -17.25 -24.47
C TYR B 633 -21.24 -17.22 -24.96
N SER B 634 -20.90 -18.19 -25.81
CA SER B 634 -19.54 -18.31 -26.37
C SER B 634 -19.23 -17.07 -27.20
N THR B 635 -20.06 -16.74 -28.20
CA THR B 635 -19.80 -15.56 -29.01
C THR B 635 -19.29 -14.43 -28.14
N LEU B 636 -20.04 -14.11 -27.08
CA LEU B 636 -19.69 -13.02 -26.14
C LEU B 636 -18.49 -13.29 -25.23
N TYR B 637 -18.31 -14.53 -24.81
CA TYR B 637 -17.20 -14.86 -23.92
C TYR B 637 -15.91 -14.79 -24.69
N ASP B 638 -15.92 -15.24 -25.93
CA ASP B 638 -14.72 -15.20 -26.75
C ASP B 638 -14.40 -13.75 -27.13
N ARG B 639 -15.44 -12.99 -27.42
CA ARG B 639 -15.22 -11.62 -27.81
C ARG B 639 -14.60 -10.89 -26.65
N TRP B 640 -14.85 -11.40 -25.44
CA TRP B 640 -14.36 -10.79 -24.21
C TRP B 640 -12.91 -11.13 -23.96
N LEU B 641 -12.53 -12.37 -24.23
CA LEU B 641 -11.15 -12.80 -23.98
C LEU B 641 -10.17 -12.04 -24.90
N ASP B 642 -10.64 -11.55 -26.04
CA ASP B 642 -9.74 -10.81 -26.92
C ASP B 642 -9.88 -9.31 -26.74
N SER B 643 -10.91 -8.88 -26.01
CA SER B 643 -11.14 -7.44 -25.82
C SER B 643 -10.09 -6.77 -24.94
N PHE B 644 -9.27 -7.58 -24.27
CA PHE B 644 -8.27 -6.99 -23.34
C PHE B 644 -7.01 -6.42 -24.04
#